data_5X9X
#
_entry.id   5X9X
#
loop_
_entity.id
_entity.type
_entity.pdbx_description
1 polymer 'Metabotropic GABA-B receptor subtype 1'
2 polymer 'Metabotropic GABA-B receptor subtype 2'
#
loop_
_entity_poly.entity_id
_entity_poly.type
_entity_poly.pdbx_seq_one_letter_code
_entity_poly.pdbx_strand_id
1 'polypeptide(L)' MDSKEDEERYQKLVTENEQLQRLITQKEEKIRVLRQRLVERGDA A
2 'polypeptide(L)' GPLGSSVSELEQRLRDVKNTNSRFRKALMEKENELQALIRKLGPE B
#
# COMPACT_ATOMS: atom_id res chain seq x y z
N MET A 1 21.77 -17.76 10.59
CA MET A 1 22.38 -18.79 9.72
C MET A 1 22.94 -18.16 8.46
N ASP A 2 22.07 -17.89 7.49
CA ASP A 2 22.50 -17.29 6.22
C ASP A 2 21.52 -16.20 5.79
N SER A 3 21.80 -15.57 4.66
CA SER A 3 20.93 -14.51 4.16
C SER A 3 19.55 -15.06 3.81
N LYS A 4 19.50 -16.35 3.46
CA LYS A 4 18.25 -17.01 3.05
C LYS A 4 17.12 -16.71 4.03
N GLU A 5 17.41 -16.82 5.32
CA GLU A 5 16.41 -16.61 6.36
C GLU A 5 15.72 -15.26 6.21
N ASP A 6 16.50 -14.22 5.98
CA ASP A 6 15.96 -12.88 5.85
C ASP A 6 15.49 -12.62 4.42
N GLU A 7 16.08 -13.33 3.47
CA GLU A 7 15.68 -13.21 2.08
C GLU A 7 14.29 -13.81 1.88
N GLU A 8 13.98 -14.85 2.63
CA GLU A 8 12.65 -15.44 2.63
C GLU A 8 11.65 -14.45 3.21
N ARG A 9 12.12 -13.63 4.16
CA ARG A 9 11.29 -12.57 4.72
C ARG A 9 11.10 -11.48 3.68
N TYR A 10 12.22 -11.16 3.03
CA TYR A 10 12.27 -10.15 2.00
C TYR A 10 11.29 -10.45 0.87
N GLN A 11 11.38 -11.64 0.31
CA GLN A 11 10.57 -12.00 -0.86
C GLN A 11 9.07 -11.99 -0.53
N LYS A 12 8.73 -12.24 0.73
CA LYS A 12 7.34 -12.17 1.15
C LYS A 12 6.88 -10.72 1.21
N LEU A 13 7.75 -9.86 1.73
CA LEU A 13 7.45 -8.45 1.88
C LEU A 13 7.36 -7.74 0.53
N VAL A 14 8.23 -8.10 -0.42
CA VAL A 14 8.12 -7.53 -1.76
C VAL A 14 6.82 -7.98 -2.40
N THR A 15 6.37 -9.17 -2.02
CA THR A 15 5.14 -9.73 -2.53
C THR A 15 3.94 -8.90 -2.04
N GLU A 16 3.99 -8.47 -0.79
CA GLU A 16 2.96 -7.59 -0.27
C GLU A 16 3.08 -6.21 -0.91
N ASN A 17 4.32 -5.81 -1.19
CA ASN A 17 4.57 -4.56 -1.92
C ASN A 17 3.80 -4.54 -3.24
N GLU A 18 3.75 -5.69 -3.92
CA GLU A 18 3.07 -5.78 -5.21
C GLU A 18 1.57 -5.52 -5.05
N GLN A 19 0.97 -6.23 -4.11
CA GLN A 19 -0.47 -6.14 -3.86
C GLN A 19 -0.87 -4.79 -3.30
N LEU A 20 -0.11 -4.30 -2.35
CA LEU A 20 -0.36 -2.99 -1.75
C LEU A 20 -0.43 -1.91 -2.82
N GLN A 21 0.59 -1.87 -3.69
CA GLN A 21 0.62 -0.91 -4.80
C GLN A 21 -0.60 -1.10 -5.71
N ARG A 22 -1.01 -2.34 -5.88
CA ARG A 22 -2.17 -2.67 -6.70
C ARG A 22 -3.41 -1.99 -6.13
N LEU A 23 -3.64 -2.22 -4.86
CA LEU A 23 -4.83 -1.73 -4.20
C LEU A 23 -4.81 -0.22 -4.06
N ILE A 24 -3.70 0.34 -3.59
CA ILE A 24 -3.58 1.80 -3.49
C ILE A 24 -3.99 2.45 -4.80
N THR A 25 -3.60 1.83 -5.91
CA THR A 25 -3.93 2.33 -7.23
C THR A 25 -5.42 2.16 -7.51
N GLN A 26 -5.92 0.96 -7.29
CA GLN A 26 -7.35 0.66 -7.45
C GLN A 26 -8.22 1.61 -6.62
N LYS A 27 -7.84 1.83 -5.36
CA LYS A 27 -8.60 2.73 -4.50
C LYS A 27 -8.52 4.15 -5.06
N GLU A 28 -7.30 4.61 -5.33
CA GLU A 28 -7.05 5.92 -5.90
C GLU A 28 -7.81 6.12 -7.22
N GLU A 29 -7.84 5.08 -8.04
CA GLU A 29 -8.57 5.11 -9.29
C GLU A 29 -10.06 5.30 -9.03
N LYS A 30 -10.58 4.50 -8.10
CA LYS A 30 -11.99 4.58 -7.72
C LYS A 30 -12.29 5.97 -7.17
N ILE A 31 -11.42 6.43 -6.28
CA ILE A 31 -11.52 7.76 -5.70
C ILE A 31 -11.62 8.82 -6.79
N ARG A 32 -10.86 8.64 -7.86
CA ARG A 32 -10.83 9.62 -8.94
C ARG A 32 -12.20 9.73 -9.60
N VAL A 33 -12.75 8.59 -10.00
CA VAL A 33 -14.00 8.57 -10.73
C VAL A 33 -15.16 8.89 -9.79
N LEU A 34 -15.02 8.47 -8.54
CA LEU A 34 -16.06 8.65 -7.55
C LEU A 34 -16.35 10.14 -7.30
N ARG A 35 -15.28 10.96 -7.28
CA ARG A 35 -15.44 12.40 -7.18
C ARG A 35 -16.27 12.93 -8.33
N GLN A 36 -15.89 12.54 -9.55
CA GLN A 36 -16.48 13.09 -10.76
C GLN A 36 -17.97 12.81 -10.83
N ARG A 37 -18.36 11.64 -10.34
CA ARG A 37 -19.76 11.25 -10.32
C ARG A 37 -20.58 12.11 -9.36
N LEU A 38 -20.00 12.43 -8.20
CA LEU A 38 -20.72 13.22 -7.21
C LEU A 38 -20.70 14.71 -7.54
N VAL A 39 -19.55 15.21 -8.00
CA VAL A 39 -19.37 16.65 -8.19
C VAL A 39 -20.35 17.25 -9.18
N GLU A 40 -20.50 16.59 -10.31
CA GLU A 40 -21.35 17.07 -11.40
C GLU A 40 -22.83 17.02 -11.01
N ARG A 41 -23.13 16.50 -9.84
CA ARG A 41 -24.50 16.47 -9.33
C ARG A 41 -24.60 17.31 -8.06
N GLY A 42 -23.65 17.11 -7.16
CA GLY A 42 -23.65 17.80 -5.88
C GLY A 42 -23.35 19.28 -5.99
N ASP A 43 -22.44 19.62 -6.89
CA ASP A 43 -22.03 21.01 -7.06
C ASP A 43 -22.41 21.52 -8.43
N ALA A 44 -22.18 20.68 -9.43
CA ALA A 44 -22.48 20.97 -10.83
C ALA A 44 -21.60 22.10 -11.36
N GLY B 1 23.03 -3.14 11.42
CA GLY B 1 22.09 -4.23 11.27
C GLY B 1 22.76 -5.55 10.94
N PRO B 2 23.07 -5.80 9.66
CA PRO B 2 23.67 -7.06 9.22
C PRO B 2 25.18 -7.11 9.43
N LEU B 3 25.60 -7.44 10.64
CA LEU B 3 27.03 -7.57 10.95
C LEU B 3 27.51 -8.98 10.63
N GLY B 4 26.57 -9.89 10.43
CA GLY B 4 26.90 -11.26 10.12
C GLY B 4 25.67 -12.08 9.81
N SER B 5 25.89 -13.32 9.38
CA SER B 5 24.81 -14.26 9.04
C SER B 5 24.13 -13.84 7.72
N SER B 6 23.44 -12.71 7.74
CA SER B 6 22.79 -12.20 6.55
C SER B 6 23.62 -11.09 5.91
N VAL B 7 23.81 -11.17 4.61
CA VAL B 7 24.62 -10.19 3.88
C VAL B 7 23.93 -8.82 3.90
N SER B 8 24.77 -7.79 3.94
CA SER B 8 24.30 -6.41 4.03
C SER B 8 23.40 -6.05 2.84
N GLU B 9 23.75 -6.55 1.67
CA GLU B 9 23.02 -6.24 0.44
C GLU B 9 21.56 -6.66 0.56
N LEU B 10 21.33 -7.79 1.22
CA LEU B 10 19.99 -8.31 1.36
C LEU B 10 19.21 -7.48 2.37
N GLU B 11 19.79 -7.26 3.53
CA GLU B 11 19.08 -6.62 4.63
C GLU B 11 18.81 -5.15 4.35
N GLN B 12 19.67 -4.49 3.58
CA GLN B 12 19.45 -3.08 3.25
C GLN B 12 18.23 -2.93 2.35
N ARG B 13 18.04 -3.89 1.44
CA ARG B 13 16.87 -3.90 0.57
C ARG B 13 15.64 -4.31 1.37
N LEU B 14 15.89 -5.14 2.38
CA LEU B 14 14.85 -5.62 3.28
C LEU B 14 14.32 -4.47 4.13
N ARG B 15 15.22 -3.68 4.70
CA ARG B 15 14.83 -2.48 5.45
C ARG B 15 14.00 -1.56 4.57
N ASP B 16 14.45 -1.38 3.34
CA ASP B 16 13.79 -0.52 2.39
C ASP B 16 12.37 -0.97 2.09
N VAL B 17 12.21 -2.25 1.77
CA VAL B 17 10.90 -2.77 1.40
C VAL B 17 9.96 -2.83 2.61
N LYS B 18 10.52 -3.00 3.81
CA LYS B 18 9.70 -2.98 5.02
C LYS B 18 9.15 -1.59 5.28
N ASN B 19 10.01 -0.60 5.14
CA ASN B 19 9.59 0.80 5.24
C ASN B 19 8.59 1.12 4.13
N THR B 20 8.77 0.48 3.00
CA THR B 20 7.84 0.59 1.89
C THR B 20 6.47 -0.01 2.24
N ASN B 21 6.47 -1.25 2.71
CA ASN B 21 5.23 -1.95 3.02
C ASN B 21 4.47 -1.27 4.15
N SER B 22 5.17 -0.85 5.19
CA SER B 22 4.54 -0.16 6.30
C SER B 22 3.87 1.14 5.81
N ARG B 23 4.61 1.91 5.01
CA ARG B 23 4.08 3.13 4.42
C ARG B 23 2.86 2.85 3.54
N PHE B 24 2.96 1.84 2.69
CA PHE B 24 1.89 1.49 1.77
C PHE B 24 0.65 1.01 2.53
N ARG B 25 0.86 0.25 3.60
CA ARG B 25 -0.25 -0.23 4.40
C ARG B 25 -0.92 0.92 5.15
N LYS B 26 -0.17 1.99 5.36
CA LYS B 26 -0.73 3.21 5.93
C LYS B 26 -1.57 3.94 4.88
N ALA B 27 -0.95 4.17 3.72
CA ALA B 27 -1.62 4.88 2.63
C ALA B 27 -2.91 4.20 2.24
N LEU B 28 -2.89 2.87 2.22
CA LEU B 28 -4.02 2.09 1.79
C LEU B 28 -5.23 2.29 2.70
N MET B 29 -4.99 2.38 4.01
CA MET B 29 -6.08 2.58 4.95
C MET B 29 -6.58 4.02 4.86
N GLU B 30 -5.68 4.92 4.47
CA GLU B 30 -6.03 6.32 4.30
C GLU B 30 -6.94 6.50 3.10
N LYS B 31 -6.58 5.84 2.00
CA LYS B 31 -7.34 5.94 0.76
C LYS B 31 -8.78 5.43 0.95
N GLU B 32 -8.97 4.58 1.95
CA GLU B 32 -10.32 4.13 2.29
C GLU B 32 -11.09 5.25 2.96
N ASN B 33 -10.37 6.12 3.66
CA ASN B 33 -10.96 7.28 4.30
C ASN B 33 -11.42 8.28 3.25
N GLU B 34 -10.60 8.46 2.22
CA GLU B 34 -10.97 9.31 1.10
C GLU B 34 -12.14 8.69 0.33
N LEU B 35 -12.15 7.36 0.28
CA LEU B 35 -13.21 6.63 -0.39
C LEU B 35 -14.55 6.91 0.27
N GLN B 36 -14.63 6.67 1.58
CA GLN B 36 -15.87 6.90 2.32
C GLN B 36 -16.24 8.37 2.33
N ALA B 37 -15.21 9.22 2.40
CA ALA B 37 -15.41 10.68 2.36
C ALA B 37 -16.21 11.08 1.13
N LEU B 38 -15.84 10.54 -0.02
CA LEU B 38 -16.55 10.82 -1.26
C LEU B 38 -17.96 10.30 -1.19
N ILE B 39 -18.15 9.10 -0.65
CA ILE B 39 -19.47 8.53 -0.47
C ILE B 39 -20.33 9.38 0.48
N ARG B 40 -19.70 9.99 1.48
CA ARG B 40 -20.38 10.92 2.36
C ARG B 40 -20.80 12.17 1.56
N LYS B 41 -20.11 12.39 0.45
CA LYS B 41 -20.43 13.47 -0.47
C LYS B 41 -21.44 13.00 -1.53
N LEU B 42 -21.61 11.67 -1.63
CA LEU B 42 -22.68 11.08 -2.42
C LEU B 42 -23.98 11.09 -1.61
N GLY B 43 -23.84 11.31 -0.32
CA GLY B 43 -24.97 11.35 0.61
C GLY B 43 -26.10 12.28 0.17
N PRO B 44 -25.81 13.56 -0.17
CA PRO B 44 -26.84 14.52 -0.62
C PRO B 44 -27.55 14.10 -1.92
N GLU B 45 -28.19 15.08 -2.56
CA GLU B 45 -29.00 14.84 -3.76
C GLU B 45 -28.19 14.13 -4.85
N MET A 1 24.39 -18.02 11.63
CA MET A 1 23.12 -17.59 10.98
C MET A 1 23.35 -17.28 9.52
N ASP A 2 22.30 -17.40 8.73
CA ASP A 2 22.36 -17.09 7.31
C ASP A 2 21.31 -16.05 6.96
N SER A 3 21.69 -15.10 6.12
CA SER A 3 20.75 -14.08 5.66
C SER A 3 19.79 -14.68 4.63
N LYS A 4 20.00 -15.96 4.33
CA LYS A 4 19.13 -16.69 3.41
C LYS A 4 17.74 -16.84 4.02
N GLU A 5 17.71 -17.02 5.34
CA GLU A 5 16.45 -17.09 6.07
C GLU A 5 15.70 -15.78 5.95
N ASP A 6 16.45 -14.68 6.03
CA ASP A 6 15.90 -13.35 5.93
C ASP A 6 15.44 -13.07 4.50
N GLU A 7 16.13 -13.67 3.54
CA GLU A 7 15.79 -13.53 2.13
C GLU A 7 14.41 -14.11 1.84
N GLU A 8 14.09 -15.22 2.52
CA GLU A 8 12.77 -15.81 2.42
C GLU A 8 11.71 -14.81 2.86
N ARG A 9 12.05 -14.02 3.88
CA ARG A 9 11.15 -12.99 4.37
C ARG A 9 11.04 -11.89 3.34
N TYR A 10 12.21 -11.45 2.89
CA TYR A 10 12.33 -10.35 1.95
C TYR A 10 11.46 -10.55 0.71
N GLN A 11 11.67 -11.66 0.02
CA GLN A 11 10.99 -11.88 -1.26
C GLN A 11 9.46 -11.95 -1.08
N LYS A 12 9.01 -12.38 0.09
CA LYS A 12 7.59 -12.44 0.36
C LYS A 12 7.03 -11.04 0.63
N LEU A 13 7.81 -10.24 1.34
CA LEU A 13 7.40 -8.87 1.66
C LEU A 13 7.29 -8.03 0.41
N VAL A 14 8.25 -8.14 -0.50
CA VAL A 14 8.19 -7.39 -1.76
C VAL A 14 6.94 -7.81 -2.54
N THR A 15 6.58 -9.08 -2.42
CA THR A 15 5.43 -9.62 -3.14
C THR A 15 4.12 -9.02 -2.63
N GLU A 16 3.97 -8.97 -1.32
CA GLU A 16 2.80 -8.34 -0.71
C GLU A 16 2.82 -6.85 -1.02
N ASN A 17 4.03 -6.30 -1.11
CA ASN A 17 4.21 -4.88 -1.39
C ASN A 17 3.70 -4.52 -2.78
N GLU A 18 3.84 -5.45 -3.73
CA GLU A 18 3.34 -5.24 -5.09
C GLU A 18 1.83 -5.03 -5.00
N GLN A 19 1.20 -5.92 -4.25
CA GLN A 19 -0.23 -5.92 -4.03
C GLN A 19 -0.70 -4.61 -3.40
N LEU A 20 -0.01 -4.20 -2.34
CA LEU A 20 -0.33 -2.97 -1.63
C LEU A 20 -0.42 -1.79 -2.61
N GLN A 21 0.62 -1.62 -3.41
CA GLN A 21 0.67 -0.55 -4.40
C GLN A 21 -0.46 -0.68 -5.41
N ARG A 22 -0.73 -1.92 -5.82
CA ARG A 22 -1.78 -2.19 -6.77
C ARG A 22 -3.15 -1.81 -6.20
N LEU A 23 -3.38 -2.16 -4.93
CA LEU A 23 -4.64 -1.81 -4.29
C LEU A 23 -4.77 -0.31 -4.14
N ILE A 24 -3.72 0.36 -3.67
CA ILE A 24 -3.72 1.82 -3.58
C ILE A 24 -4.15 2.43 -4.92
N THR A 25 -3.67 1.81 -5.99
CA THR A 25 -4.02 2.23 -7.34
C THR A 25 -5.51 2.03 -7.59
N GLN A 26 -6.00 0.84 -7.28
CA GLN A 26 -7.42 0.52 -7.38
C GLN A 26 -8.26 1.50 -6.55
N LYS A 27 -7.80 1.81 -5.34
CA LYS A 27 -8.51 2.75 -4.47
C LYS A 27 -8.47 4.14 -5.08
N GLU A 28 -7.27 4.58 -5.46
CA GLU A 28 -7.07 5.86 -6.14
C GLU A 28 -7.98 6.02 -7.35
N GLU A 29 -8.06 4.95 -8.14
CA GLU A 29 -8.95 4.91 -9.29
C GLU A 29 -10.39 5.16 -8.86
N LYS A 30 -10.84 4.40 -7.87
CA LYS A 30 -12.20 4.52 -7.37
C LYS A 30 -12.46 5.92 -6.82
N ILE A 31 -11.49 6.43 -6.06
CA ILE A 31 -11.55 7.78 -5.52
C ILE A 31 -11.79 8.80 -6.64
N ARG A 32 -11.13 8.58 -7.78
CA ARG A 32 -11.24 9.51 -8.90
C ARG A 32 -12.67 9.55 -9.42
N VAL A 33 -13.20 8.38 -9.72
CA VAL A 33 -14.52 8.29 -10.31
C VAL A 33 -15.60 8.70 -9.31
N LEU A 34 -15.37 8.40 -8.04
CA LEU A 34 -16.29 8.82 -6.99
C LEU A 34 -16.37 10.34 -6.92
N ARG A 35 -15.22 11.00 -7.03
CA ARG A 35 -15.17 12.45 -7.15
C ARG A 35 -16.04 12.90 -8.32
N GLN A 36 -15.81 12.29 -9.49
CA GLN A 36 -16.55 12.62 -10.71
C GLN A 36 -18.06 12.62 -10.49
N ARG A 37 -18.53 11.56 -9.84
CA ARG A 37 -19.96 11.38 -9.61
C ARG A 37 -20.55 12.49 -8.73
N LEU A 38 -19.80 12.94 -7.75
CA LEU A 38 -20.32 13.92 -6.80
C LEU A 38 -20.12 15.36 -7.30
N VAL A 39 -19.01 15.58 -8.00
CA VAL A 39 -18.63 16.94 -8.39
C VAL A 39 -19.64 17.60 -9.33
N GLU A 40 -19.92 16.95 -10.45
CA GLU A 40 -20.78 17.52 -11.48
C GLU A 40 -22.25 17.47 -11.08
N ARG A 41 -22.51 16.99 -9.87
CA ARG A 41 -23.86 16.91 -9.36
C ARG A 41 -23.98 17.72 -8.08
N GLY A 42 -22.85 18.23 -7.63
CA GLY A 42 -22.82 19.05 -6.45
C GLY A 42 -23.13 20.50 -6.76
N ASP A 43 -22.09 21.26 -7.03
CA ASP A 43 -22.23 22.67 -7.36
C ASP A 43 -21.98 22.90 -8.85
N ALA A 44 -20.81 22.47 -9.27
CA ALA A 44 -20.44 22.52 -10.67
C ALA A 44 -19.29 21.56 -10.93
N GLY B 1 32.57 -11.68 -4.12
CA GLY B 1 31.62 -10.74 -3.54
C GLY B 1 31.67 -10.77 -2.03
N PRO B 2 31.17 -9.73 -1.36
CA PRO B 2 31.12 -9.66 0.10
C PRO B 2 30.12 -10.67 0.70
N LEU B 3 30.49 -11.94 0.65
CA LEU B 3 29.64 -13.00 1.18
C LEU B 3 30.05 -13.35 2.60
N GLY B 4 29.35 -14.33 3.18
CA GLY B 4 29.64 -14.73 4.55
C GLY B 4 28.42 -15.34 5.20
N SER B 5 28.23 -15.06 6.48
CA SER B 5 27.06 -15.54 7.19
C SER B 5 25.82 -14.78 6.74
N SER B 6 25.90 -13.47 6.82
CA SER B 6 24.80 -12.61 6.40
C SER B 6 25.30 -11.56 5.42
N VAL B 7 24.62 -11.45 4.29
CA VAL B 7 24.98 -10.47 3.30
C VAL B 7 24.17 -9.18 3.50
N SER B 8 24.86 -8.06 3.43
CA SER B 8 24.28 -6.78 3.81
C SER B 8 23.29 -6.28 2.76
N GLU B 9 23.57 -6.57 1.49
CA GLU B 9 22.72 -6.08 0.40
C GLU B 9 21.31 -6.66 0.51
N LEU B 10 21.19 -7.83 1.13
CA LEU B 10 19.89 -8.44 1.33
C LEU B 10 19.12 -7.68 2.41
N GLU B 11 19.75 -7.50 3.56
CA GLU B 11 19.08 -6.92 4.70
C GLU B 11 18.79 -5.44 4.51
N GLN B 12 19.66 -4.73 3.80
CA GLN B 12 19.44 -3.31 3.53
C GLN B 12 18.18 -3.12 2.69
N ARG B 13 17.95 -4.05 1.76
CA ARG B 13 16.75 -4.03 0.93
C ARG B 13 15.56 -4.48 1.75
N LEU B 14 15.82 -5.39 2.68
CA LEU B 14 14.78 -5.96 3.53
C LEU B 14 14.21 -4.90 4.46
N ARG B 15 15.07 -4.20 5.19
CA ARG B 15 14.63 -3.13 6.07
C ARG B 15 13.96 -2.05 5.26
N ASP B 16 14.54 -1.79 4.11
CA ASP B 16 14.03 -0.79 3.18
C ASP B 16 12.60 -1.14 2.76
N VAL B 17 12.39 -2.39 2.35
CA VAL B 17 11.08 -2.79 1.86
C VAL B 17 10.06 -2.90 2.99
N LYS B 18 10.50 -3.25 4.20
CA LYS B 18 9.58 -3.33 5.34
C LYS B 18 9.04 -1.97 5.68
N ASN B 19 9.92 -0.98 5.70
CA ASN B 19 9.52 0.41 5.86
C ASN B 19 8.61 0.83 4.71
N THR B 20 8.95 0.35 3.53
CA THR B 20 8.13 0.54 2.33
C THR B 20 6.72 -0.05 2.51
N ASN B 21 6.68 -1.31 2.98
CA ASN B 21 5.41 -2.03 3.14
C ASN B 21 4.47 -1.27 4.05
N SER B 22 4.96 -0.87 5.22
CA SER B 22 4.15 -0.17 6.19
C SER B 22 3.60 1.13 5.61
N ARG B 23 4.42 1.84 4.85
CA ARG B 23 4.00 3.09 4.23
C ARG B 23 2.81 2.88 3.29
N PHE B 24 2.88 1.85 2.45
CA PHE B 24 1.77 1.55 1.54
C PHE B 24 0.56 1.06 2.31
N ARG B 25 0.79 0.36 3.41
CA ARG B 25 -0.31 -0.08 4.26
C ARG B 25 -1.00 1.12 4.90
N LYS B 26 -0.22 2.16 5.19
CA LYS B 26 -0.77 3.40 5.71
C LYS B 26 -1.54 4.13 4.61
N ALA B 27 -0.95 4.14 3.41
CA ALA B 27 -1.57 4.78 2.26
C ALA B 27 -2.91 4.13 1.93
N LEU B 28 -2.99 2.83 2.16
CA LEU B 28 -4.21 2.06 1.93
C LEU B 28 -5.36 2.65 2.76
N MET B 29 -5.12 2.85 4.05
CA MET B 29 -6.15 3.35 4.95
C MET B 29 -6.49 4.79 4.63
N GLU B 30 -5.52 5.53 4.11
CA GLU B 30 -5.74 6.92 3.72
C GLU B 30 -6.72 6.96 2.54
N LYS B 31 -6.45 6.14 1.55
CA LYS B 31 -7.32 6.02 0.39
C LYS B 31 -8.70 5.50 0.76
N GLU B 32 -8.77 4.65 1.79
CA GLU B 32 -10.03 4.13 2.24
C GLU B 32 -10.83 5.24 2.92
N ASN B 33 -10.10 6.17 3.55
CA ASN B 33 -10.72 7.34 4.17
C ASN B 33 -11.27 8.25 3.09
N GLU B 34 -10.45 8.51 2.08
CA GLU B 34 -10.86 9.29 0.92
C GLU B 34 -12.07 8.65 0.26
N LEU B 35 -12.03 7.33 0.18
CA LEU B 35 -13.12 6.53 -0.38
C LEU B 35 -14.45 6.85 0.29
N GLN B 36 -14.52 6.63 1.60
CA GLN B 36 -15.75 6.84 2.35
C GLN B 36 -16.12 8.32 2.41
N ALA B 37 -15.10 9.17 2.55
CA ALA B 37 -15.32 10.62 2.57
C ALA B 37 -16.09 11.05 1.33
N LEU B 38 -15.66 10.57 0.18
CA LEU B 38 -16.34 10.86 -1.08
C LEU B 38 -17.76 10.31 -1.06
N ILE B 39 -17.92 9.09 -0.60
CA ILE B 39 -19.24 8.47 -0.51
C ILE B 39 -20.18 9.28 0.39
N ARG B 40 -19.63 9.83 1.47
CA ARG B 40 -20.39 10.71 2.35
C ARG B 40 -20.80 11.98 1.59
N LYS B 41 -20.01 12.33 0.58
CA LYS B 41 -20.30 13.47 -0.28
C LYS B 41 -21.24 13.05 -1.42
N LEU B 42 -21.15 11.78 -1.82
CA LEU B 42 -22.06 11.21 -2.81
C LEU B 42 -23.49 11.27 -2.32
N GLY B 43 -23.71 10.69 -1.15
CA GLY B 43 -25.02 10.63 -0.58
C GLY B 43 -25.17 9.43 0.33
N PRO B 44 -24.91 9.59 1.64
CA PRO B 44 -25.10 8.54 2.62
C PRO B 44 -26.56 8.37 2.99
N GLU B 45 -26.81 7.90 4.20
CA GLU B 45 -28.16 7.76 4.70
C GLU B 45 -28.67 9.09 5.22
N MET A 1 23.78 -21.77 5.15
CA MET A 1 23.29 -20.48 4.63
C MET A 1 23.19 -19.47 5.76
N ASP A 2 23.67 -18.25 5.51
CA ASP A 2 23.66 -17.22 6.54
C ASP A 2 22.60 -16.15 6.25
N SER A 3 22.83 -15.37 5.20
CA SER A 3 22.01 -14.19 4.93
C SER A 3 20.86 -14.51 3.97
N LYS A 4 20.76 -15.77 3.55
CA LYS A 4 19.72 -16.15 2.60
C LYS A 4 18.33 -16.12 3.26
N GLU A 5 18.30 -16.22 4.58
CA GLU A 5 17.04 -16.08 5.31
C GLU A 5 16.43 -14.72 5.05
N ASP A 6 17.25 -13.69 5.20
CA ASP A 6 16.83 -12.32 4.93
C ASP A 6 16.41 -12.16 3.48
N GLU A 7 17.12 -12.85 2.60
CA GLU A 7 16.78 -12.86 1.18
C GLU A 7 15.38 -13.46 0.96
N GLU A 8 15.12 -14.58 1.64
CA GLU A 8 13.81 -15.21 1.57
C GLU A 8 12.74 -14.31 2.17
N ARG A 9 13.13 -13.49 3.14
CA ARG A 9 12.20 -12.56 3.77
C ARG A 9 11.91 -11.41 2.83
N TYR A 10 12.93 -11.03 2.07
CA TYR A 10 12.83 -9.95 1.12
C TYR A 10 11.76 -10.27 0.06
N GLN A 11 11.84 -11.47 -0.51
CA GLN A 11 10.93 -11.90 -1.56
C GLN A 11 9.48 -11.77 -1.10
N LYS A 12 9.25 -12.15 0.14
CA LYS A 12 7.92 -12.11 0.71
C LYS A 12 7.41 -10.67 0.85
N LEU A 13 8.22 -9.81 1.45
CA LEU A 13 7.83 -8.42 1.69
C LEU A 13 7.61 -7.66 0.39
N VAL A 14 8.45 -7.87 -0.63
CA VAL A 14 8.24 -7.21 -1.91
C VAL A 14 6.92 -7.66 -2.52
N THR A 15 6.59 -8.92 -2.28
CA THR A 15 5.36 -9.49 -2.78
C THR A 15 4.13 -8.80 -2.19
N GLU A 16 4.21 -8.46 -0.91
CA GLU A 16 3.15 -7.73 -0.26
C GLU A 16 3.07 -6.32 -0.83
N ASN A 17 4.24 -5.77 -1.13
CA ASN A 17 4.35 -4.46 -1.77
C ASN A 17 3.58 -4.44 -3.09
N GLU A 18 3.63 -5.55 -3.82
CA GLU A 18 2.93 -5.67 -5.09
C GLU A 18 1.43 -5.54 -4.85
N GLN A 19 0.97 -6.26 -3.84
CA GLN A 19 -0.44 -6.31 -3.49
C GLN A 19 -0.94 -4.98 -2.95
N LEU A 20 -0.20 -4.41 -2.00
CA LEU A 20 -0.55 -3.14 -1.40
C LEU A 20 -0.77 -2.07 -2.46
N GLN A 21 0.25 -1.86 -3.29
CA GLN A 21 0.17 -0.85 -4.34
C GLN A 21 -0.91 -1.18 -5.37
N ARG A 22 -1.15 -2.48 -5.57
CA ARG A 22 -2.21 -2.93 -6.46
C ARG A 22 -3.53 -2.34 -6.04
N LEU A 23 -3.80 -2.41 -4.75
CA LEU A 23 -5.05 -1.95 -4.20
C LEU A 23 -5.07 -0.45 -4.04
N ILE A 24 -3.98 0.14 -3.55
CA ILE A 24 -3.89 1.60 -3.47
C ILE A 24 -4.28 2.21 -4.80
N THR A 25 -3.81 1.59 -5.88
CA THR A 25 -4.11 2.03 -7.23
C THR A 25 -5.61 1.95 -7.52
N GLN A 26 -6.22 0.80 -7.21
CA GLN A 26 -7.65 0.60 -7.47
C GLN A 26 -8.49 1.55 -6.63
N LYS A 27 -8.09 1.76 -5.38
CA LYS A 27 -8.77 2.69 -4.50
C LYS A 27 -8.63 4.10 -5.08
N GLU A 28 -7.39 4.46 -5.41
CA GLU A 28 -7.07 5.75 -6.01
C GLU A 28 -7.85 5.96 -7.31
N GLU A 29 -7.95 4.92 -8.12
CA GLU A 29 -8.68 5.00 -9.38
C GLU A 29 -10.14 5.33 -9.11
N LYS A 30 -10.72 4.64 -8.13
CA LYS A 30 -12.10 4.89 -7.75
C LYS A 30 -12.25 6.29 -7.17
N ILE A 31 -11.31 6.66 -6.31
CA ILE A 31 -11.30 8.00 -5.71
C ILE A 31 -11.35 9.09 -6.79
N ARG A 32 -10.65 8.85 -7.89
CA ARG A 32 -10.57 9.82 -8.97
C ARG A 32 -11.96 10.07 -9.56
N VAL A 33 -12.63 8.99 -9.96
CA VAL A 33 -13.93 9.11 -10.61
C VAL A 33 -15.01 9.46 -9.59
N LEU A 34 -14.79 9.02 -8.36
CA LEU A 34 -15.73 9.27 -7.28
C LEU A 34 -15.85 10.77 -7.00
N ARG A 35 -14.69 11.44 -6.91
CA ARG A 35 -14.65 12.90 -6.77
C ARG A 35 -15.49 13.58 -7.82
N GLN A 36 -15.34 13.13 -9.07
CA GLN A 36 -16.02 13.74 -10.21
C GLN A 36 -17.53 13.69 -10.05
N ARG A 37 -18.01 12.67 -9.36
CA ARG A 37 -19.45 12.50 -9.16
C ARG A 37 -20.01 13.56 -8.22
N LEU A 38 -19.34 13.79 -7.11
CA LEU A 38 -19.88 14.68 -6.08
C LEU A 38 -19.63 16.14 -6.41
N VAL A 39 -18.52 16.44 -7.08
CA VAL A 39 -18.18 17.82 -7.41
C VAL A 39 -19.25 18.46 -8.29
N GLU A 40 -19.66 17.74 -9.30
CA GLU A 40 -20.64 18.22 -10.27
C GLU A 40 -22.04 18.32 -9.66
N ARG A 41 -22.21 17.76 -8.47
CA ARG A 41 -23.48 17.83 -7.77
C ARG A 41 -23.40 18.88 -6.68
N GLY A 42 -22.28 18.89 -5.98
CA GLY A 42 -22.05 19.85 -4.94
C GLY A 42 -21.68 21.21 -5.49
N ASP A 43 -20.39 21.48 -5.49
CA ASP A 43 -19.87 22.77 -5.94
C ASP A 43 -18.35 22.72 -5.95
N ALA A 44 -17.81 21.62 -6.50
CA ALA A 44 -16.37 21.38 -6.53
C ALA A 44 -15.74 21.54 -5.15
N GLY B 1 25.71 -0.88 22.66
CA GLY B 1 26.49 -1.72 21.78
C GLY B 1 26.41 -1.24 20.35
N PRO B 2 27.41 -0.48 19.87
CA PRO B 2 27.44 0.05 18.50
C PRO B 2 27.77 -1.03 17.47
N LEU B 3 26.97 -2.09 17.46
CA LEU B 3 27.19 -3.21 16.57
C LEU B 3 26.14 -3.26 15.48
N GLY B 4 26.56 -3.65 14.29
CA GLY B 4 25.66 -3.80 13.18
C GLY B 4 26.04 -4.96 12.30
N SER B 5 27.00 -4.71 11.41
CA SER B 5 27.54 -5.73 10.51
C SER B 5 26.44 -6.28 9.61
N SER B 6 25.52 -5.42 9.24
CA SER B 6 24.44 -5.79 8.34
C SER B 6 24.98 -6.05 6.94
N VAL B 7 24.35 -6.95 6.20
CA VAL B 7 24.78 -7.22 4.85
C VAL B 7 24.37 -6.06 3.94
N SER B 8 25.30 -5.60 3.13
CA SER B 8 25.21 -4.29 2.49
C SER B 8 24.02 -4.16 1.54
N GLU B 9 23.99 -4.97 0.49
CA GLU B 9 23.00 -4.81 -0.57
C GLU B 9 21.65 -5.41 -0.20
N LEU B 10 21.67 -6.60 0.38
CA LEU B 10 20.44 -7.30 0.71
C LEU B 10 19.61 -6.49 1.72
N GLU B 11 20.20 -6.17 2.87
CA GLU B 11 19.45 -5.55 3.94
C GLU B 11 19.07 -4.11 3.62
N GLN B 12 19.88 -3.42 2.81
CA GLN B 12 19.60 -2.03 2.46
C GLN B 12 18.30 -1.96 1.65
N ARG B 13 18.02 -3.01 0.89
CA ARG B 13 16.82 -3.08 0.08
C ARG B 13 15.69 -3.68 0.91
N LEU B 14 16.05 -4.58 1.80
CA LEU B 14 15.09 -5.25 2.67
C LEU B 14 14.47 -4.27 3.66
N ARG B 15 15.31 -3.57 4.41
CA ARG B 15 14.82 -2.59 5.37
C ARG B 15 14.06 -1.51 4.64
N ASP B 16 14.55 -1.21 3.46
CA ASP B 16 13.90 -0.27 2.56
C ASP B 16 12.47 -0.71 2.26
N VAL B 17 12.32 -1.92 1.75
CA VAL B 17 11.00 -2.42 1.36
C VAL B 17 10.12 -2.65 2.59
N LYS B 18 10.74 -2.95 3.73
CA LYS B 18 10.01 -3.13 4.98
C LYS B 18 9.28 -1.85 5.36
N ASN B 19 10.02 -0.75 5.45
CA ASN B 19 9.43 0.55 5.72
C ASN B 19 8.46 0.92 4.60
N THR B 20 8.85 0.59 3.38
CA THR B 20 8.01 0.79 2.21
C THR B 20 6.62 0.16 2.39
N ASN B 21 6.60 -1.10 2.81
CA ASN B 21 5.33 -1.82 3.01
C ASN B 21 4.51 -1.19 4.10
N SER B 22 5.17 -0.71 5.15
CA SER B 22 4.49 -0.01 6.23
C SER B 22 3.78 1.23 5.69
N ARG B 23 4.47 1.95 4.82
CA ARG B 23 3.95 3.18 4.24
C ARG B 23 2.75 2.91 3.34
N PHE B 24 2.82 1.83 2.57
CA PHE B 24 1.72 1.47 1.66
C PHE B 24 0.53 0.93 2.44
N ARG B 25 0.78 0.20 3.53
CA ARG B 25 -0.30 -0.26 4.38
C ARG B 25 -1.04 0.92 4.99
N LYS B 26 -0.28 1.96 5.32
CA LYS B 26 -0.85 3.20 5.84
C LYS B 26 -1.61 3.93 4.75
N ALA B 27 -1.00 4.00 3.57
CA ALA B 27 -1.63 4.65 2.42
C ALA B 27 -2.94 3.98 2.07
N LEU B 28 -2.93 2.66 2.08
CA LEU B 28 -4.09 1.88 1.66
C LEU B 28 -5.30 2.16 2.53
N MET B 29 -5.08 2.34 3.83
CA MET B 29 -6.19 2.65 4.73
C MET B 29 -6.59 4.11 4.56
N GLU B 30 -5.62 4.97 4.23
CA GLU B 30 -5.90 6.37 3.97
C GLU B 30 -6.75 6.55 2.72
N LYS B 31 -6.44 5.76 1.69
CA LYS B 31 -7.22 5.77 0.46
C LYS B 31 -8.67 5.37 0.73
N GLU B 32 -8.83 4.46 1.69
CA GLU B 32 -10.13 3.99 2.08
C GLU B 32 -10.89 5.08 2.82
N ASN B 33 -10.15 5.93 3.52
CA ASN B 33 -10.75 7.04 4.25
C ASN B 33 -11.31 8.06 3.26
N GLU B 34 -10.50 8.43 2.28
CA GLU B 34 -10.93 9.35 1.24
C GLU B 34 -12.09 8.76 0.46
N LEU B 35 -12.03 7.46 0.24
CA LEU B 35 -13.07 6.73 -0.49
C LEU B 35 -14.44 6.98 0.15
N GLN B 36 -14.54 6.72 1.44
CA GLN B 36 -15.79 6.91 2.15
C GLN B 36 -16.10 8.40 2.31
N ALA B 37 -15.06 9.19 2.55
CA ALA B 37 -15.20 10.63 2.70
C ALA B 37 -15.90 11.23 1.50
N LEU B 38 -15.48 10.81 0.31
CA LEU B 38 -16.11 11.24 -0.94
C LEU B 38 -17.57 10.83 -0.98
N ILE B 39 -17.85 9.59 -0.59
CA ILE B 39 -19.23 9.08 -0.54
C ILE B 39 -20.08 9.89 0.44
N ARG B 40 -19.48 10.35 1.52
CA ARG B 40 -20.19 11.18 2.48
C ARG B 40 -20.36 12.60 1.92
N LYS B 41 -19.51 12.96 0.97
CA LYS B 41 -19.57 14.26 0.32
C LYS B 41 -20.46 14.19 -0.92
N LEU B 42 -20.62 12.97 -1.44
CA LEU B 42 -21.53 12.68 -2.55
C LEU B 42 -22.88 13.32 -2.30
N GLY B 43 -23.40 13.09 -1.11
CA GLY B 43 -24.68 13.63 -0.74
C GLY B 43 -25.78 12.62 -0.96
N PRO B 44 -26.11 11.83 0.07
CA PRO B 44 -27.14 10.79 -0.05
C PRO B 44 -28.55 11.37 -0.18
N GLU B 45 -29.52 10.51 0.02
CA GLU B 45 -30.92 10.91 -0.03
C GLU B 45 -31.24 11.87 1.09
N MET A 1 17.49 -20.96 13.05
CA MET A 1 18.11 -21.94 12.13
C MET A 1 17.69 -21.64 10.69
N ASP A 2 18.59 -21.93 9.76
CA ASP A 2 18.34 -21.72 8.32
C ASP A 2 18.21 -20.23 7.99
N SER A 3 19.21 -19.70 7.31
CA SER A 3 19.24 -18.29 6.96
C SER A 3 18.25 -18.00 5.84
N LYS A 4 17.76 -19.05 5.19
CA LYS A 4 16.80 -18.89 4.12
C LYS A 4 15.44 -18.53 4.69
N GLU A 5 15.18 -18.95 5.93
CA GLU A 5 13.92 -18.67 6.60
C GLU A 5 13.68 -17.16 6.74
N ASP A 6 14.75 -16.41 6.93
CA ASP A 6 14.65 -14.96 7.02
C ASP A 6 14.35 -14.37 5.64
N GLU A 7 14.92 -15.00 4.62
CA GLU A 7 14.70 -14.58 3.25
C GLU A 7 13.28 -14.88 2.81
N GLU A 8 12.75 -16.00 3.30
CA GLU A 8 11.37 -16.36 3.01
C GLU A 8 10.41 -15.33 3.59
N ARG A 9 10.82 -14.69 4.67
CA ARG A 9 10.04 -13.61 5.27
C ARG A 9 10.17 -12.37 4.40
N TYR A 10 11.37 -12.14 3.91
CA TYR A 10 11.66 -11.01 3.04
C TYR A 10 10.77 -11.04 1.79
N GLN A 11 10.76 -12.18 1.12
CA GLN A 11 10.03 -12.31 -0.14
C GLN A 11 8.52 -12.14 0.06
N LYS A 12 8.03 -12.42 1.26
CA LYS A 12 6.61 -12.26 1.54
C LYS A 12 6.22 -10.78 1.50
N LEU A 13 6.94 -9.98 2.27
CA LEU A 13 6.76 -8.55 2.29
C LEU A 13 6.78 -7.92 0.90
N VAL A 14 7.80 -8.24 0.11
CA VAL A 14 7.89 -7.69 -1.25
C VAL A 14 6.63 -8.04 -2.05
N THR A 15 6.08 -9.22 -1.81
CA THR A 15 4.87 -9.66 -2.49
C THR A 15 3.69 -8.78 -2.10
N GLU A 16 3.56 -8.53 -0.81
CA GLU A 16 2.51 -7.66 -0.30
C GLU A 16 2.70 -6.26 -0.86
N ASN A 17 3.96 -5.86 -0.98
CA ASN A 17 4.31 -4.55 -1.53
C ASN A 17 3.78 -4.40 -2.95
N GLU A 18 3.80 -5.48 -3.73
CA GLU A 18 3.29 -5.44 -5.08
C GLU A 18 1.80 -5.14 -5.04
N GLN A 19 1.12 -5.89 -4.19
CA GLN A 19 -0.32 -5.78 -4.03
C GLN A 19 -0.74 -4.40 -3.56
N LEU A 20 -0.09 -3.90 -2.52
CA LEU A 20 -0.40 -2.59 -1.94
C LEU A 20 -0.42 -1.51 -3.03
N GLN A 21 0.66 -1.44 -3.79
CA GLN A 21 0.79 -0.46 -4.87
C GLN A 21 -0.37 -0.59 -5.86
N ARG A 22 -0.72 -1.82 -6.18
CA ARG A 22 -1.78 -2.09 -7.12
C ARG A 22 -3.13 -1.67 -6.57
N LEU A 23 -3.37 -1.97 -5.30
CA LEU A 23 -4.63 -1.60 -4.66
C LEU A 23 -4.76 -0.10 -4.58
N ILE A 24 -3.68 0.58 -4.18
CA ILE A 24 -3.69 2.02 -4.10
C ILE A 24 -4.21 2.63 -5.41
N THR A 25 -3.75 2.07 -6.53
CA THR A 25 -4.13 2.57 -7.85
C THR A 25 -5.60 2.27 -8.14
N GLN A 26 -6.00 1.03 -7.93
CA GLN A 26 -7.38 0.61 -8.12
C GLN A 26 -8.35 1.43 -7.26
N LYS A 27 -7.93 1.71 -6.03
CA LYS A 27 -8.77 2.47 -5.11
C LYS A 27 -8.75 3.95 -5.46
N GLU A 28 -7.57 4.46 -5.84
CA GLU A 28 -7.43 5.81 -6.36
C GLU A 28 -8.25 5.99 -7.62
N GLU A 29 -8.37 4.94 -8.41
CA GLU A 29 -9.22 4.91 -9.57
C GLU A 29 -10.66 5.21 -9.18
N LYS A 30 -11.15 4.47 -8.19
CA LYS A 30 -12.49 4.66 -7.70
C LYS A 30 -12.66 6.05 -7.12
N ILE A 31 -11.68 6.46 -6.32
CA ILE A 31 -11.68 7.79 -5.71
C ILE A 31 -11.78 8.88 -6.78
N ARG A 32 -11.13 8.64 -7.92
CA ARG A 32 -11.15 9.59 -9.01
C ARG A 32 -12.56 9.78 -9.54
N VAL A 33 -13.22 8.67 -9.84
CA VAL A 33 -14.53 8.71 -10.46
C VAL A 33 -15.61 9.03 -9.43
N LEU A 34 -15.40 8.59 -8.20
CA LEU A 34 -16.36 8.80 -7.13
C LEU A 34 -16.57 10.29 -6.91
N ARG A 35 -15.47 11.05 -6.84
CA ARG A 35 -15.55 12.50 -6.77
C ARG A 35 -16.41 13.06 -7.88
N GLN A 36 -16.14 12.61 -9.10
CA GLN A 36 -16.85 13.08 -10.29
C GLN A 36 -18.36 12.86 -10.17
N ARG A 37 -18.74 11.73 -9.62
CA ARG A 37 -20.14 11.40 -9.45
C ARG A 37 -20.83 12.35 -8.47
N LEU A 38 -20.14 12.72 -7.40
CA LEU A 38 -20.75 13.55 -6.38
C LEU A 38 -20.63 15.04 -6.68
N VAL A 39 -19.58 15.45 -7.39
CA VAL A 39 -19.39 16.87 -7.71
C VAL A 39 -20.49 17.39 -8.61
N GLU A 40 -20.76 16.66 -9.69
CA GLU A 40 -21.74 17.07 -10.68
C GLU A 40 -23.15 17.07 -10.13
N ARG A 41 -23.36 16.38 -9.02
CA ARG A 41 -24.67 16.32 -8.39
C ARG A 41 -24.75 17.29 -7.22
N GLY A 42 -23.60 17.59 -6.64
CA GLY A 42 -23.55 18.46 -5.47
C GLY A 42 -23.36 19.91 -5.84
N ASP A 43 -22.80 20.13 -7.03
CA ASP A 43 -22.47 21.47 -7.54
C ASP A 43 -21.28 22.05 -6.81
N ALA A 44 -21.38 22.05 -5.50
CA ALA A 44 -20.32 22.53 -4.63
C ALA A 44 -19.74 21.37 -3.83
N GLY B 1 22.09 1.51 19.65
CA GLY B 1 22.73 0.34 20.18
C GLY B 1 23.64 -0.31 19.16
N PRO B 2 24.52 -1.24 19.59
CA PRO B 2 25.42 -1.94 18.68
C PRO B 2 24.68 -2.90 17.76
N LEU B 3 24.43 -2.46 16.54
CA LEU B 3 23.66 -3.25 15.59
C LEU B 3 24.44 -4.48 15.15
N GLY B 4 24.00 -5.64 15.62
CA GLY B 4 24.59 -6.89 15.19
C GLY B 4 23.58 -7.76 14.48
N SER B 5 23.78 -7.95 13.19
CA SER B 5 22.84 -8.71 12.39
C SER B 5 23.56 -9.59 11.36
N SER B 6 23.44 -10.90 11.53
CA SER B 6 24.01 -11.86 10.59
C SER B 6 23.29 -11.75 9.25
N VAL B 7 23.92 -12.27 8.18
CA VAL B 7 23.43 -12.16 6.80
C VAL B 7 22.84 -10.75 6.56
N SER B 8 23.62 -9.77 6.98
CA SER B 8 23.26 -8.37 6.94
C SER B 8 22.62 -7.94 5.62
N GLU B 9 23.16 -8.42 4.50
CA GLU B 9 22.66 -8.03 3.18
C GLU B 9 21.19 -8.38 3.03
N LEU B 10 20.79 -9.52 3.59
CA LEU B 10 19.41 -9.96 3.53
C LEU B 10 18.55 -9.11 4.46
N GLU B 11 19.00 -8.95 5.70
CA GLU B 11 18.20 -8.28 6.72
C GLU B 11 18.09 -6.77 6.46
N GLN B 12 19.12 -6.18 5.83
CA GLN B 12 19.07 -4.76 5.53
C GLN B 12 18.00 -4.47 4.48
N ARG B 13 17.83 -5.40 3.56
CA ARG B 13 16.81 -5.30 2.54
C ARG B 13 15.46 -5.65 3.14
N LEU B 14 15.48 -6.58 4.09
CA LEU B 14 14.30 -6.95 4.84
C LEU B 14 13.74 -5.73 5.56
N ARG B 15 14.60 -5.06 6.33
CA ARG B 15 14.21 -3.82 7.01
C ARG B 15 13.77 -2.78 5.99
N ASP B 16 14.50 -2.74 4.88
CA ASP B 16 14.22 -1.78 3.81
C ASP B 16 12.80 -1.94 3.28
N VAL B 17 12.45 -3.16 2.89
CA VAL B 17 11.12 -3.41 2.34
C VAL B 17 10.06 -3.34 3.43
N LYS B 18 10.47 -3.56 4.68
CA LYS B 18 9.57 -3.36 5.82
C LYS B 18 9.19 -1.90 5.93
N ASN B 19 10.19 -1.03 5.83
CA ASN B 19 9.96 0.41 5.78
C ASN B 19 9.01 0.73 4.63
N THR B 20 9.32 0.16 3.47
CA THR B 20 8.50 0.27 2.27
C THR B 20 7.04 -0.10 2.58
N ASN B 21 6.83 -1.33 3.03
CA ASN B 21 5.49 -1.84 3.27
C ASN B 21 4.76 -1.05 4.34
N SER B 22 5.51 -0.56 5.34
CA SER B 22 4.94 0.27 6.38
C SER B 22 4.31 1.53 5.77
N ARG B 23 5.00 2.12 4.81
CA ARG B 23 4.53 3.34 4.16
C ARG B 23 3.29 3.06 3.31
N PHE B 24 3.29 1.94 2.60
CA PHE B 24 2.20 1.60 1.69
C PHE B 24 0.94 1.17 2.43
N ARG B 25 1.09 0.38 3.50
CA ARG B 25 -0.07 -0.08 4.25
C ARG B 25 -0.76 1.08 4.96
N LYS B 26 -0.02 2.16 5.17
CA LYS B 26 -0.60 3.39 5.70
C LYS B 26 -1.32 4.14 4.58
N ALA B 27 -0.70 4.17 3.41
CA ALA B 27 -1.30 4.82 2.25
C ALA B 27 -2.59 4.09 1.85
N LEU B 28 -2.59 2.77 2.02
CA LEU B 28 -3.75 1.94 1.70
C LEU B 28 -4.95 2.39 2.53
N MET B 29 -4.78 2.41 3.84
CA MET B 29 -5.88 2.77 4.75
C MET B 29 -6.32 4.22 4.53
N GLU B 30 -5.39 5.07 4.13
CA GLU B 30 -5.71 6.46 3.84
C GLU B 30 -6.66 6.56 2.66
N LYS B 31 -6.41 5.75 1.64
CA LYS B 31 -7.30 5.67 0.49
C LYS B 31 -8.69 5.21 0.90
N GLU B 32 -8.73 4.33 1.90
CA GLU B 32 -10.00 3.85 2.42
C GLU B 32 -10.74 4.98 3.13
N ASN B 33 -9.99 5.88 3.74
CA ASN B 33 -10.57 7.03 4.44
C ASN B 33 -11.23 7.95 3.45
N GLU B 34 -10.64 8.02 2.25
CA GLU B 34 -11.15 8.88 1.20
C GLU B 34 -12.44 8.33 0.61
N LEU B 35 -12.53 6.99 0.55
CA LEU B 35 -13.72 6.32 0.05
C LEU B 35 -14.97 6.78 0.81
N GLN B 36 -14.99 6.52 2.12
CA GLN B 36 -16.13 6.88 2.95
C GLN B 36 -16.33 8.40 2.98
N ALA B 37 -15.24 9.15 2.97
CA ALA B 37 -15.31 10.60 2.94
C ALA B 37 -16.10 11.08 1.73
N LEU B 38 -15.75 10.56 0.56
CA LEU B 38 -16.45 10.89 -0.68
C LEU B 38 -17.89 10.43 -0.65
N ILE B 39 -18.15 9.30 -0.01
CA ILE B 39 -19.52 8.80 0.12
C ILE B 39 -20.36 9.69 1.04
N ARG B 40 -19.76 10.21 2.10
CA ARG B 40 -20.44 11.18 2.95
C ARG B 40 -20.61 12.50 2.21
N LYS B 41 -19.68 12.74 1.29
CA LYS B 41 -19.62 13.96 0.52
C LYS B 41 -20.48 13.81 -0.74
N LEU B 42 -20.79 12.56 -1.05
CA LEU B 42 -21.64 12.18 -2.17
C LEU B 42 -22.94 12.96 -2.13
N GLY B 43 -23.50 13.04 -0.94
CA GLY B 43 -24.74 13.76 -0.74
C GLY B 43 -25.75 12.95 0.04
N PRO B 44 -25.88 13.19 1.35
CA PRO B 44 -26.84 12.48 2.19
C PRO B 44 -28.28 12.91 1.90
N GLU B 45 -29.17 12.60 2.83
CA GLU B 45 -30.58 12.98 2.71
C GLU B 45 -30.74 14.49 2.89
N MET A 1 23.21 -9.73 6.10
CA MET A 1 23.90 -10.80 6.85
C MET A 1 24.69 -11.71 5.90
N ASP A 2 23.98 -12.39 5.02
CA ASP A 2 24.59 -13.35 4.10
C ASP A 2 24.26 -13.00 2.66
N SER A 3 23.44 -11.97 2.48
CA SER A 3 22.97 -11.51 1.16
C SER A 3 21.96 -12.50 0.59
N LYS A 4 22.39 -13.74 0.41
CA LYS A 4 21.54 -14.80 -0.12
C LYS A 4 20.30 -14.99 0.76
N GLU A 5 20.49 -14.91 2.07
CA GLU A 5 19.40 -15.10 3.01
C GLU A 5 18.61 -13.83 3.19
N ASP A 6 19.31 -12.70 3.10
CA ASP A 6 18.67 -11.39 3.24
C ASP A 6 17.73 -11.15 2.07
N GLU A 7 18.13 -11.61 0.90
CA GLU A 7 17.31 -11.47 -0.31
C GLU A 7 16.04 -12.31 -0.21
N GLU A 8 16.15 -13.45 0.48
CA GLU A 8 14.99 -14.30 0.71
C GLU A 8 13.96 -13.54 1.53
N ARG A 9 14.43 -12.74 2.48
CA ARG A 9 13.55 -11.94 3.31
C ARG A 9 13.01 -10.78 2.50
N TYR A 10 13.87 -10.25 1.65
CA TYR A 10 13.54 -9.14 0.78
C TYR A 10 12.29 -9.43 -0.03
N GLN A 11 12.32 -10.52 -0.79
CA GLN A 11 11.26 -10.79 -1.73
C GLN A 11 9.96 -11.19 -1.04
N LYS A 12 10.05 -11.63 0.21
CA LYS A 12 8.85 -11.93 1.00
C LYS A 12 8.02 -10.67 1.15
N LEU A 13 8.70 -9.57 1.47
CA LEU A 13 8.05 -8.30 1.68
C LEU A 13 7.63 -7.67 0.36
N VAL A 14 8.50 -7.75 -0.65
CA VAL A 14 8.19 -7.19 -1.97
C VAL A 14 6.92 -7.81 -2.53
N THR A 15 6.74 -9.09 -2.26
CA THR A 15 5.60 -9.82 -2.80
C THR A 15 4.28 -9.27 -2.27
N GLU A 16 4.23 -8.98 -0.98
CA GLU A 16 3.04 -8.37 -0.39
C GLU A 16 2.91 -6.94 -0.86
N ASN A 17 4.06 -6.31 -1.10
CA ASN A 17 4.11 -4.93 -1.57
C ASN A 17 3.51 -4.81 -2.97
N GLU A 18 3.64 -5.86 -3.78
CA GLU A 18 3.04 -5.87 -5.11
C GLU A 18 1.53 -5.73 -4.97
N GLN A 19 1.01 -6.48 -4.02
CA GLN A 19 -0.41 -6.49 -3.70
C GLN A 19 -0.85 -5.13 -3.15
N LEU A 20 -0.07 -4.58 -2.24
CA LEU A 20 -0.34 -3.26 -1.69
C LEU A 20 -0.46 -2.23 -2.82
N GLN A 21 0.55 -2.21 -3.69
CA GLN A 21 0.55 -1.30 -4.84
C GLN A 21 -0.66 -1.54 -5.73
N ARG A 22 -1.05 -2.81 -5.84
CA ARG A 22 -2.23 -3.20 -6.61
C ARG A 22 -3.45 -2.46 -6.09
N LEU A 23 -3.68 -2.59 -4.79
CA LEU A 23 -4.86 -2.04 -4.15
C LEU A 23 -4.81 -0.53 -4.10
N ILE A 24 -3.69 0.04 -3.65
CA ILE A 24 -3.54 1.50 -3.59
C ILE A 24 -3.98 2.13 -4.91
N THR A 25 -3.62 1.48 -6.01
CA THR A 25 -3.96 1.96 -7.32
C THR A 25 -5.46 1.87 -7.57
N GLN A 26 -6.01 0.69 -7.32
CA GLN A 26 -7.43 0.43 -7.46
C GLN A 26 -8.27 1.38 -6.59
N LYS A 27 -7.82 1.61 -5.36
CA LYS A 27 -8.54 2.52 -4.46
C LYS A 27 -8.43 3.94 -5.00
N GLU A 28 -7.21 4.35 -5.31
CA GLU A 28 -6.93 5.66 -5.90
C GLU A 28 -7.70 5.87 -7.20
N GLU A 29 -7.97 4.78 -7.91
CA GLU A 29 -8.77 4.83 -9.11
C GLU A 29 -10.17 5.36 -8.80
N LYS A 30 -10.82 4.74 -7.84
CA LYS A 30 -12.15 5.14 -7.42
C LYS A 30 -12.11 6.55 -6.84
N ILE A 31 -11.07 6.81 -6.05
CA ILE A 31 -10.84 8.13 -5.47
C ILE A 31 -10.75 9.19 -6.56
N ARG A 32 -10.12 8.83 -7.68
CA ARG A 32 -9.94 9.76 -8.79
C ARG A 32 -11.29 10.20 -9.34
N VAL A 33 -12.13 9.24 -9.68
CA VAL A 33 -13.40 9.53 -10.32
C VAL A 33 -14.36 10.17 -9.32
N LEU A 34 -14.30 9.75 -8.07
CA LEU A 34 -15.12 10.33 -7.02
C LEU A 34 -14.80 11.80 -6.84
N ARG A 35 -13.52 12.13 -6.83
CA ARG A 35 -13.06 13.52 -6.85
C ARG A 35 -13.74 14.28 -7.99
N GLN A 36 -13.64 13.74 -9.20
CA GLN A 36 -14.14 14.40 -10.39
C GLN A 36 -15.62 14.77 -10.28
N ARG A 37 -16.40 13.82 -9.77
CA ARG A 37 -17.84 14.00 -9.64
C ARG A 37 -18.19 15.18 -8.73
N LEU A 38 -17.41 15.38 -7.68
CA LEU A 38 -17.72 16.42 -6.71
C LEU A 38 -17.05 17.74 -7.07
N VAL A 39 -15.82 17.69 -7.57
CA VAL A 39 -14.98 18.88 -7.75
C VAL A 39 -15.64 19.93 -8.63
N GLU A 40 -16.20 19.51 -9.74
CA GLU A 40 -16.80 20.44 -10.67
C GLU A 40 -18.07 21.07 -10.11
N ARG A 41 -18.45 20.66 -8.91
CA ARG A 41 -19.53 21.29 -8.17
C ARG A 41 -19.01 21.81 -6.83
N GLY A 42 -17.76 21.48 -6.55
CA GLY A 42 -17.15 21.84 -5.28
C GLY A 42 -15.64 21.70 -5.29
N ASP A 43 -14.97 22.64 -5.92
CA ASP A 43 -13.50 22.64 -5.92
C ASP A 43 -12.99 23.95 -5.31
N ALA A 44 -13.30 24.15 -4.05
CA ALA A 44 -12.87 25.33 -3.33
C ALA A 44 -12.36 24.94 -1.95
N GLY B 1 41.66 -12.73 5.06
CA GLY B 1 40.73 -13.76 5.48
C GLY B 1 39.29 -13.33 5.31
N PRO B 2 38.33 -14.23 5.58
CA PRO B 2 36.90 -13.90 5.50
C PRO B 2 36.50 -12.88 6.55
N LEU B 3 36.15 -11.69 6.10
CA LEU B 3 35.77 -10.62 7.02
C LEU B 3 34.27 -10.35 6.96
N GLY B 4 33.58 -11.13 6.14
CA GLY B 4 32.16 -10.97 5.99
C GLY B 4 31.81 -10.00 4.86
N SER B 5 31.55 -10.54 3.69
CA SER B 5 31.22 -9.72 2.53
C SER B 5 29.87 -9.02 2.73
N SER B 6 28.78 -9.76 2.48
CA SER B 6 27.40 -9.24 2.55
C SER B 6 27.20 -7.94 1.75
N VAL B 7 26.29 -8.01 0.79
CA VAL B 7 26.06 -6.89 -0.10
C VAL B 7 25.08 -5.89 0.53
N SER B 8 25.34 -4.61 0.30
CA SER B 8 24.58 -3.55 0.93
C SER B 8 23.38 -3.14 0.08
N GLU B 9 23.52 -3.19 -1.25
CA GLU B 9 22.48 -2.74 -2.14
C GLU B 9 21.20 -3.56 -1.96
N LEU B 10 21.34 -4.80 -1.54
CA LEU B 10 20.20 -5.65 -1.26
C LEU B 10 19.51 -5.18 0.01
N GLU B 11 20.29 -5.02 1.09
CA GLU B 11 19.73 -4.71 2.39
C GLU B 11 19.18 -3.29 2.44
N GLN B 12 19.82 -2.36 1.74
CA GLN B 12 19.35 -0.98 1.71
C GLN B 12 17.99 -0.90 1.05
N ARG B 13 17.74 -1.79 0.10
CA ARG B 13 16.45 -1.85 -0.57
C ARG B 13 15.47 -2.66 0.28
N LEU B 14 16.01 -3.56 1.08
CA LEU B 14 15.23 -4.35 2.02
C LEU B 14 14.66 -3.45 3.12
N ARG B 15 15.53 -2.68 3.75
CA ARG B 15 15.10 -1.71 4.75
C ARG B 15 14.16 -0.70 4.12
N ASP B 16 14.45 -0.36 2.87
CA ASP B 16 13.61 0.56 2.10
C ASP B 16 12.22 -0.01 1.88
N VAL B 17 12.15 -1.25 1.39
CA VAL B 17 10.87 -1.87 1.07
C VAL B 17 10.09 -2.14 2.35
N LYS B 18 10.79 -2.38 3.46
CA LYS B 18 10.15 -2.54 4.76
C LYS B 18 9.39 -1.27 5.13
N ASN B 19 10.08 -0.15 5.04
CA ASN B 19 9.45 1.16 5.24
C ASN B 19 8.34 1.37 4.22
N THR B 20 8.64 1.02 2.97
CA THR B 20 7.67 1.08 1.87
C THR B 20 6.35 0.38 2.22
N ASN B 21 6.45 -0.88 2.63
CA ASN B 21 5.28 -1.68 2.98
C ASN B 21 4.49 -1.04 4.12
N SER B 22 5.21 -0.45 5.06
CA SER B 22 4.58 0.26 6.16
C SER B 22 3.77 1.44 5.63
N ARG B 23 4.40 2.23 4.78
CA ARG B 23 3.79 3.41 4.22
C ARG B 23 2.61 3.04 3.32
N PHE B 24 2.76 1.95 2.57
CA PHE B 24 1.72 1.50 1.65
C PHE B 24 0.49 0.98 2.39
N ARG B 25 0.71 0.18 3.43
CA ARG B 25 -0.39 -0.35 4.22
C ARG B 25 -1.10 0.77 4.98
N LYS B 26 -0.31 1.74 5.45
CA LYS B 26 -0.86 2.92 6.09
C LYS B 26 -1.62 3.77 5.09
N ALA B 27 -1.22 3.69 3.83
CA ALA B 27 -1.90 4.44 2.77
C ALA B 27 -3.25 3.83 2.46
N LEU B 28 -3.31 2.50 2.43
CA LEU B 28 -4.54 1.79 2.11
C LEU B 28 -5.67 2.13 3.08
N MET B 29 -5.34 2.26 4.36
CA MET B 29 -6.34 2.59 5.37
C MET B 29 -6.86 4.00 5.14
N GLU B 30 -5.99 4.85 4.60
CA GLU B 30 -6.35 6.22 4.29
C GLU B 30 -7.18 6.30 3.01
N LYS B 31 -6.81 5.50 2.03
CA LYS B 31 -7.52 5.46 0.75
C LYS B 31 -8.99 5.09 0.94
N GLU B 32 -9.26 4.16 1.86
CA GLU B 32 -10.63 3.75 2.13
C GLU B 32 -11.39 4.90 2.77
N ASN B 33 -10.67 5.68 3.54
CA ASN B 33 -11.24 6.86 4.18
C ASN B 33 -11.58 7.91 3.14
N GLU B 34 -10.67 8.10 2.18
CA GLU B 34 -10.85 9.07 1.12
C GLU B 34 -12.09 8.76 0.29
N LEU B 35 -12.34 7.47 0.06
CA LEU B 35 -13.52 7.03 -0.66
C LEU B 35 -14.79 7.63 -0.06
N GLN B 36 -15.01 7.33 1.21
CA GLN B 36 -16.18 7.81 1.93
C GLN B 36 -16.14 9.32 2.07
N ALA B 37 -14.95 9.84 2.36
CA ALA B 37 -14.75 11.28 2.50
C ALA B 37 -15.22 12.01 1.24
N LEU B 38 -14.85 11.49 0.08
CA LEU B 38 -15.26 12.07 -1.19
C LEU B 38 -16.77 11.97 -1.37
N ILE B 39 -17.33 10.82 -1.03
CA ILE B 39 -18.78 10.62 -1.10
C ILE B 39 -19.53 11.58 -0.17
N ARG B 40 -18.94 11.86 0.99
CA ARG B 40 -19.50 12.82 1.92
C ARG B 40 -19.34 14.25 1.37
N LYS B 41 -18.40 14.40 0.45
CA LYS B 41 -18.15 15.67 -0.23
C LYS B 41 -18.96 15.74 -1.52
N LEU B 42 -19.41 14.58 -1.99
CA LEU B 42 -20.22 14.49 -3.20
C LEU B 42 -21.46 15.35 -3.06
N GLY B 43 -22.11 15.23 -1.92
CA GLY B 43 -23.31 16.00 -1.67
C GLY B 43 -23.94 15.68 -0.32
N PRO B 44 -24.67 14.55 -0.23
CA PRO B 44 -25.38 14.16 0.99
C PRO B 44 -24.45 13.71 2.10
N GLU B 45 -25.02 13.00 3.06
CA GLU B 45 -24.29 12.49 4.19
C GLU B 45 -23.72 11.11 3.89
N MET A 1 18.95 -20.38 12.76
CA MET A 1 18.44 -21.38 11.79
C MET A 1 17.07 -20.97 11.24
N ASP A 2 16.89 -19.68 11.01
CA ASP A 2 15.62 -19.18 10.51
C ASP A 2 15.83 -18.33 9.26
N SER A 3 16.90 -18.63 8.54
CA SER A 3 17.24 -17.91 7.33
C SER A 3 16.14 -18.07 6.28
N LYS A 4 15.75 -19.31 6.01
CA LYS A 4 14.71 -19.58 5.03
C LYS A 4 13.35 -19.14 5.56
N GLU A 5 13.16 -19.31 6.87
CA GLU A 5 11.90 -18.97 7.52
C GLU A 5 11.61 -17.49 7.38
N ASP A 6 12.58 -16.66 7.74
CA ASP A 6 12.41 -15.22 7.68
C ASP A 6 12.43 -14.75 6.23
N GLU A 7 13.11 -15.51 5.39
CA GLU A 7 13.16 -15.23 3.95
C GLU A 7 11.79 -15.39 3.32
N GLU A 8 11.02 -16.36 3.80
CA GLU A 8 9.65 -16.55 3.34
C GLU A 8 8.83 -15.29 3.62
N ARG A 9 9.13 -14.66 4.74
CA ARG A 9 8.46 -13.43 5.13
C ARG A 9 8.87 -12.32 4.17
N TYR A 10 10.14 -12.34 3.78
CA TYR A 10 10.68 -11.37 2.84
C TYR A 10 9.95 -11.44 1.50
N GLN A 11 9.95 -12.62 0.88
CA GLN A 11 9.38 -12.80 -0.45
C GLN A 11 7.90 -12.43 -0.43
N LYS A 12 7.22 -12.80 0.63
CA LYS A 12 5.81 -12.55 0.77
C LYS A 12 5.54 -11.05 0.97
N LEU A 13 6.39 -10.37 1.75
CA LEU A 13 6.23 -8.95 1.95
C LEU A 13 6.43 -8.15 0.68
N VAL A 14 7.45 -8.49 -0.12
CA VAL A 14 7.64 -7.78 -1.38
C VAL A 14 6.42 -8.01 -2.28
N THR A 15 5.84 -9.20 -2.17
CA THR A 15 4.67 -9.58 -2.95
C THR A 15 3.44 -8.78 -2.51
N GLU A 16 3.21 -8.73 -1.20
CA GLU A 16 2.12 -7.94 -0.65
C GLU A 16 2.36 -6.47 -0.92
N ASN A 17 3.63 -6.08 -1.01
CA ASN A 17 3.99 -4.71 -1.34
C ASN A 17 3.53 -4.35 -2.74
N GLU A 18 3.63 -5.31 -3.65
CA GLU A 18 3.10 -5.12 -5.00
C GLU A 18 1.61 -4.84 -4.91
N GLN A 19 0.96 -5.66 -4.09
CA GLN A 19 -0.48 -5.57 -3.86
C GLN A 19 -0.86 -4.21 -3.29
N LEU A 20 -0.14 -3.78 -2.26
CA LEU A 20 -0.39 -2.49 -1.63
C LEU A 20 -0.36 -1.36 -2.66
N GLN A 21 0.72 -1.30 -3.42
CA GLN A 21 0.86 -0.29 -4.47
C GLN A 21 -0.27 -0.41 -5.49
N ARG A 22 -0.66 -1.64 -5.81
CA ARG A 22 -1.77 -1.90 -6.71
C ARG A 22 -3.05 -1.30 -6.15
N LEU A 23 -3.33 -1.60 -4.90
CA LEU A 23 -4.55 -1.14 -4.25
C LEU A 23 -4.62 0.36 -4.18
N ILE A 24 -3.52 1.01 -3.82
CA ILE A 24 -3.48 2.46 -3.79
C ILE A 24 -4.00 3.04 -5.09
N THR A 25 -3.60 2.43 -6.20
CA THR A 25 -4.01 2.89 -7.52
C THR A 25 -5.47 2.54 -7.78
N GLN A 26 -5.83 1.29 -7.52
CA GLN A 26 -7.21 0.82 -7.66
C GLN A 26 -8.18 1.68 -6.87
N LYS A 27 -7.80 2.02 -5.64
CA LYS A 27 -8.65 2.79 -4.76
C LYS A 27 -8.66 4.26 -5.16
N GLU A 28 -7.48 4.79 -5.51
CA GLU A 28 -7.37 6.13 -6.06
C GLU A 28 -8.19 6.27 -7.34
N GLU A 29 -8.19 5.22 -8.13
CA GLU A 29 -9.00 5.14 -9.34
C GLU A 29 -10.47 5.19 -8.99
N LYS A 30 -10.86 4.36 -8.03
CA LYS A 30 -12.24 4.30 -7.57
C LYS A 30 -12.67 5.65 -7.01
N ILE A 31 -11.79 6.26 -6.22
CA ILE A 31 -12.01 7.60 -5.67
C ILE A 31 -12.34 8.59 -6.79
N ARG A 32 -11.65 8.45 -7.91
CA ARG A 32 -11.85 9.35 -9.03
C ARG A 32 -13.28 9.30 -9.53
N VAL A 33 -13.76 8.08 -9.76
CA VAL A 33 -15.08 7.90 -10.33
C VAL A 33 -16.17 8.09 -9.28
N LEU A 34 -15.89 7.71 -8.04
CA LEU A 34 -16.83 7.88 -6.94
C LEU A 34 -17.21 9.35 -6.78
N ARG A 35 -16.21 10.22 -6.88
CA ARG A 35 -16.43 11.67 -6.90
C ARG A 35 -17.46 12.04 -7.96
N GLN A 36 -17.22 11.55 -9.17
CA GLN A 36 -18.02 11.93 -10.32
C GLN A 36 -19.47 11.51 -10.18
N ARG A 37 -19.69 10.32 -9.64
CA ARG A 37 -21.04 9.81 -9.43
C ARG A 37 -21.90 10.80 -8.65
N LEU A 38 -21.41 11.20 -7.49
CA LEU A 38 -22.20 12.05 -6.61
C LEU A 38 -22.35 13.45 -7.18
N VAL A 39 -21.40 13.87 -8.02
CA VAL A 39 -21.44 15.22 -8.57
C VAL A 39 -22.20 15.30 -9.90
N GLU A 40 -21.74 14.57 -10.90
CA GLU A 40 -22.27 14.69 -12.25
C GLU A 40 -23.60 13.99 -12.41
N ARG A 41 -23.83 12.98 -11.60
CA ARG A 41 -25.09 12.26 -11.64
C ARG A 41 -26.02 12.80 -10.57
N GLY A 42 -25.46 13.59 -9.68
CA GLY A 42 -26.24 14.20 -8.61
C GLY A 42 -26.65 13.17 -7.58
N ASP A 43 -25.70 12.35 -7.19
CA ASP A 43 -25.96 11.26 -6.27
C ASP A 43 -25.36 11.54 -4.92
N ALA A 44 -25.87 12.56 -4.26
CA ALA A 44 -25.41 12.94 -2.94
C ALA A 44 -26.36 12.44 -1.86
N GLY B 1 4.29 -13.27 11.26
CA GLY B 1 5.36 -14.24 11.21
C GLY B 1 6.12 -14.33 12.51
N PRO B 2 6.55 -15.54 12.91
CA PRO B 2 7.31 -15.73 14.14
C PRO B 2 8.77 -15.31 13.98
N LEU B 3 9.17 -14.29 14.73
CA LEU B 3 10.51 -13.75 14.64
C LEU B 3 11.51 -14.67 15.35
N GLY B 4 12.28 -15.40 14.57
CA GLY B 4 13.27 -16.30 15.13
C GLY B 4 14.68 -15.78 14.97
N SER B 5 15.60 -16.67 14.65
CA SER B 5 17.00 -16.31 14.48
C SER B 5 17.27 -15.85 13.05
N SER B 6 16.93 -14.60 12.76
CA SER B 6 17.11 -14.04 11.43
C SER B 6 18.59 -13.84 11.13
N VAL B 7 19.01 -14.26 9.95
CA VAL B 7 20.38 -14.05 9.50
C VAL B 7 20.52 -12.62 8.97
N SER B 8 21.66 -12.00 9.24
CA SER B 8 21.82 -10.57 9.00
C SER B 8 21.54 -10.18 7.55
N GLU B 9 22.21 -10.85 6.61
CA GLU B 9 22.08 -10.54 5.18
C GLU B 9 20.62 -10.49 4.72
N LEU B 10 19.86 -11.49 5.14
CA LEU B 10 18.44 -11.57 4.78
C LEU B 10 17.69 -10.40 5.41
N GLU B 11 17.95 -10.15 6.68
CA GLU B 11 17.22 -9.14 7.42
C GLU B 11 17.50 -7.74 6.89
N GLN B 12 18.71 -7.52 6.35
CA GLN B 12 19.06 -6.23 5.77
C GLN B 12 18.01 -5.79 4.77
N ARG B 13 17.74 -6.68 3.81
CA ARG B 13 16.76 -6.40 2.77
C ARG B 13 15.35 -6.47 3.34
N LEU B 14 15.14 -7.37 4.29
CA LEU B 14 13.83 -7.60 4.87
C LEU B 14 13.32 -6.39 5.65
N ARG B 15 14.14 -5.89 6.56
CA ARG B 15 13.74 -4.75 7.36
C ARG B 15 13.54 -3.53 6.48
N ASP B 16 14.24 -3.51 5.35
CA ASP B 16 14.11 -2.41 4.39
C ASP B 16 12.77 -2.47 3.68
N VAL B 17 12.40 -3.64 3.17
CA VAL B 17 11.13 -3.78 2.47
C VAL B 17 9.96 -3.66 3.45
N LYS B 18 10.19 -4.02 4.70
CA LYS B 18 9.17 -3.86 5.73
C LYS B 18 8.84 -2.39 5.92
N ASN B 19 9.88 -1.57 5.96
CA ASN B 19 9.69 -0.11 5.96
C ASN B 19 8.89 0.32 4.75
N THR B 20 9.33 -0.15 3.58
CA THR B 20 8.63 0.08 2.32
C THR B 20 7.15 -0.31 2.41
N ASN B 21 6.88 -1.45 3.04
CA ASN B 21 5.52 -1.95 3.17
C ASN B 21 4.71 -1.09 4.13
N SER B 22 5.30 -0.75 5.26
CA SER B 22 4.64 0.12 6.24
C SER B 22 4.17 1.41 5.59
N ARG B 23 4.99 1.95 4.69
CA ARG B 23 4.66 3.19 4.00
C ARG B 23 3.40 3.05 3.16
N PHE B 24 3.35 2.03 2.32
CA PHE B 24 2.18 1.81 1.46
C PHE B 24 0.97 1.39 2.28
N ARG B 25 1.21 0.71 3.40
CA ARG B 25 0.13 0.33 4.31
C ARG B 25 -0.51 1.57 4.90
N LYS B 26 0.30 2.59 5.14
CA LYS B 26 -0.22 3.86 5.65
C LYS B 26 -0.96 4.59 4.55
N ALA B 27 -0.38 4.61 3.36
CA ALA B 27 -1.01 5.24 2.20
C ALA B 27 -2.32 4.55 1.86
N LEU B 28 -2.38 3.25 2.13
CA LEU B 28 -3.57 2.44 1.88
C LEU B 28 -4.76 3.01 2.66
N MET B 29 -4.56 3.22 3.96
CA MET B 29 -5.64 3.68 4.82
C MET B 29 -6.04 5.11 4.46
N GLU B 30 -5.09 5.85 3.90
CA GLU B 30 -5.33 7.22 3.48
C GLU B 30 -6.33 7.26 2.33
N LYS B 31 -6.16 6.35 1.39
CA LYS B 31 -7.03 6.26 0.24
C LYS B 31 -8.29 5.49 0.60
N GLU B 32 -8.22 4.72 1.67
CA GLU B 32 -9.33 3.89 2.10
C GLU B 32 -10.39 4.74 2.79
N ASN B 33 -9.94 5.76 3.52
CA ASN B 33 -10.88 6.59 4.28
C ASN B 33 -11.52 7.62 3.37
N GLU B 34 -10.78 8.04 2.35
CA GLU B 34 -11.32 8.95 1.34
C GLU B 34 -12.33 8.22 0.48
N LEU B 35 -12.00 6.96 0.19
CA LEU B 35 -12.89 6.06 -0.55
C LEU B 35 -14.28 6.05 0.07
N GLN B 36 -14.35 5.65 1.33
CA GLN B 36 -15.61 5.55 2.05
C GLN B 36 -16.23 6.93 2.25
N ALA B 37 -15.38 7.94 2.43
CA ALA B 37 -15.84 9.31 2.56
C ALA B 37 -16.70 9.73 1.37
N LEU B 38 -16.24 9.38 0.18
CA LEU B 38 -16.99 9.63 -1.04
C LEU B 38 -18.29 8.85 -1.05
N ILE B 39 -18.23 7.58 -0.68
CA ILE B 39 -19.42 6.75 -0.60
C ILE B 39 -20.41 7.30 0.43
N ARG B 40 -19.89 7.88 1.49
CA ARG B 40 -20.72 8.61 2.44
C ARG B 40 -21.37 9.81 1.74
N LYS B 41 -20.62 10.43 0.85
CA LYS B 41 -21.13 11.55 0.05
C LYS B 41 -22.12 11.05 -1.00
N LEU B 42 -22.02 9.77 -1.35
CA LEU B 42 -22.96 9.13 -2.25
C LEU B 42 -24.33 9.00 -1.59
N GLY B 43 -24.35 8.58 -0.34
CA GLY B 43 -25.60 8.29 0.31
C GLY B 43 -25.74 8.86 1.72
N PRO B 44 -25.17 8.18 2.73
CA PRO B 44 -25.40 8.51 4.14
C PRO B 44 -24.69 9.78 4.62
N GLU B 45 -24.47 9.85 5.92
CA GLU B 45 -23.81 10.98 6.53
C GLU B 45 -22.33 10.65 6.78
N MET A 1 26.00 -17.93 5.99
CA MET A 1 27.02 -17.00 5.44
C MET A 1 26.62 -16.54 4.05
N ASP A 2 25.35 -16.14 3.89
CA ASP A 2 24.83 -15.70 2.61
C ASP A 2 24.02 -14.43 2.77
N SER A 3 24.22 -13.49 1.86
CA SER A 3 23.36 -12.31 1.79
C SER A 3 22.10 -12.67 1.01
N LYS A 4 22.10 -13.87 0.44
CA LYS A 4 20.92 -14.41 -0.23
C LYS A 4 19.77 -14.54 0.77
N GLU A 5 20.12 -14.83 2.02
CA GLU A 5 19.13 -14.94 3.09
C GLU A 5 18.30 -13.67 3.19
N ASP A 6 18.99 -12.52 3.18
CA ASP A 6 18.32 -11.23 3.23
C ASP A 6 17.48 -11.01 1.99
N GLU A 7 17.96 -11.50 0.85
CA GLU A 7 17.23 -11.35 -0.41
C GLU A 7 15.94 -12.16 -0.38
N GLU A 8 16.00 -13.35 0.22
CA GLU A 8 14.82 -14.19 0.37
C GLU A 8 13.77 -13.45 1.21
N ARG A 9 14.24 -12.64 2.14
CA ARG A 9 13.35 -11.83 2.98
C ARG A 9 12.84 -10.66 2.17
N TYR A 10 13.71 -10.15 1.31
CA TYR A 10 13.40 -9.02 0.45
C TYR A 10 12.28 -9.38 -0.54
N GLN A 11 12.41 -10.53 -1.19
CA GLN A 11 11.43 -10.96 -2.20
C GLN A 11 10.04 -11.03 -1.61
N LYS A 12 9.96 -11.65 -0.44
CA LYS A 12 8.69 -11.79 0.26
C LYS A 12 8.02 -10.44 0.46
N LEU A 13 8.77 -9.47 0.94
CA LEU A 13 8.24 -8.14 1.21
C LEU A 13 7.76 -7.45 -0.06
N VAL A 14 8.58 -7.47 -1.11
CA VAL A 14 8.21 -6.82 -2.37
C VAL A 14 6.97 -7.49 -2.96
N THR A 15 6.87 -8.80 -2.75
CA THR A 15 5.74 -9.57 -3.27
C THR A 15 4.44 -9.14 -2.63
N GLU A 16 4.46 -8.97 -1.32
CA GLU A 16 3.30 -8.47 -0.61
C GLU A 16 3.09 -6.99 -0.93
N ASN A 17 4.19 -6.29 -1.18
CA ASN A 17 4.15 -4.89 -1.56
C ASN A 17 3.41 -4.70 -2.88
N GLU A 18 3.51 -5.70 -3.76
CA GLU A 18 2.78 -5.67 -5.03
C GLU A 18 1.29 -5.56 -4.73
N GLN A 19 0.87 -6.40 -3.80
CA GLN A 19 -0.52 -6.46 -3.38
C GLN A 19 -1.01 -5.10 -2.87
N LEU A 20 -0.32 -4.55 -1.87
CA LEU A 20 -0.61 -3.24 -1.35
C LEU A 20 -0.73 -2.20 -2.47
N GLN A 21 0.29 -2.10 -3.32
CA GLN A 21 0.28 -1.14 -4.42
C GLN A 21 -0.92 -1.35 -5.32
N ARG A 22 -1.24 -2.60 -5.62
CA ARG A 22 -2.35 -2.92 -6.49
C ARG A 22 -3.67 -2.42 -5.89
N LEU A 23 -3.81 -2.52 -4.57
CA LEU A 23 -5.01 -2.01 -3.93
C LEU A 23 -5.01 -0.50 -3.88
N ILE A 24 -3.90 0.09 -3.43
CA ILE A 24 -3.78 1.54 -3.39
C ILE A 24 -4.16 2.15 -4.75
N THR A 25 -3.74 1.46 -5.81
CA THR A 25 -4.04 1.89 -7.16
C THR A 25 -5.54 1.80 -7.42
N GLN A 26 -6.13 0.64 -7.12
CA GLN A 26 -7.56 0.44 -7.27
C GLN A 26 -8.37 1.43 -6.44
N LYS A 27 -7.91 1.74 -5.23
CA LYS A 27 -8.58 2.71 -4.39
C LYS A 27 -8.48 4.09 -5.04
N GLU A 28 -7.24 4.48 -5.37
CA GLU A 28 -6.96 5.73 -6.06
C GLU A 28 -7.70 5.85 -7.39
N GLU A 29 -7.93 4.72 -8.04
CA GLU A 29 -8.67 4.68 -9.29
C GLU A 29 -10.10 5.13 -9.05
N LYS A 30 -10.72 4.54 -8.03
CA LYS A 30 -12.07 4.91 -7.65
C LYS A 30 -12.10 6.36 -7.18
N ILE A 31 -11.12 6.72 -6.35
CA ILE A 31 -10.98 8.08 -5.86
C ILE A 31 -10.91 9.09 -7.02
N ARG A 32 -10.26 8.69 -8.11
CA ARG A 32 -10.12 9.56 -9.28
C ARG A 32 -11.49 9.90 -9.85
N VAL A 33 -12.26 8.87 -10.12
CA VAL A 33 -13.56 9.03 -10.75
C VAL A 33 -14.57 9.58 -9.76
N LEU A 34 -14.47 9.13 -8.52
CA LEU A 34 -15.39 9.55 -7.48
C LEU A 34 -15.25 11.04 -7.20
N ARG A 35 -13.99 11.50 -7.05
CA ARG A 35 -13.71 12.93 -6.91
C ARG A 35 -14.35 13.73 -8.03
N GLN A 36 -14.26 13.20 -9.24
CA GLN A 36 -14.67 13.90 -10.43
C GLN A 36 -16.18 14.12 -10.43
N ARG A 37 -16.88 13.25 -9.73
CA ARG A 37 -18.33 13.35 -9.61
C ARG A 37 -18.72 14.58 -8.79
N LEU A 38 -18.15 14.72 -7.60
CA LEU A 38 -18.52 15.81 -6.71
C LEU A 38 -17.87 17.14 -7.10
N VAL A 39 -16.64 17.11 -7.60
CA VAL A 39 -15.93 18.35 -7.94
C VAL A 39 -16.73 19.20 -8.92
N GLU A 40 -17.20 18.56 -9.97
CA GLU A 40 -17.94 19.25 -11.02
C GLU A 40 -19.31 19.73 -10.52
N ARG A 41 -19.65 19.37 -9.29
CA ARG A 41 -20.86 19.85 -8.66
C ARG A 41 -20.54 20.91 -7.60
N GLY A 42 -19.42 20.71 -6.91
CA GLY A 42 -19.01 21.63 -5.87
C GLY A 42 -18.30 22.85 -6.42
N ASP A 43 -17.14 22.63 -7.01
CA ASP A 43 -16.35 23.73 -7.56
C ASP A 43 -16.71 23.98 -9.02
N ALA A 44 -17.42 23.02 -9.58
CA ALA A 44 -17.96 23.10 -10.94
C ALA A 44 -16.85 23.32 -11.97
N GLY B 1 29.72 3.49 8.88
CA GLY B 1 29.53 2.83 7.60
C GLY B 1 29.56 1.32 7.73
N PRO B 2 28.44 0.64 7.42
CA PRO B 2 28.36 -0.82 7.50
C PRO B 2 29.03 -1.49 6.32
N LEU B 3 29.33 -2.78 6.46
CA LEU B 3 29.99 -3.52 5.40
C LEU B 3 29.46 -4.96 5.35
N GLY B 4 29.86 -5.70 4.33
CA GLY B 4 29.43 -7.07 4.17
C GLY B 4 30.37 -7.85 3.28
N SER B 5 29.98 -9.06 2.92
CA SER B 5 30.80 -9.92 2.08
C SER B 5 30.14 -10.13 0.72
N SER B 6 29.00 -9.49 0.52
CA SER B 6 28.27 -9.59 -0.73
C SER B 6 27.63 -8.25 -1.04
N VAL B 7 26.71 -8.21 -2.01
CA VAL B 7 26.07 -6.96 -2.39
C VAL B 7 25.32 -6.34 -1.21
N SER B 8 25.61 -5.09 -0.96
CA SER B 8 25.02 -4.35 0.13
C SER B 8 23.75 -3.63 -0.33
N GLU B 9 23.65 -3.40 -1.64
CA GLU B 9 22.51 -2.71 -2.24
C GLU B 9 21.21 -3.48 -1.99
N LEU B 10 21.34 -4.78 -1.81
CA LEU B 10 20.20 -5.63 -1.47
C LEU B 10 19.54 -5.11 -0.20
N GLU B 11 20.32 -4.94 0.85
CA GLU B 11 19.81 -4.48 2.13
C GLU B 11 19.27 -3.07 2.03
N GLN B 12 19.87 -2.26 1.17
CA GLN B 12 19.42 -0.89 0.96
C GLN B 12 17.98 -0.90 0.48
N ARG B 13 17.72 -1.72 -0.53
CA ARG B 13 16.38 -1.89 -1.08
C ARG B 13 15.47 -2.56 -0.05
N LEU B 14 16.06 -3.48 0.70
CA LEU B 14 15.33 -4.24 1.70
C LEU B 14 14.77 -3.32 2.79
N ARG B 15 15.62 -2.54 3.41
CA ARG B 15 15.17 -1.61 4.45
C ARG B 15 14.26 -0.56 3.83
N ASP B 16 14.51 -0.24 2.57
CA ASP B 16 13.70 0.72 1.84
C ASP B 16 12.28 0.21 1.67
N VAL B 17 12.14 -1.01 1.15
CA VAL B 17 10.82 -1.56 0.89
C VAL B 17 10.10 -1.88 2.19
N LYS B 18 10.84 -2.14 3.26
CA LYS B 18 10.24 -2.35 4.57
C LYS B 18 9.54 -1.08 5.03
N ASN B 19 10.20 0.04 4.84
CA ASN B 19 9.60 1.36 5.07
C ASN B 19 8.39 1.53 4.15
N THR B 20 8.55 1.11 2.91
CA THR B 20 7.50 1.14 1.91
C THR B 20 6.26 0.35 2.38
N ASN B 21 6.48 -0.91 2.76
CA ASN B 21 5.38 -1.80 3.13
C ASN B 21 4.58 -1.26 4.31
N SER B 22 5.28 -0.76 5.31
CA SER B 22 4.64 -0.24 6.51
C SER B 22 3.81 1.00 6.19
N ARG B 23 4.29 1.82 5.27
CA ARG B 23 3.55 2.99 4.83
C ARG B 23 2.37 2.60 3.96
N PHE B 24 2.56 1.62 3.10
CA PHE B 24 1.54 1.22 2.13
C PHE B 24 0.33 0.59 2.80
N ARG B 25 0.54 -0.28 3.79
CA ARG B 25 -0.56 -0.83 4.57
C ARG B 25 -1.36 0.30 5.23
N LYS B 26 -0.66 1.36 5.62
CA LYS B 26 -1.32 2.54 6.18
C LYS B 26 -2.09 3.27 5.09
N ALA B 27 -1.44 3.45 3.94
CA ALA B 27 -2.05 4.10 2.79
C ALA B 27 -3.32 3.38 2.37
N LEU B 28 -3.36 2.07 2.58
CA LEU B 28 -4.54 1.28 2.27
C LEU B 28 -5.75 1.78 3.02
N MET B 29 -5.59 2.04 4.31
CA MET B 29 -6.69 2.54 5.13
C MET B 29 -6.92 4.03 4.86
N GLU B 30 -5.86 4.72 4.47
CA GLU B 30 -5.95 6.15 4.20
C GLU B 30 -6.77 6.42 2.94
N LYS B 31 -6.48 5.67 1.89
CA LYS B 31 -7.21 5.81 0.63
C LYS B 31 -8.69 5.51 0.81
N GLU B 32 -9.01 4.65 1.76
CA GLU B 32 -10.39 4.29 2.04
C GLU B 32 -11.06 5.44 2.80
N ASN B 33 -10.25 6.20 3.54
CA ASN B 33 -10.71 7.39 4.22
C ASN B 33 -11.15 8.44 3.20
N GLU B 34 -10.28 8.69 2.21
CA GLU B 34 -10.60 9.62 1.13
C GLU B 34 -11.79 9.10 0.32
N LEU B 35 -11.82 7.79 0.13
CA LEU B 35 -12.90 7.11 -0.57
C LEU B 35 -14.27 7.53 -0.01
N GLN B 36 -14.47 7.29 1.27
CA GLN B 36 -15.74 7.59 1.92
C GLN B 36 -15.91 9.09 2.09
N ALA B 37 -14.80 9.79 2.32
CA ALA B 37 -14.82 11.25 2.46
C ALA B 37 -15.52 11.90 1.29
N LEU B 38 -15.18 11.46 0.09
CA LEU B 38 -15.80 11.97 -1.14
C LEU B 38 -17.31 11.76 -1.09
N ILE B 39 -17.70 10.58 -0.65
CA ILE B 39 -19.10 10.24 -0.50
C ILE B 39 -19.77 11.11 0.56
N ARG B 40 -19.06 11.38 1.65
CA ARG B 40 -19.57 12.22 2.72
C ARG B 40 -19.71 13.67 2.26
N LYS B 41 -18.96 14.02 1.21
CA LYS B 41 -19.06 15.35 0.61
C LYS B 41 -20.12 15.36 -0.49
N LEU B 42 -20.23 14.24 -1.19
CA LEU B 42 -21.21 14.07 -2.27
C LEU B 42 -22.64 14.29 -1.78
N GLY B 43 -22.92 13.84 -0.56
CA GLY B 43 -24.23 14.05 0.02
C GLY B 43 -24.58 15.51 0.18
N PRO B 44 -24.05 16.18 1.22
CA PRO B 44 -24.31 17.59 1.50
C PRO B 44 -23.49 18.54 0.64
N GLU B 45 -23.23 19.74 1.16
CA GLU B 45 -22.39 20.72 0.48
C GLU B 45 -20.93 20.32 0.57
N MET A 1 19.37 -21.34 12.68
CA MET A 1 18.51 -21.04 11.49
C MET A 1 17.25 -20.29 11.89
N ASP A 2 17.42 -19.19 12.63
CA ASP A 2 16.29 -18.36 13.02
C ASP A 2 15.88 -17.46 11.87
N SER A 3 16.84 -17.15 11.01
CA SER A 3 16.62 -16.27 9.88
C SER A 3 15.79 -16.95 8.81
N LYS A 4 15.58 -18.26 8.96
CA LYS A 4 14.69 -19.01 8.07
C LYS A 4 13.30 -18.40 8.08
N GLU A 5 12.90 -17.93 9.25
CA GLU A 5 11.59 -17.33 9.41
C GLU A 5 11.60 -15.93 8.79
N ASP A 6 12.75 -15.26 8.87
CA ASP A 6 12.89 -13.92 8.32
C ASP A 6 12.75 -13.94 6.80
N GLU A 7 13.34 -14.95 6.17
CA GLU A 7 13.25 -15.06 4.73
C GLU A 7 11.86 -15.54 4.31
N GLU A 8 11.14 -16.17 5.23
CA GLU A 8 9.74 -16.49 5.01
C GLU A 8 8.89 -15.21 5.08
N ARG A 9 9.31 -14.28 5.95
CA ARG A 9 8.64 -13.00 6.06
C ARG A 9 8.89 -12.18 4.82
N TYR A 10 10.13 -12.27 4.33
CA TYR A 10 10.56 -11.51 3.17
C TYR A 10 9.61 -11.72 1.99
N GLN A 11 9.36 -12.98 1.67
CA GLN A 11 8.46 -13.33 0.55
C GLN A 11 7.12 -12.66 0.72
N LYS A 12 6.51 -12.88 1.87
CA LYS A 12 5.21 -12.32 2.20
C LYS A 12 5.20 -10.81 2.02
N LEU A 13 6.19 -10.15 2.59
CA LEU A 13 6.27 -8.71 2.58
C LEU A 13 6.42 -8.13 1.18
N VAL A 14 7.27 -8.73 0.34
CA VAL A 14 7.42 -8.22 -1.02
C VAL A 14 6.14 -8.49 -1.81
N THR A 15 5.50 -9.63 -1.51
CA THR A 15 4.31 -10.04 -2.22
C THR A 15 3.14 -9.11 -1.92
N GLU A 16 2.98 -8.74 -0.67
CA GLU A 16 1.95 -7.78 -0.28
C GLU A 16 2.34 -6.38 -0.73
N ASN A 17 3.64 -6.14 -0.82
CA ASN A 17 4.15 -4.89 -1.35
C ASN A 17 3.70 -4.71 -2.80
N GLU A 18 3.62 -5.81 -3.54
CA GLU A 18 3.13 -5.78 -4.92
C GLU A 18 1.69 -5.31 -4.91
N GLN A 19 0.93 -5.90 -3.99
CA GLN A 19 -0.49 -5.65 -3.86
C GLN A 19 -0.77 -4.21 -3.42
N LEU A 20 -0.15 -3.79 -2.33
CA LEU A 20 -0.38 -2.46 -1.77
C LEU A 20 -0.34 -1.38 -2.85
N GLN A 21 0.77 -1.34 -3.59
CA GLN A 21 0.95 -0.36 -4.65
C GLN A 21 -0.16 -0.47 -5.71
N ARG A 22 -0.54 -1.70 -6.03
CA ARG A 22 -1.56 -1.94 -7.03
C ARG A 22 -2.91 -1.45 -6.55
N LEU A 23 -3.20 -1.71 -5.29
CA LEU A 23 -4.48 -1.34 -4.71
C LEU A 23 -4.56 0.15 -4.52
N ILE A 24 -3.48 0.78 -4.05
CA ILE A 24 -3.45 2.23 -3.95
C ILE A 24 -3.92 2.88 -5.24
N THR A 25 -3.43 2.36 -6.35
CA THR A 25 -3.77 2.91 -7.65
C THR A 25 -5.24 2.66 -7.99
N GLN A 26 -5.67 1.43 -7.87
CA GLN A 26 -7.06 1.05 -8.11
C GLN A 26 -8.02 1.87 -7.24
N LYS A 27 -7.64 2.08 -6.00
CA LYS A 27 -8.49 2.81 -5.06
C LYS A 27 -8.41 4.31 -5.32
N GLU A 28 -7.22 4.79 -5.67
CA GLU A 28 -7.04 6.18 -6.09
C GLU A 28 -7.85 6.48 -7.33
N GLU A 29 -7.81 5.57 -8.29
CA GLU A 29 -8.62 5.66 -9.49
C GLU A 29 -10.10 5.63 -9.11
N LYS A 30 -10.44 4.70 -8.23
CA LYS A 30 -11.81 4.57 -7.74
C LYS A 30 -12.26 5.87 -7.10
N ILE A 31 -11.44 6.42 -6.21
CA ILE A 31 -11.72 7.70 -5.57
C ILE A 31 -12.02 8.78 -6.60
N ARG A 32 -11.30 8.74 -7.72
CA ARG A 32 -11.46 9.72 -8.77
C ARG A 32 -12.86 9.63 -9.38
N VAL A 33 -13.26 8.42 -9.75
CA VAL A 33 -14.54 8.20 -10.39
C VAL A 33 -15.67 8.23 -9.37
N LEU A 34 -15.37 7.85 -8.15
CA LEU A 34 -16.35 7.78 -7.07
C LEU A 34 -16.87 9.18 -6.76
N ARG A 35 -15.96 10.15 -6.73
CA ARG A 35 -16.33 11.55 -6.62
C ARG A 35 -17.34 11.93 -7.71
N GLN A 36 -17.06 11.50 -8.93
CA GLN A 36 -17.90 11.83 -10.08
C GLN A 36 -19.29 11.23 -9.95
N ARG A 37 -19.38 10.06 -9.34
CA ARG A 37 -20.66 9.40 -9.15
C ARG A 37 -21.52 10.17 -8.14
N LEU A 38 -20.91 10.58 -7.04
CA LEU A 38 -21.65 11.20 -5.94
C LEU A 38 -22.12 12.60 -6.31
N VAL A 39 -21.32 13.34 -7.05
CA VAL A 39 -21.64 14.72 -7.38
C VAL A 39 -22.91 14.80 -8.21
N GLU A 40 -23.01 13.93 -9.17
CA GLU A 40 -24.17 13.89 -10.05
C GLU A 40 -25.40 13.37 -9.33
N ARG A 41 -25.20 12.75 -8.17
CA ARG A 41 -26.30 12.31 -7.33
C ARG A 41 -26.68 13.41 -6.35
N GLY A 42 -25.67 14.07 -5.81
CA GLY A 42 -25.88 15.19 -4.91
C GLY A 42 -26.47 16.38 -5.61
N ASP A 43 -26.49 16.32 -6.93
CA ASP A 43 -27.16 17.33 -7.76
C ASP A 43 -28.66 17.32 -7.48
N ALA A 44 -29.11 16.24 -6.84
CA ALA A 44 -30.49 16.02 -6.44
C ALA A 44 -31.35 15.63 -7.64
N GLY B 1 9.63 -23.15 -0.95
CA GLY B 1 10.76 -22.72 -1.75
C GLY B 1 12.00 -22.53 -0.89
N PRO B 2 12.66 -21.37 -1.01
CA PRO B 2 13.83 -21.05 -0.19
C PRO B 2 13.46 -20.91 1.28
N LEU B 3 13.65 -21.98 2.03
CA LEU B 3 13.37 -21.99 3.46
C LEU B 3 14.63 -22.37 4.23
N GLY B 4 15.62 -21.48 4.21
CA GLY B 4 16.87 -21.76 4.88
C GLY B 4 18.06 -21.30 4.08
N SER B 5 17.83 -20.34 3.20
CA SER B 5 18.91 -19.76 2.41
C SER B 5 19.19 -18.35 2.91
N SER B 6 19.58 -18.27 4.17
CA SER B 6 19.77 -17.00 4.84
C SER B 6 21.13 -16.39 4.52
N VAL B 7 21.12 -15.11 4.20
CA VAL B 7 22.33 -14.37 3.96
C VAL B 7 22.18 -12.96 4.53
N SER B 8 23.27 -12.25 4.77
CA SER B 8 23.19 -10.89 5.32
C SER B 8 22.27 -10.01 4.48
N GLU B 9 22.39 -10.14 3.16
CA GLU B 9 21.61 -9.34 2.22
C GLU B 9 20.10 -9.61 2.35
N LEU B 10 19.76 -10.78 2.90
CA LEU B 10 18.36 -11.13 3.09
C LEU B 10 17.69 -10.11 4.00
N GLU B 11 18.30 -9.86 5.15
CA GLU B 11 17.73 -8.93 6.12
C GLU B 11 17.85 -7.50 5.61
N GLN B 12 18.90 -7.22 4.86
CA GLN B 12 19.08 -5.90 4.26
C GLN B 12 17.92 -5.60 3.33
N ARG B 13 17.57 -6.60 2.53
CA ARG B 13 16.44 -6.49 1.62
C ARG B 13 15.13 -6.52 2.40
N LEU B 14 15.15 -7.22 3.51
CA LEU B 14 13.98 -7.38 4.36
C LEU B 14 13.59 -6.05 5.01
N ARG B 15 14.54 -5.39 5.66
CA ARG B 15 14.25 -4.10 6.30
C ARG B 15 13.81 -3.12 5.24
N ASP B 16 14.45 -3.25 4.09
CA ASP B 16 14.14 -2.44 2.92
C ASP B 16 12.66 -2.57 2.56
N VAL B 17 12.16 -3.79 2.49
CA VAL B 17 10.77 -4.01 2.13
C VAL B 17 9.85 -3.77 3.32
N LYS B 18 10.36 -3.95 4.54
CA LYS B 18 9.60 -3.66 5.75
C LYS B 18 9.09 -2.22 5.75
N ASN B 19 10.04 -1.29 5.79
CA ASN B 19 9.71 0.13 5.81
C ASN B 19 8.88 0.50 4.60
N THR B 20 9.29 -0.05 3.46
CA THR B 20 8.55 0.07 2.20
C THR B 20 7.06 -0.27 2.38
N ASN B 21 6.76 -1.41 2.98
CA ASN B 21 5.38 -1.85 3.16
C ASN B 21 4.61 -0.86 4.03
N SER B 22 5.28 -0.35 5.05
CA SER B 22 4.67 0.65 5.92
C SER B 22 4.26 1.88 5.12
N ARG B 23 5.13 2.30 4.20
CA ARG B 23 4.86 3.48 3.37
C ARG B 23 3.54 3.32 2.61
N PHE B 24 3.42 2.21 1.90
CA PHE B 24 2.27 2.00 1.02
C PHE B 24 0.99 1.73 1.82
N ARG B 25 1.08 0.95 2.88
CA ARG B 25 -0.11 0.63 3.66
C ARG B 25 -0.60 1.85 4.44
N LYS B 26 0.32 2.78 4.72
CA LYS B 26 -0.04 4.04 5.34
C LYS B 26 -0.81 4.90 4.34
N ALA B 27 -0.41 4.84 3.09
CA ALA B 27 -1.13 5.56 2.03
C ALA B 27 -2.44 4.87 1.73
N LEU B 28 -2.46 3.56 1.91
CA LEU B 28 -3.62 2.76 1.59
C LEU B 28 -4.73 2.96 2.63
N MET B 29 -4.33 3.22 3.88
CA MET B 29 -5.30 3.49 4.93
C MET B 29 -5.93 4.86 4.69
N GLU B 30 -5.20 5.70 3.98
CA GLU B 30 -5.69 7.00 3.57
C GLU B 30 -6.79 6.83 2.53
N LYS B 31 -6.56 5.93 1.60
CA LYS B 31 -7.54 5.62 0.57
C LYS B 31 -8.76 4.97 1.20
N GLU B 32 -8.55 4.26 2.30
CA GLU B 32 -9.63 3.63 3.04
C GLU B 32 -10.67 4.65 3.47
N ASN B 33 -10.22 5.75 4.07
CA ASN B 33 -11.16 6.69 4.66
C ASN B 33 -11.81 7.56 3.60
N GLU B 34 -11.05 7.85 2.55
CA GLU B 34 -11.57 8.63 1.44
C GLU B 34 -12.66 7.82 0.73
N LEU B 35 -12.43 6.51 0.62
CA LEU B 35 -13.37 5.60 -0.02
C LEU B 35 -14.75 5.69 0.63
N GLN B 36 -14.82 5.36 1.92
CA GLN B 36 -16.10 5.39 2.63
C GLN B 36 -16.66 6.80 2.72
N ALA B 37 -15.80 7.79 2.88
CA ALA B 37 -16.22 9.18 2.93
C ALA B 37 -17.01 9.54 1.68
N LEU B 38 -16.46 9.18 0.52
CA LEU B 38 -17.12 9.41 -0.75
C LEU B 38 -18.42 8.62 -0.84
N ILE B 39 -18.40 7.37 -0.37
CA ILE B 39 -19.59 6.53 -0.40
C ILE B 39 -20.73 7.11 0.45
N ARG B 40 -20.37 7.72 1.56
CA ARG B 40 -21.36 8.42 2.40
C ARG B 40 -21.92 9.62 1.66
N LYS B 41 -21.15 10.15 0.73
CA LYS B 41 -21.55 11.29 -0.09
C LYS B 41 -22.25 10.80 -1.35
N LEU B 42 -21.96 9.56 -1.73
CA LEU B 42 -22.62 8.90 -2.85
C LEU B 42 -24.13 8.91 -2.67
N GLY B 43 -24.56 8.41 -1.53
CA GLY B 43 -25.97 8.20 -1.32
C GLY B 43 -26.48 7.06 -2.16
N PRO B 44 -26.32 5.80 -1.68
CA PRO B 44 -26.66 4.59 -2.43
C PRO B 44 -28.02 4.66 -3.12
N GLU B 45 -29.05 4.48 -2.34
CA GLU B 45 -30.40 4.53 -2.83
C GLU B 45 -31.19 5.65 -2.14
N MET A 1 18.68 -19.17 16.15
CA MET A 1 17.38 -19.30 15.47
C MET A 1 17.57 -19.10 13.97
N ASP A 2 16.83 -19.85 13.17
CA ASP A 2 16.95 -19.80 11.71
C ASP A 2 16.26 -18.57 11.16
N SER A 3 16.87 -17.94 10.17
CA SER A 3 16.25 -16.84 9.45
C SER A 3 15.32 -17.40 8.37
N LYS A 4 15.21 -18.73 8.31
CA LYS A 4 14.32 -19.39 7.38
C LYS A 4 12.87 -18.95 7.62
N GLU A 5 12.57 -18.63 8.87
CA GLU A 5 11.26 -18.08 9.21
C GLU A 5 11.11 -16.68 8.63
N ASP A 6 12.12 -15.85 8.86
CA ASP A 6 12.12 -14.47 8.38
C ASP A 6 12.09 -14.43 6.87
N GLU A 7 12.74 -15.41 6.25
CA GLU A 7 12.85 -15.45 4.81
C GLU A 7 11.49 -15.68 4.15
N GLU A 8 10.65 -16.51 4.75
CA GLU A 8 9.31 -16.73 4.21
C GLU A 8 8.45 -15.50 4.43
N ARG A 9 8.79 -14.72 5.46
CA ARG A 9 8.12 -13.45 5.71
C ARG A 9 8.50 -12.48 4.62
N TYR A 10 9.79 -12.48 4.31
CA TYR A 10 10.36 -11.63 3.29
C TYR A 10 9.62 -11.79 1.97
N GLN A 11 9.46 -13.03 1.53
CA GLN A 11 8.82 -13.34 0.25
C GLN A 11 7.38 -12.83 0.23
N LYS A 12 6.70 -13.06 1.34
CA LYS A 12 5.32 -12.58 1.50
C LYS A 12 5.27 -11.06 1.43
N LEU A 13 6.16 -10.41 2.14
CA LEU A 13 6.18 -8.97 2.24
C LEU A 13 6.50 -8.29 0.91
N VAL A 14 7.48 -8.80 0.17
CA VAL A 14 7.77 -8.22 -1.14
C VAL A 14 6.55 -8.37 -2.04
N THR A 15 5.82 -9.47 -1.84
CA THR A 15 4.66 -9.75 -2.65
C THR A 15 3.50 -8.82 -2.30
N GLU A 16 3.26 -8.64 -1.02
CA GLU A 16 2.23 -7.70 -0.59
C GLU A 16 2.63 -6.28 -0.99
N ASN A 17 3.93 -6.02 -1.02
CA ASN A 17 4.46 -4.76 -1.51
C ASN A 17 4.00 -4.50 -2.95
N GLU A 18 4.03 -5.54 -3.78
CA GLU A 18 3.61 -5.43 -5.16
C GLU A 18 2.14 -5.02 -5.21
N GLN A 19 1.37 -5.69 -4.38
CA GLN A 19 -0.07 -5.53 -4.31
C GLN A 19 -0.49 -4.20 -3.70
N LEU A 20 0.14 -3.80 -2.60
CA LEU A 20 -0.19 -2.55 -1.91
C LEU A 20 -0.20 -1.37 -2.88
N GLN A 21 0.88 -1.24 -3.64
CA GLN A 21 1.01 -0.17 -4.61
C GLN A 21 -0.11 -0.25 -5.66
N ARG A 22 -0.46 -1.46 -6.05
CA ARG A 22 -1.53 -1.69 -6.98
C ARG A 22 -2.86 -1.27 -6.38
N LEU A 23 -3.08 -1.66 -5.12
CA LEU A 23 -4.31 -1.30 -4.44
C LEU A 23 -4.43 0.21 -4.33
N ILE A 24 -3.38 0.89 -3.90
CA ILE A 24 -3.39 2.35 -3.84
C ILE A 24 -3.88 2.94 -5.14
N THR A 25 -3.45 2.34 -6.25
CA THR A 25 -3.83 2.79 -7.57
C THR A 25 -5.32 2.53 -7.82
N GLN A 26 -5.74 1.32 -7.52
CA GLN A 26 -7.14 0.93 -7.64
C GLN A 26 -8.04 1.77 -6.73
N LYS A 27 -7.57 2.06 -5.52
CA LYS A 27 -8.30 2.94 -4.62
C LYS A 27 -8.41 4.31 -5.24
N GLU A 28 -7.27 4.84 -5.65
CA GLU A 28 -7.17 6.13 -6.33
C GLU A 28 -8.08 6.18 -7.57
N GLU A 29 -8.14 5.07 -8.29
CA GLU A 29 -9.02 4.97 -9.44
C GLU A 29 -10.48 5.09 -9.00
N LYS A 30 -10.86 4.24 -8.05
CA LYS A 30 -12.23 4.24 -7.55
C LYS A 30 -12.60 5.59 -6.96
N ILE A 31 -11.69 6.17 -6.19
CA ILE A 31 -11.90 7.48 -5.59
C ILE A 31 -12.26 8.51 -6.66
N ARG A 32 -11.61 8.40 -7.81
CA ARG A 32 -11.86 9.34 -8.90
C ARG A 32 -13.28 9.19 -9.42
N VAL A 33 -13.65 7.98 -9.77
CA VAL A 33 -14.93 7.71 -10.40
C VAL A 33 -16.07 7.78 -9.39
N LEU A 34 -15.76 7.44 -8.14
CA LEU A 34 -16.74 7.45 -7.08
C LEU A 34 -17.22 8.87 -6.80
N ARG A 35 -16.30 9.83 -6.89
CA ARG A 35 -16.65 11.24 -6.81
C ARG A 35 -17.65 11.61 -7.90
N GLN A 36 -17.38 11.14 -9.11
CA GLN A 36 -18.19 11.52 -10.26
C GLN A 36 -19.63 11.06 -10.09
N ARG A 37 -19.82 9.90 -9.50
CA ARG A 37 -21.15 9.36 -9.29
C ARG A 37 -21.99 10.28 -8.40
N LEU A 38 -21.37 10.86 -7.36
CA LEU A 38 -22.11 11.68 -6.41
C LEU A 38 -22.31 13.10 -6.94
N VAL A 39 -21.39 13.57 -7.78
CA VAL A 39 -21.44 14.94 -8.28
C VAL A 39 -22.36 15.09 -9.47
N GLU A 40 -22.33 14.12 -10.36
CA GLU A 40 -23.16 14.16 -11.56
C GLU A 40 -24.62 13.90 -11.24
N ARG A 41 -24.88 13.39 -10.05
CA ARG A 41 -26.25 13.33 -9.54
C ARG A 41 -26.52 14.60 -8.73
N GLY A 42 -25.44 15.31 -8.48
CA GLY A 42 -25.50 16.61 -7.86
C GLY A 42 -24.73 16.67 -6.56
N ASP A 43 -25.25 15.96 -5.58
CA ASP A 43 -24.76 15.98 -4.21
C ASP A 43 -25.79 15.29 -3.33
N ALA A 44 -25.65 13.99 -3.15
CA ALA A 44 -26.66 13.20 -2.49
C ALA A 44 -26.69 13.45 -0.99
N GLY B 1 18.58 -30.70 12.66
CA GLY B 1 17.38 -29.89 12.76
C GLY B 1 17.67 -28.40 12.71
N PRO B 2 16.61 -27.58 12.77
CA PRO B 2 16.75 -26.12 12.69
C PRO B 2 17.51 -25.54 13.88
N LEU B 3 18.58 -24.81 13.59
CA LEU B 3 19.39 -24.16 14.61
C LEU B 3 19.66 -22.71 14.25
N GLY B 4 20.30 -22.51 13.11
CA GLY B 4 20.63 -21.18 12.66
C GLY B 4 21.65 -21.20 11.54
N SER B 5 22.71 -20.42 11.71
CA SER B 5 23.79 -20.33 10.73
C SER B 5 23.30 -19.67 9.45
N SER B 6 22.27 -18.85 9.57
CA SER B 6 21.69 -18.16 8.43
C SER B 6 22.34 -16.79 8.23
N VAL B 7 22.25 -16.26 7.03
CA VAL B 7 22.86 -15.00 6.68
C VAL B 7 22.15 -13.83 7.38
N SER B 8 22.94 -12.82 7.72
CA SER B 8 22.43 -11.66 8.45
C SER B 8 21.80 -10.66 7.48
N GLU B 9 22.24 -10.70 6.23
CA GLU B 9 21.75 -9.76 5.22
C GLU B 9 20.30 -10.06 4.87
N LEU B 10 19.84 -11.26 5.19
CA LEU B 10 18.45 -11.63 4.97
C LEU B 10 17.53 -10.64 5.67
N GLU B 11 17.79 -10.43 6.96
CA GLU B 11 16.97 -9.55 7.75
C GLU B 11 17.12 -8.10 7.30
N GLN B 12 18.32 -7.76 6.82
CA GLN B 12 18.57 -6.40 6.33
C GLN B 12 17.66 -6.10 5.15
N ARG B 13 17.53 -7.07 4.25
CA ARG B 13 16.62 -6.96 3.11
C ARG B 13 15.19 -6.86 3.62
N LEU B 14 14.91 -7.63 4.65
CA LEU B 14 13.57 -7.77 5.21
C LEU B 14 13.12 -6.49 5.92
N ARG B 15 13.95 -5.96 6.80
CA ARG B 15 13.62 -4.74 7.53
C ARG B 15 13.48 -3.57 6.56
N ASP B 16 14.17 -3.67 5.43
CA ASP B 16 14.08 -2.67 4.38
C ASP B 16 12.73 -2.72 3.69
N VAL B 17 12.31 -3.91 3.29
CA VAL B 17 11.06 -4.06 2.57
C VAL B 17 9.86 -3.80 3.49
N LYS B 18 10.04 -4.04 4.78
CA LYS B 18 8.99 -3.75 5.75
C LYS B 18 8.80 -2.25 5.90
N ASN B 19 9.91 -1.51 5.83
CA ASN B 19 9.85 -0.06 5.73
C ASN B 19 8.97 0.31 4.54
N THR B 20 9.34 -0.23 3.40
CA THR B 20 8.61 -0.04 2.15
C THR B 20 7.12 -0.37 2.30
N ASN B 21 6.83 -1.56 2.81
CA ASN B 21 5.45 -2.02 2.93
C ASN B 21 4.63 -1.14 3.85
N SER B 22 5.18 -0.78 5.01
CA SER B 22 4.46 0.05 5.96
C SER B 22 4.11 1.41 5.35
N ARG B 23 5.01 1.94 4.53
CA ARG B 23 4.77 3.20 3.84
C ARG B 23 3.48 3.13 3.01
N PHE B 24 3.37 2.08 2.20
CA PHE B 24 2.21 1.89 1.34
C PHE B 24 0.97 1.51 2.15
N ARG B 25 1.16 0.73 3.22
CA ARG B 25 0.04 0.32 4.07
C ARG B 25 -0.58 1.52 4.78
N LYS B 26 0.24 2.52 5.06
CA LYS B 26 -0.26 3.76 5.64
C LYS B 26 -1.10 4.51 4.63
N ALA B 27 -0.60 4.61 3.40
CA ALA B 27 -1.30 5.31 2.33
C ALA B 27 -2.60 4.61 1.98
N LEU B 28 -2.61 3.29 2.14
CA LEU B 28 -3.79 2.48 1.88
C LEU B 28 -4.96 2.94 2.75
N MET B 29 -4.70 3.05 4.05
CA MET B 29 -5.76 3.39 5.01
C MET B 29 -6.21 4.84 4.81
N GLU B 30 -5.35 5.64 4.21
CA GLU B 30 -5.69 7.02 3.91
C GLU B 30 -6.70 7.08 2.78
N LYS B 31 -6.43 6.31 1.73
CA LYS B 31 -7.33 6.23 0.59
C LYS B 31 -8.66 5.60 0.98
N GLU B 32 -8.63 4.74 2.01
CA GLU B 32 -9.84 4.18 2.58
C GLU B 32 -10.74 5.29 3.14
N ASN B 33 -10.11 6.35 3.65
CA ASN B 33 -10.83 7.49 4.19
C ASN B 33 -11.61 8.19 3.10
N GLU B 34 -10.94 8.49 1.99
CA GLU B 34 -11.60 9.09 0.84
C GLU B 34 -12.72 8.19 0.34
N LEU B 35 -12.46 6.89 0.33
CA LEU B 35 -13.43 5.90 -0.12
C LEU B 35 -14.76 6.05 0.62
N GLN B 36 -14.73 5.85 1.93
CA GLN B 36 -15.94 5.93 2.74
C GLN B 36 -16.53 7.33 2.75
N ALA B 37 -15.66 8.33 2.75
CA ALA B 37 -16.08 9.73 2.70
C ALA B 37 -16.98 9.97 1.49
N LEU B 38 -16.55 9.45 0.35
CA LEU B 38 -17.32 9.57 -0.87
C LEU B 38 -18.63 8.81 -0.77
N ILE B 39 -18.57 7.60 -0.23
CA ILE B 39 -19.76 6.78 -0.04
C ILE B 39 -20.78 7.46 0.86
N ARG B 40 -20.30 8.17 1.86
CA ARG B 40 -21.17 8.96 2.73
C ARG B 40 -21.81 10.10 1.95
N LYS B 41 -21.19 10.46 0.83
CA LYS B 41 -21.72 11.47 -0.06
C LYS B 41 -22.62 10.83 -1.13
N LEU B 42 -22.31 9.58 -1.48
CA LEU B 42 -23.16 8.79 -2.37
C LEU B 42 -24.53 8.61 -1.74
N GLY B 43 -24.55 8.35 -0.45
CA GLY B 43 -25.80 8.11 0.24
C GLY B 43 -26.50 6.87 -0.28
N PRO B 44 -25.96 5.67 0.04
CA PRO B 44 -26.48 4.38 -0.44
C PRO B 44 -27.99 4.28 -0.39
N GLU B 45 -28.50 4.03 0.80
CA GLU B 45 -29.94 3.97 1.01
C GLU B 45 -30.43 5.21 1.75
N MET A 1 21.23 -21.93 5.55
CA MET A 1 22.67 -22.00 5.90
C MET A 1 23.27 -20.60 5.99
N ASP A 2 23.29 -19.89 4.87
CA ASP A 2 23.96 -18.59 4.80
C ASP A 2 23.08 -17.53 4.15
N SER A 3 22.45 -16.69 4.97
CA SER A 3 21.78 -15.48 4.50
C SER A 3 20.53 -15.74 3.66
N LYS A 4 20.17 -17.02 3.47
CA LYS A 4 19.07 -17.36 2.59
C LYS A 4 17.71 -17.19 3.30
N GLU A 5 17.72 -17.27 4.63
CA GLU A 5 16.49 -17.13 5.40
C GLU A 5 16.06 -15.67 5.42
N ASP A 6 17.02 -14.78 5.21
CA ASP A 6 16.75 -13.35 5.21
C ASP A 6 16.16 -12.92 3.88
N GLU A 7 16.70 -13.48 2.80
CA GLU A 7 16.27 -13.09 1.47
C GLU A 7 14.86 -13.61 1.17
N GLU A 8 14.51 -14.76 1.73
CA GLU A 8 13.17 -15.30 1.53
C GLU A 8 12.15 -14.43 2.25
N ARG A 9 12.57 -13.76 3.33
CA ARG A 9 11.70 -12.80 4.00
C ARG A 9 11.48 -11.61 3.08
N TYR A 10 12.56 -11.21 2.42
CA TYR A 10 12.53 -10.10 1.49
C TYR A 10 11.54 -10.35 0.35
N GLN A 11 11.61 -11.54 -0.23
CA GLN A 11 10.77 -11.89 -1.38
C GLN A 11 9.30 -11.68 -1.07
N LYS A 12 8.87 -12.28 0.03
CA LYS A 12 7.47 -12.23 0.44
C LYS A 12 7.01 -10.79 0.65
N LEU A 13 7.88 -9.96 1.19
CA LEU A 13 7.54 -8.58 1.49
C LEU A 13 7.43 -7.72 0.23
N VAL A 14 8.26 -7.98 -0.77
CA VAL A 14 8.11 -7.27 -2.04
C VAL A 14 6.81 -7.70 -2.70
N THR A 15 6.44 -8.95 -2.47
CA THR A 15 5.17 -9.49 -2.95
C THR A 15 3.99 -8.77 -2.30
N GLU A 16 4.07 -8.56 -0.99
CA GLU A 16 3.04 -7.79 -0.29
C GLU A 16 3.02 -6.37 -0.83
N ASN A 17 4.20 -5.83 -1.09
CA ASN A 17 4.36 -4.52 -1.70
C ASN A 17 3.59 -4.40 -3.01
N GLU A 18 3.58 -5.47 -3.80
CA GLU A 18 2.85 -5.47 -5.06
C GLU A 18 1.37 -5.30 -4.78
N GLN A 19 0.89 -6.11 -3.84
CA GLN A 19 -0.51 -6.12 -3.43
C GLN A 19 -0.96 -4.75 -2.93
N LEU A 20 -0.17 -4.19 -2.03
CA LEU A 20 -0.47 -2.89 -1.46
C LEU A 20 -0.60 -1.83 -2.55
N GLN A 21 0.37 -1.80 -3.46
CA GLN A 21 0.35 -0.86 -4.57
C GLN A 21 -0.84 -1.12 -5.48
N ARG A 22 -1.18 -2.40 -5.66
CA ARG A 22 -2.32 -2.79 -6.46
C ARG A 22 -3.60 -2.22 -5.87
N LEU A 23 -3.76 -2.35 -4.55
CA LEU A 23 -4.94 -1.82 -3.89
C LEU A 23 -4.97 -0.32 -3.96
N ILE A 24 -3.85 0.34 -3.71
CA ILE A 24 -3.78 1.77 -3.88
C ILE A 24 -4.21 2.12 -5.29
N THR A 25 -3.76 1.35 -6.26
CA THR A 25 -4.10 1.60 -7.65
C THR A 25 -5.60 1.53 -7.86
N GLN A 26 -6.21 0.43 -7.41
CA GLN A 26 -7.65 0.21 -7.52
C GLN A 26 -8.44 1.29 -6.79
N LYS A 27 -8.03 1.59 -5.57
CA LYS A 27 -8.77 2.52 -4.72
C LYS A 27 -8.53 3.97 -5.16
N GLU A 28 -7.28 4.29 -5.47
CA GLU A 28 -6.93 5.61 -5.99
C GLU A 28 -7.57 5.83 -7.35
N GLU A 29 -7.77 4.75 -8.09
CA GLU A 29 -8.49 4.79 -9.35
C GLU A 29 -9.91 5.30 -9.10
N LYS A 30 -10.61 4.61 -8.21
CA LYS A 30 -11.97 4.99 -7.85
C LYS A 30 -12.01 6.39 -7.24
N ILE A 31 -11.07 6.66 -6.35
CA ILE A 31 -10.95 7.98 -5.75
C ILE A 31 -10.79 9.06 -6.82
N ARG A 32 -10.07 8.74 -7.88
CA ARG A 32 -9.87 9.68 -8.98
C ARG A 32 -11.21 10.00 -9.63
N VAL A 33 -11.95 8.97 -9.98
CA VAL A 33 -13.19 9.12 -10.71
C VAL A 33 -14.26 9.73 -9.82
N LEU A 34 -14.37 9.22 -8.60
CA LEU A 34 -15.38 9.67 -7.66
C LEU A 34 -15.22 11.14 -7.32
N ARG A 35 -13.98 11.60 -7.18
CA ARG A 35 -13.72 13.03 -6.99
C ARG A 35 -14.35 13.85 -8.10
N GLN A 36 -14.02 13.51 -9.34
CA GLN A 36 -14.45 14.28 -10.49
C GLN A 36 -15.98 14.24 -10.62
N ARG A 37 -16.55 13.09 -10.31
CA ARG A 37 -17.99 12.92 -10.35
C ARG A 37 -18.71 13.80 -9.33
N LEU A 38 -18.14 13.95 -8.14
CA LEU A 38 -18.79 14.71 -7.09
C LEU A 38 -18.57 16.21 -7.28
N VAL A 39 -17.36 16.58 -7.68
CA VAL A 39 -16.99 17.99 -7.79
C VAL A 39 -17.85 18.72 -8.80
N GLU A 40 -18.00 18.12 -9.96
CA GLU A 40 -18.76 18.70 -11.05
C GLU A 40 -20.26 18.74 -10.74
N ARG A 41 -20.67 18.10 -9.65
CA ARG A 41 -22.07 18.15 -9.23
C ARG A 41 -22.22 19.01 -7.99
N GLY A 42 -21.10 19.27 -7.34
CA GLY A 42 -21.10 20.09 -6.14
C GLY A 42 -20.56 21.48 -6.40
N ASP A 43 -19.26 21.63 -6.19
CA ASP A 43 -18.60 22.92 -6.37
C ASP A 43 -17.92 22.95 -7.73
N ALA A 44 -18.73 22.81 -8.77
CA ALA A 44 -18.24 22.81 -10.14
C ALA A 44 -17.75 24.20 -10.55
N GLY B 1 32.46 -13.60 15.25
CA GLY B 1 31.82 -12.45 15.86
C GLY B 1 30.31 -12.51 15.74
N PRO B 2 29.58 -11.57 16.34
CA PRO B 2 28.12 -11.52 16.27
C PRO B 2 27.63 -11.08 14.89
N LEU B 3 27.97 -11.85 13.87
CA LEU B 3 27.58 -11.53 12.51
C LEU B 3 26.57 -12.56 11.97
N GLY B 4 26.55 -13.73 12.60
CA GLY B 4 25.54 -14.74 12.30
C GLY B 4 25.57 -15.24 10.87
N SER B 5 26.71 -15.07 10.19
CA SER B 5 26.85 -15.49 8.80
C SER B 5 25.75 -14.87 7.93
N SER B 6 25.44 -13.61 8.22
CA SER B 6 24.35 -12.93 7.55
C SER B 6 24.88 -11.71 6.79
N VAL B 7 24.46 -11.57 5.54
CA VAL B 7 24.87 -10.43 4.74
C VAL B 7 23.94 -9.25 4.99
N SER B 8 24.52 -8.06 5.07
CA SER B 8 23.77 -6.88 5.47
C SER B 8 23.17 -6.17 4.26
N GLU B 9 23.83 -6.28 3.10
CA GLU B 9 23.37 -5.60 1.89
C GLU B 9 21.96 -6.07 1.50
N LEU B 10 21.65 -7.32 1.83
CA LEU B 10 20.32 -7.86 1.59
C LEU B 10 19.31 -7.14 2.45
N GLU B 11 19.63 -6.98 3.73
CA GLU B 11 18.71 -6.38 4.67
C GLU B 11 18.58 -4.87 4.43
N GLN B 12 19.54 -4.28 3.72
CA GLN B 12 19.41 -2.89 3.28
C GLN B 12 18.17 -2.75 2.42
N ARG B 13 17.99 -3.71 1.52
CA ARG B 13 16.81 -3.75 0.68
C ARG B 13 15.59 -4.18 1.50
N LEU B 14 15.84 -5.06 2.46
CA LEU B 14 14.78 -5.61 3.30
C LEU B 14 14.15 -4.52 4.16
N ARG B 15 14.98 -3.74 4.83
CA ARG B 15 14.50 -2.61 5.63
C ARG B 15 13.74 -1.66 4.74
N ASP B 16 14.28 -1.47 3.56
CA ASP B 16 13.71 -0.59 2.55
C ASP B 16 12.29 -1.01 2.18
N VAL B 17 12.13 -2.27 1.77
CA VAL B 17 10.81 -2.73 1.35
C VAL B 17 9.84 -2.79 2.52
N LYS B 18 10.34 -3.07 3.72
CA LYS B 18 9.49 -3.09 4.91
C LYS B 18 8.97 -1.70 5.23
N ASN B 19 9.85 -0.72 5.10
CA ASN B 19 9.45 0.68 5.22
C ASN B 19 8.42 1.02 4.15
N THR B 20 8.72 0.59 2.93
CA THR B 20 7.80 0.75 1.81
C THR B 20 6.43 0.13 2.10
N ASN B 21 6.43 -1.12 2.56
CA ASN B 21 5.20 -1.83 2.89
C ASN B 21 4.41 -1.07 3.95
N SER B 22 5.11 -0.58 4.97
CA SER B 22 4.48 0.16 6.03
C SER B 22 3.86 1.44 5.48
N ARG B 23 4.58 2.15 4.62
CA ARG B 23 4.07 3.38 4.01
C ARG B 23 2.80 3.12 3.22
N PHE B 24 2.79 2.02 2.46
CA PHE B 24 1.63 1.68 1.64
C PHE B 24 0.48 1.19 2.51
N ARG B 25 0.79 0.50 3.61
CA ARG B 25 -0.24 0.06 4.54
C ARG B 25 -0.88 1.26 5.22
N LYS B 26 -0.10 2.31 5.43
CA LYS B 26 -0.62 3.56 5.95
C LYS B 26 -1.47 4.25 4.89
N ALA B 27 -0.93 4.35 3.68
CA ALA B 27 -1.65 4.97 2.57
C ALA B 27 -2.96 4.24 2.30
N LEU B 28 -2.94 2.92 2.45
CA LEU B 28 -4.12 2.10 2.24
C LEU B 28 -5.27 2.56 3.12
N MET B 29 -5.01 2.66 4.43
CA MET B 29 -6.06 3.04 5.39
C MET B 29 -6.56 4.45 5.12
N GLU B 30 -5.64 5.29 4.65
CA GLU B 30 -5.98 6.66 4.32
C GLU B 30 -6.91 6.71 3.11
N LYS B 31 -6.61 5.88 2.13
CA LYS B 31 -7.42 5.78 0.94
C LYS B 31 -8.76 5.09 1.24
N GLU B 32 -8.77 4.26 2.28
CA GLU B 32 -10.00 3.60 2.70
C GLU B 32 -11.02 4.62 3.20
N ASN B 33 -10.55 5.62 3.95
CA ASN B 33 -11.46 6.60 4.52
C ASN B 33 -11.74 7.73 3.53
N GLU B 34 -10.75 8.02 2.68
CA GLU B 34 -10.93 9.00 1.62
C GLU B 34 -12.00 8.52 0.68
N LEU B 35 -11.93 7.24 0.37
CA LEU B 35 -12.92 6.56 -0.45
C LEU B 35 -14.33 6.85 0.06
N GLN B 36 -14.56 6.56 1.33
CA GLN B 36 -15.86 6.76 1.95
C GLN B 36 -16.25 8.23 1.94
N ALA B 37 -15.30 9.09 2.31
CA ALA B 37 -15.53 10.52 2.34
C ALA B 37 -16.08 11.00 1.00
N LEU B 38 -15.41 10.59 -0.07
CA LEU B 38 -15.84 10.94 -1.42
C LEU B 38 -17.24 10.42 -1.70
N ILE B 39 -17.47 9.14 -1.40
CA ILE B 39 -18.76 8.51 -1.62
C ILE B 39 -19.87 9.21 -0.83
N ARG B 40 -19.55 9.64 0.38
CA ARG B 40 -20.47 10.43 1.18
C ARG B 40 -20.75 11.78 0.51
N LYS B 41 -19.75 12.27 -0.23
CA LYS B 41 -19.87 13.51 -0.98
C LYS B 41 -20.59 13.27 -2.31
N LEU B 42 -20.49 12.03 -2.82
CA LEU B 42 -21.25 11.62 -3.99
C LEU B 42 -22.74 11.65 -3.66
N GLY B 43 -23.11 10.95 -2.60
CA GLY B 43 -24.50 10.84 -2.23
C GLY B 43 -24.78 9.71 -1.26
N PRO B 44 -24.49 8.46 -1.64
CA PRO B 44 -24.80 7.28 -0.81
C PRO B 44 -23.90 7.14 0.42
N GLU B 45 -23.92 5.95 1.00
CA GLU B 45 -23.17 5.64 2.20
C GLU B 45 -21.75 5.22 1.86
N MET A 1 15.92 -21.81 9.09
CA MET A 1 17.21 -21.76 9.79
C MET A 1 17.85 -20.38 9.66
N ASP A 2 18.00 -19.69 10.78
CA ASP A 2 18.74 -18.42 10.90
C ASP A 2 18.36 -17.40 9.82
N SER A 3 19.11 -17.38 8.72
CA SER A 3 18.94 -16.37 7.68
C SER A 3 17.68 -16.63 6.87
N LYS A 4 17.33 -17.91 6.76
CA LYS A 4 16.17 -18.30 5.98
C LYS A 4 14.88 -17.84 6.64
N GLU A 5 14.93 -17.60 7.95
CA GLU A 5 13.77 -17.11 8.69
C GLU A 5 13.34 -15.76 8.15
N ASP A 6 14.32 -14.88 7.94
CA ASP A 6 14.07 -13.56 7.40
C ASP A 6 13.71 -13.64 5.93
N GLU A 7 14.33 -14.58 5.22
CA GLU A 7 14.11 -14.76 3.79
C GLU A 7 12.66 -15.18 3.52
N GLU A 8 12.15 -16.08 4.36
CA GLU A 8 10.74 -16.47 4.30
C GLU A 8 9.83 -15.24 4.39
N ARG A 9 10.22 -14.30 5.22
CA ARG A 9 9.41 -13.11 5.47
C ARG A 9 9.61 -12.10 4.35
N TYR A 10 10.78 -12.13 3.75
CA TYR A 10 11.09 -11.26 2.63
C TYR A 10 10.13 -11.52 1.47
N GLN A 11 9.93 -12.80 1.17
CA GLN A 11 9.07 -13.22 0.05
C GLN A 11 7.68 -12.65 0.22
N LYS A 12 7.15 -12.80 1.43
CA LYS A 12 5.82 -12.35 1.74
C LYS A 12 5.72 -10.83 1.61
N LEU A 13 6.67 -10.11 2.22
CA LEU A 13 6.62 -8.66 2.23
C LEU A 13 6.75 -8.05 0.84
N VAL A 14 7.63 -8.59 -0.01
CA VAL A 14 7.72 -8.05 -1.37
C VAL A 14 6.45 -8.33 -2.13
N THR A 15 5.83 -9.46 -1.80
CA THR A 15 4.58 -9.86 -2.42
C THR A 15 3.45 -8.91 -2.02
N GLU A 16 3.40 -8.58 -0.73
CA GLU A 16 2.44 -7.62 -0.23
C GLU A 16 2.70 -6.25 -0.85
N ASN A 17 3.98 -5.93 -1.02
CA ASN A 17 4.40 -4.70 -1.67
C ASN A 17 3.80 -4.59 -3.06
N GLU A 18 3.73 -5.71 -3.78
CA GLU A 18 3.16 -5.72 -5.11
C GLU A 18 1.68 -5.37 -5.02
N GLN A 19 1.03 -6.04 -4.08
CA GLN A 19 -0.40 -5.88 -3.84
C GLN A 19 -0.75 -4.45 -3.43
N LEU A 20 -0.05 -3.95 -2.42
CA LEU A 20 -0.32 -2.62 -1.87
C LEU A 20 -0.33 -1.57 -2.97
N GLN A 21 0.73 -1.51 -3.76
CA GLN A 21 0.85 -0.54 -4.84
C GLN A 21 -0.32 -0.67 -5.82
N ARG A 22 -0.73 -1.90 -6.10
CA ARG A 22 -1.82 -2.14 -7.01
C ARG A 22 -3.14 -1.68 -6.41
N LEU A 23 -3.38 -2.00 -5.14
CA LEU A 23 -4.61 -1.59 -4.49
C LEU A 23 -4.67 -0.08 -4.33
N ILE A 24 -3.60 0.53 -3.84
CA ILE A 24 -3.53 1.99 -3.74
C ILE A 24 -3.95 2.62 -5.07
N THR A 25 -3.50 2.02 -6.16
CA THR A 25 -3.83 2.50 -7.49
C THR A 25 -5.31 2.32 -7.77
N GLN A 26 -5.81 1.11 -7.56
CA GLN A 26 -7.21 0.79 -7.78
C GLN A 26 -8.12 1.67 -6.92
N LYS A 27 -7.75 1.88 -5.67
CA LYS A 27 -8.55 2.71 -4.77
C LYS A 27 -8.51 4.16 -5.24
N GLU A 28 -7.30 4.65 -5.53
CA GLU A 28 -7.11 5.98 -6.08
C GLU A 28 -7.93 6.21 -7.35
N GLU A 29 -7.89 5.24 -8.25
CA GLU A 29 -8.65 5.31 -9.49
C GLU A 29 -10.14 5.38 -9.18
N LYS A 30 -10.59 4.51 -8.29
CA LYS A 30 -12.00 4.50 -7.88
C LYS A 30 -12.39 5.82 -7.26
N ILE A 31 -11.58 6.29 -6.30
CA ILE A 31 -11.81 7.57 -5.64
C ILE A 31 -11.96 8.69 -6.67
N ARG A 32 -11.18 8.60 -7.74
CA ARG A 32 -11.19 9.61 -8.78
C ARG A 32 -12.54 9.65 -9.48
N VAL A 33 -13.02 8.51 -9.91
CA VAL A 33 -14.27 8.43 -10.65
C VAL A 33 -15.47 8.54 -9.71
N LEU A 34 -15.31 8.03 -8.50
CA LEU A 34 -16.39 8.03 -7.51
C LEU A 34 -16.82 9.45 -7.18
N ARG A 35 -15.84 10.34 -7.04
CA ARG A 35 -16.11 11.77 -6.90
C ARG A 35 -16.97 12.27 -8.05
N GLN A 36 -16.58 11.92 -9.27
CA GLN A 36 -17.29 12.37 -10.47
C GLN A 36 -18.72 11.85 -10.50
N ARG A 37 -18.91 10.63 -10.03
CA ARG A 37 -20.23 10.04 -9.97
C ARG A 37 -21.13 10.77 -8.98
N LEU A 38 -20.59 11.06 -7.81
CA LEU A 38 -21.38 11.69 -6.75
C LEU A 38 -21.73 13.15 -7.08
N VAL A 39 -20.83 13.86 -7.73
CA VAL A 39 -21.02 15.29 -7.95
C VAL A 39 -22.19 15.57 -8.90
N GLU A 40 -22.16 14.96 -10.06
CA GLU A 40 -23.17 15.25 -11.09
C GLU A 40 -24.53 14.66 -10.73
N ARG A 41 -24.52 13.64 -9.90
CA ARG A 41 -25.76 13.03 -9.43
C ARG A 41 -26.25 13.71 -8.17
N GLY A 42 -25.32 14.21 -7.39
CA GLY A 42 -25.66 14.89 -6.16
C GLY A 42 -26.24 16.25 -6.41
N ASP A 43 -25.52 17.05 -7.21
CA ASP A 43 -25.92 18.41 -7.58
C ASP A 43 -25.80 19.39 -6.40
N ALA A 44 -26.25 18.95 -5.25
CA ALA A 44 -26.16 19.73 -4.03
C ALA A 44 -24.95 19.30 -3.22
N GLY B 1 12.43 -21.54 -3.95
CA GLY B 1 13.75 -20.94 -3.96
C GLY B 1 14.49 -21.19 -2.65
N PRO B 2 15.12 -22.36 -2.50
CA PRO B 2 15.86 -22.71 -1.30
C PRO B 2 17.29 -22.18 -1.31
N LEU B 3 17.50 -21.01 -0.73
CA LEU B 3 18.83 -20.43 -0.65
C LEU B 3 19.35 -20.47 0.78
N GLY B 4 19.88 -21.62 1.16
CA GLY B 4 20.46 -21.77 2.49
C GLY B 4 21.88 -21.25 2.55
N SER B 5 22.18 -20.30 1.68
CA SER B 5 23.51 -19.72 1.59
C SER B 5 23.78 -18.78 2.76
N SER B 6 22.70 -18.28 3.36
CA SER B 6 22.72 -17.24 4.40
C SER B 6 23.45 -15.99 3.92
N VAL B 7 22.75 -14.88 3.89
CA VAL B 7 23.30 -13.66 3.32
C VAL B 7 22.79 -12.44 4.08
N SER B 8 23.67 -11.47 4.27
CA SER B 8 23.36 -10.27 5.01
C SER B 8 22.60 -9.27 4.13
N GLU B 9 22.75 -9.43 2.81
CA GLU B 9 22.04 -8.58 1.85
C GLU B 9 20.54 -8.83 1.92
N LEU B 10 20.16 -9.96 2.51
CA LEU B 10 18.77 -10.29 2.70
C LEU B 10 18.07 -9.19 3.50
N GLU B 11 18.65 -8.83 4.64
CA GLU B 11 18.06 -7.84 5.52
C GLU B 11 18.13 -6.44 4.91
N GLN B 12 19.13 -6.21 4.06
CA GLN B 12 19.26 -4.92 3.38
C GLN B 12 18.01 -4.65 2.56
N ARG B 13 17.59 -5.65 1.82
CA ARG B 13 16.41 -5.52 0.97
C ARG B 13 15.13 -5.74 1.78
N LEU B 14 15.23 -6.54 2.83
CA LEU B 14 14.08 -6.83 3.69
C LEU B 14 13.66 -5.60 4.49
N ARG B 15 14.60 -4.98 5.17
CA ARG B 15 14.31 -3.77 5.94
C ARG B 15 13.87 -2.65 5.00
N ASP B 16 14.34 -2.72 3.77
CA ASP B 16 13.95 -1.79 2.72
C ASP B 16 12.48 -1.97 2.35
N VAL B 17 12.08 -3.21 2.10
CA VAL B 17 10.72 -3.49 1.69
C VAL B 17 9.75 -3.37 2.87
N LYS B 18 10.27 -3.54 4.08
CA LYS B 18 9.44 -3.44 5.28
C LYS B 18 8.91 -2.03 5.48
N ASN B 19 9.81 -1.05 5.48
CA ASN B 19 9.40 0.35 5.60
C ASN B 19 8.50 0.71 4.43
N THR B 20 8.92 0.26 3.27
CA THR B 20 8.11 0.34 2.06
C THR B 20 6.66 -0.11 2.31
N ASN B 21 6.49 -1.33 2.78
CA ASN B 21 5.16 -1.91 3.00
C ASN B 21 4.36 -1.11 4.00
N SER B 22 4.97 -0.79 5.14
CA SER B 22 4.27 -0.08 6.20
C SER B 22 3.80 1.30 5.72
N ARG B 23 4.66 2.02 5.02
CA ARG B 23 4.33 3.35 4.50
C ARG B 23 3.25 3.26 3.42
N PHE B 24 3.26 2.17 2.65
CA PHE B 24 2.22 1.95 1.65
C PHE B 24 0.90 1.62 2.31
N ARG B 25 0.96 0.87 3.40
CA ARG B 25 -0.23 0.56 4.18
C ARG B 25 -0.80 1.83 4.81
N LYS B 26 0.07 2.78 5.10
CA LYS B 26 -0.36 4.10 5.56
C LYS B 26 -1.10 4.81 4.44
N ALA B 27 -0.49 4.84 3.26
CA ALA B 27 -1.11 5.47 2.09
C ALA B 27 -2.43 4.82 1.76
N LEU B 28 -2.50 3.51 1.99
CA LEU B 28 -3.69 2.74 1.65
C LEU B 28 -4.81 3.01 2.66
N MET B 29 -4.46 3.14 3.94
CA MET B 29 -5.45 3.43 4.96
C MET B 29 -6.00 4.83 4.74
N GLU B 30 -5.19 5.66 4.09
CA GLU B 30 -5.61 6.99 3.70
C GLU B 30 -6.68 6.92 2.62
N LYS B 31 -6.46 6.03 1.67
CA LYS B 31 -7.39 5.82 0.57
C LYS B 31 -8.70 5.25 1.09
N GLU B 32 -8.59 4.29 2.01
CA GLU B 32 -9.77 3.63 2.56
C GLU B 32 -10.73 4.61 3.22
N ASN B 33 -10.19 5.64 3.86
CA ASN B 33 -11.06 6.58 4.57
C ASN B 33 -11.59 7.63 3.59
N GLU B 34 -10.79 7.95 2.59
CA GLU B 34 -11.21 8.85 1.52
C GLU B 34 -12.33 8.20 0.72
N LEU B 35 -12.19 6.90 0.52
CA LEU B 35 -13.18 6.10 -0.19
C LEU B 35 -14.52 6.13 0.54
N GLN B 36 -14.49 5.86 1.85
CA GLN B 36 -15.71 5.87 2.65
C GLN B 36 -16.24 7.28 2.81
N ALA B 37 -15.34 8.26 2.80
CA ALA B 37 -15.74 9.66 2.82
C ALA B 37 -16.64 9.96 1.64
N LEU B 38 -16.22 9.50 0.47
CA LEU B 38 -17.01 9.62 -0.74
C LEU B 38 -18.30 8.85 -0.63
N ILE B 39 -18.21 7.55 -0.38
CA ILE B 39 -19.40 6.69 -0.31
C ILE B 39 -20.45 7.23 0.66
N ARG B 40 -20.04 7.83 1.76
CA ARG B 40 -20.98 8.44 2.70
C ARG B 40 -21.51 9.77 2.15
N LYS B 41 -20.62 10.52 1.50
CA LYS B 41 -20.96 11.81 0.89
C LYS B 41 -21.84 11.61 -0.34
N LEU B 42 -21.55 10.54 -1.03
CA LEU B 42 -22.18 10.16 -2.28
C LEU B 42 -23.48 9.42 -2.03
N GLY B 43 -23.40 8.32 -1.31
CA GLY B 43 -24.56 7.49 -1.10
C GLY B 43 -24.98 6.76 -2.36
N PRO B 44 -24.42 5.57 -2.61
CA PRO B 44 -24.69 4.77 -3.81
C PRO B 44 -26.17 4.73 -4.19
N GLU B 45 -26.91 3.89 -3.51
CA GLU B 45 -28.34 3.79 -3.73
C GLU B 45 -29.10 4.41 -2.58
N MET A 1 16.93 -16.73 15.67
CA MET A 1 17.76 -16.05 14.65
C MET A 1 18.18 -17.03 13.57
N ASP A 2 17.20 -17.65 12.93
CA ASP A 2 17.45 -18.53 11.81
C ASP A 2 17.23 -17.79 10.50
N SER A 3 17.90 -18.23 9.45
CA SER A 3 17.71 -17.62 8.14
C SER A 3 16.25 -17.77 7.71
N LYS A 4 15.68 -18.95 7.99
CA LYS A 4 14.32 -19.28 7.59
C LYS A 4 13.32 -18.23 8.06
N GLU A 5 13.59 -17.63 9.21
CA GLU A 5 12.68 -16.63 9.79
C GLU A 5 12.58 -15.40 8.91
N ASP A 6 13.73 -14.88 8.50
CA ASP A 6 13.78 -13.65 7.73
C ASP A 6 13.45 -13.89 6.27
N GLU A 7 13.94 -15.01 5.72
CA GLU A 7 13.77 -15.28 4.30
C GLU A 7 12.31 -15.56 3.95
N GLU A 8 11.58 -16.21 4.86
CA GLU A 8 10.16 -16.45 4.62
C GLU A 8 9.42 -15.12 4.60
N ARG A 9 9.82 -14.22 5.49
CA ARG A 9 9.11 -12.96 5.64
C ARG A 9 9.39 -12.05 4.48
N TYR A 10 10.63 -12.09 3.98
CA TYR A 10 11.01 -11.25 2.86
C TYR A 10 10.12 -11.53 1.65
N GLN A 11 10.03 -12.79 1.27
CA GLN A 11 9.24 -13.20 0.10
C GLN A 11 7.81 -12.73 0.24
N LYS A 12 7.25 -13.01 1.40
CA LYS A 12 5.86 -12.66 1.70
C LYS A 12 5.65 -11.14 1.69
N LEU A 13 6.61 -10.39 2.23
CA LEU A 13 6.50 -8.94 2.31
C LEU A 13 6.62 -8.27 0.95
N VAL A 14 7.55 -8.72 0.10
CA VAL A 14 7.66 -8.13 -1.23
C VAL A 14 6.39 -8.40 -2.01
N THR A 15 5.78 -9.55 -1.75
CA THR A 15 4.51 -9.91 -2.36
C THR A 15 3.41 -8.93 -1.95
N GLU A 16 3.40 -8.57 -0.67
CA GLU A 16 2.45 -7.59 -0.18
C GLU A 16 2.72 -6.25 -0.83
N ASN A 17 4.00 -5.94 -1.00
CA ASN A 17 4.43 -4.70 -1.64
C ASN A 17 3.88 -4.59 -3.06
N GLU A 18 3.74 -5.74 -3.73
CA GLU A 18 3.20 -5.77 -5.09
C GLU A 18 1.74 -5.35 -5.03
N GLN A 19 1.04 -5.94 -4.09
CA GLN A 19 -0.40 -5.74 -3.91
C GLN A 19 -0.72 -4.34 -3.38
N LEU A 20 -0.01 -3.92 -2.34
CA LEU A 20 -0.25 -2.62 -1.72
C LEU A 20 -0.27 -1.49 -2.75
N GLN A 21 0.80 -1.38 -3.52
CA GLN A 21 0.90 -0.35 -4.56
C GLN A 21 -0.19 -0.52 -5.61
N ARG A 22 -0.50 -1.77 -5.92
CA ARG A 22 -1.59 -2.10 -6.85
C ARG A 22 -2.88 -1.48 -6.35
N LEU A 23 -3.22 -1.81 -5.12
CA LEU A 23 -4.47 -1.37 -4.54
C LEU A 23 -4.52 0.13 -4.40
N ILE A 24 -3.46 0.75 -3.90
CA ILE A 24 -3.42 2.21 -3.81
C ILE A 24 -3.86 2.85 -5.12
N THR A 25 -3.38 2.29 -6.21
CA THR A 25 -3.68 2.79 -7.53
C THR A 25 -5.16 2.56 -7.87
N GLN A 26 -5.61 1.34 -7.66
CA GLN A 26 -6.99 0.95 -7.91
C GLN A 26 -7.98 1.74 -7.03
N LYS A 27 -7.61 1.94 -5.76
CA LYS A 27 -8.43 2.74 -4.85
C LYS A 27 -8.46 4.18 -5.36
N GLU A 28 -7.27 4.72 -5.64
CA GLU A 28 -7.12 6.06 -6.20
C GLU A 28 -7.91 6.23 -7.49
N GLU A 29 -8.05 5.15 -8.24
CA GLU A 29 -8.85 5.16 -9.45
C GLU A 29 -10.32 5.33 -9.10
N LYS A 30 -10.80 4.50 -8.19
CA LYS A 30 -12.19 4.55 -7.76
C LYS A 30 -12.51 5.89 -7.10
N ILE A 31 -11.60 6.35 -6.26
CA ILE A 31 -11.72 7.66 -5.62
C ILE A 31 -11.86 8.75 -6.68
N ARG A 32 -11.13 8.60 -7.77
CA ARG A 32 -11.18 9.55 -8.88
C ARG A 32 -12.58 9.60 -9.46
N VAL A 33 -13.15 8.43 -9.71
CA VAL A 33 -14.46 8.35 -10.33
C VAL A 33 -15.55 8.81 -9.36
N LEU A 34 -15.41 8.40 -8.11
CA LEU A 34 -16.38 8.76 -7.08
C LEU A 34 -16.51 10.27 -6.93
N ARG A 35 -15.38 10.95 -6.86
CA ARG A 35 -15.37 12.42 -6.79
C ARG A 35 -16.08 13.02 -7.98
N GLN A 36 -15.76 12.52 -9.17
CA GLN A 36 -16.20 13.15 -10.41
C GLN A 36 -17.66 12.83 -10.70
N ARG A 37 -18.11 11.68 -10.25
CA ARG A 37 -19.48 11.28 -10.46
C ARG A 37 -20.40 12.02 -9.49
N LEU A 38 -19.94 12.17 -8.26
CA LEU A 38 -20.73 12.85 -7.23
C LEU A 38 -20.88 14.34 -7.55
N VAL A 39 -19.85 14.96 -8.12
CA VAL A 39 -19.86 16.40 -8.35
C VAL A 39 -20.82 16.80 -9.46
N GLU A 40 -20.73 16.13 -10.58
CA GLU A 40 -21.52 16.48 -11.76
C GLU A 40 -23.01 16.23 -11.55
N ARG A 41 -23.35 15.49 -10.50
CA ARG A 41 -24.75 15.27 -10.14
C ARG A 41 -25.03 15.83 -8.75
N GLY A 42 -24.00 16.36 -8.15
CA GLY A 42 -24.09 16.86 -6.79
C GLY A 42 -23.27 18.10 -6.57
N ASP A 43 -23.43 19.07 -7.47
CA ASP A 43 -22.80 20.37 -7.34
C ASP A 43 -23.21 21.04 -6.03
N ALA A 44 -24.39 20.68 -5.59
CA ALA A 44 -24.88 21.10 -4.28
C ALA A 44 -24.42 20.10 -3.22
N GLY B 1 8.41 -20.59 -0.09
CA GLY B 1 9.43 -21.50 0.38
C GLY B 1 10.78 -21.20 -0.23
N PRO B 2 11.53 -20.24 0.32
CA PRO B 2 12.85 -19.87 -0.18
C PRO B 2 13.95 -20.77 0.38
N LEU B 3 15.17 -20.54 -0.07
CA LEU B 3 16.33 -21.29 0.38
C LEU B 3 17.50 -20.36 0.65
N GLY B 4 17.40 -19.57 1.70
CA GLY B 4 18.46 -18.64 2.04
C GLY B 4 19.59 -19.31 2.80
N SER B 5 20.64 -18.57 3.07
CA SER B 5 21.75 -19.08 3.85
C SER B 5 22.24 -18.01 4.81
N SER B 6 22.86 -16.98 4.27
CA SER B 6 23.28 -15.83 5.05
C SER B 6 22.29 -14.68 4.83
N VAL B 7 21.83 -14.09 5.92
CA VAL B 7 20.84 -13.05 5.86
C VAL B 7 21.47 -11.67 5.76
N SER B 8 22.69 -11.61 5.27
CA SER B 8 23.41 -10.36 5.13
C SER B 8 22.76 -9.51 4.05
N GLU B 9 22.68 -10.06 2.84
CA GLU B 9 22.02 -9.37 1.74
C GLU B 9 20.50 -9.45 1.90
N LEU B 10 20.05 -10.54 2.52
CA LEU B 10 18.63 -10.76 2.73
C LEU B 10 18.03 -9.67 3.60
N GLU B 11 18.57 -9.49 4.80
CA GLU B 11 17.99 -8.56 5.75
C GLU B 11 18.06 -7.12 5.26
N GLN B 12 19.10 -6.77 4.50
CA GLN B 12 19.23 -5.39 4.02
C GLN B 12 18.17 -5.08 2.96
N ARG B 13 17.70 -6.12 2.27
CA ARG B 13 16.57 -5.98 1.36
C ARG B 13 15.26 -6.03 2.13
N LEU B 14 15.27 -6.84 3.19
CA LEU B 14 14.09 -7.04 4.01
C LEU B 14 13.75 -5.79 4.83
N ARG B 15 14.72 -5.25 5.53
CA ARG B 15 14.53 -4.02 6.29
C ARG B 15 14.11 -2.90 5.34
N ASP B 16 14.65 -2.95 4.13
CA ASP B 16 14.30 -2.02 3.07
C ASP B 16 12.84 -2.17 2.68
N VAL B 17 12.42 -3.40 2.38
CA VAL B 17 11.07 -3.65 1.91
C VAL B 17 10.04 -3.45 3.03
N LYS B 18 10.46 -3.62 4.28
CA LYS B 18 9.55 -3.38 5.41
C LYS B 18 9.27 -1.89 5.55
N ASN B 19 10.32 -1.10 5.40
CA ASN B 19 10.16 0.36 5.32
C ASN B 19 9.19 0.70 4.19
N THR B 20 9.42 0.06 3.06
CA THR B 20 8.57 0.20 1.89
C THR B 20 7.11 -0.18 2.18
N ASN B 21 6.91 -1.38 2.72
CA ASN B 21 5.57 -1.91 2.95
C ASN B 21 4.78 -1.08 3.95
N SER B 22 5.42 -0.69 5.04
CA SER B 22 4.74 0.08 6.06
C SER B 22 4.20 1.38 5.47
N ARG B 23 4.98 2.00 4.60
CA ARG B 23 4.58 3.25 3.93
C ARG B 23 3.28 3.06 3.15
N PHE B 24 3.27 2.06 2.27
CA PHE B 24 2.09 1.80 1.43
C PHE B 24 0.89 1.37 2.26
N ARG B 25 1.14 0.62 3.33
CA ARG B 25 0.06 0.19 4.22
C ARG B 25 -0.63 1.39 4.84
N LYS B 26 0.13 2.43 5.14
CA LYS B 26 -0.43 3.64 5.73
C LYS B 26 -1.20 4.43 4.68
N ALA B 27 -0.73 4.39 3.45
CA ALA B 27 -1.38 5.10 2.36
C ALA B 27 -2.71 4.46 1.98
N LEU B 28 -2.84 3.16 2.22
CA LEU B 28 -4.05 2.44 1.90
C LEU B 28 -5.16 2.77 2.88
N MET B 29 -4.82 2.95 4.16
CA MET B 29 -5.82 3.31 5.16
C MET B 29 -6.36 4.70 4.87
N GLU B 30 -5.53 5.50 4.21
CA GLU B 30 -5.89 6.84 3.79
C GLU B 30 -6.94 6.77 2.69
N LYS B 31 -6.71 5.87 1.75
CA LYS B 31 -7.63 5.69 0.63
C LYS B 31 -8.98 5.18 1.10
N GLU B 32 -8.95 4.34 2.14
CA GLU B 32 -10.17 3.79 2.72
C GLU B 32 -11.12 4.88 3.19
N ASN B 33 -10.58 5.93 3.80
CA ASN B 33 -11.45 6.95 4.38
C ASN B 33 -11.86 7.98 3.33
N GLU B 34 -11.00 8.18 2.33
CA GLU B 34 -11.37 8.99 1.17
C GLU B 34 -12.53 8.33 0.43
N LEU B 35 -12.42 7.01 0.27
CA LEU B 35 -13.45 6.20 -0.37
C LEU B 35 -14.79 6.39 0.35
N GLN B 36 -14.79 6.13 1.64
CA GLN B 36 -16.00 6.21 2.44
C GLN B 36 -16.56 7.62 2.49
N ALA B 37 -15.67 8.58 2.70
CA ALA B 37 -16.06 9.99 2.77
C ALA B 37 -16.85 10.39 1.54
N LEU B 38 -16.33 10.01 0.36
CA LEU B 38 -17.02 10.28 -0.88
C LEU B 38 -18.37 9.60 -0.90
N ILE B 39 -18.40 8.31 -0.65
CA ILE B 39 -19.64 7.54 -0.62
C ILE B 39 -20.69 8.15 0.32
N ARG B 40 -20.25 8.74 1.43
CA ARG B 40 -21.17 9.38 2.38
C ARG B 40 -21.75 10.66 1.77
N LYS B 41 -20.93 11.37 1.00
CA LYS B 41 -21.34 12.61 0.34
C LYS B 41 -22.14 12.30 -0.93
N LEU B 42 -21.66 11.27 -1.61
CA LEU B 42 -22.14 10.83 -2.90
C LEU B 42 -23.47 10.10 -2.78
N GLY B 43 -23.48 9.05 -1.98
CA GLY B 43 -24.65 8.21 -1.89
C GLY B 43 -24.58 7.10 -2.91
N PRO B 44 -24.22 5.88 -2.47
CA PRO B 44 -24.03 4.75 -3.37
C PRO B 44 -25.32 4.25 -4.00
N GLU B 45 -25.21 3.12 -4.67
CA GLU B 45 -26.33 2.49 -5.33
C GLU B 45 -27.13 1.67 -4.33
N MET A 1 21.41 -22.71 3.00
CA MET A 1 20.01 -22.96 3.45
C MET A 1 19.56 -21.89 4.43
N ASP A 2 20.47 -21.50 5.33
CA ASP A 2 20.14 -20.56 6.40
C ASP A 2 19.67 -19.21 5.85
N SER A 3 20.23 -18.80 4.72
CA SER A 3 19.88 -17.50 4.15
C SER A 3 18.59 -17.59 3.33
N LYS A 4 17.99 -18.77 3.28
CA LYS A 4 16.71 -18.91 2.62
C LYS A 4 15.58 -18.51 3.56
N GLU A 5 15.81 -18.69 4.87
CA GLU A 5 14.81 -18.33 5.87
C GLU A 5 14.49 -16.84 5.81
N ASP A 6 15.54 -16.03 5.80
CA ASP A 6 15.39 -14.59 5.74
C ASP A 6 14.90 -14.15 4.38
N GLU A 7 15.37 -14.82 3.34
CA GLU A 7 14.97 -14.50 1.98
C GLU A 7 13.49 -14.75 1.75
N GLU A 8 12.97 -15.86 2.30
CA GLU A 8 11.55 -16.18 2.18
C GLU A 8 10.70 -15.06 2.75
N ARG A 9 11.20 -14.41 3.80
CA ARG A 9 10.50 -13.29 4.40
C ARG A 9 10.45 -12.15 3.41
N TYR A 10 11.58 -11.92 2.76
CA TYR A 10 11.70 -10.89 1.75
C TYR A 10 10.73 -11.16 0.61
N GLN A 11 10.71 -12.41 0.12
CA GLN A 11 9.86 -12.80 -1.00
C GLN A 11 8.41 -12.46 -0.71
N LYS A 12 7.95 -12.91 0.44
CA LYS A 12 6.57 -12.69 0.85
C LYS A 12 6.26 -11.19 0.95
N LEU A 13 7.19 -10.42 1.51
CA LEU A 13 6.98 -9.00 1.74
C LEU A 13 6.98 -8.20 0.44
N VAL A 14 7.91 -8.48 -0.47
CA VAL A 14 7.91 -7.78 -1.76
C VAL A 14 6.64 -8.11 -2.53
N THR A 15 6.13 -9.30 -2.28
CA THR A 15 4.89 -9.75 -2.89
C THR A 15 3.72 -8.91 -2.37
N GLU A 16 3.68 -8.69 -1.07
CA GLU A 16 2.68 -7.83 -0.48
C GLU A 16 2.89 -6.40 -0.95
N ASN A 17 4.15 -6.05 -1.17
CA ASN A 17 4.52 -4.75 -1.70
C ASN A 17 3.86 -4.54 -3.06
N GLU A 18 3.78 -5.60 -3.85
CA GLU A 18 3.11 -5.55 -5.14
C GLU A 18 1.62 -5.28 -4.93
N GLN A 19 1.04 -6.07 -4.03
CA GLN A 19 -0.38 -5.98 -3.71
C GLN A 19 -0.78 -4.60 -3.24
N LEU A 20 -0.09 -4.09 -2.23
CA LEU A 20 -0.43 -2.81 -1.61
C LEU A 20 -0.45 -1.69 -2.64
N GLN A 21 0.63 -1.57 -3.41
CA GLN A 21 0.73 -0.53 -4.43
C GLN A 21 -0.37 -0.67 -5.46
N ARG A 22 -0.74 -1.91 -5.77
CA ARG A 22 -1.82 -2.17 -6.68
C ARG A 22 -3.15 -1.70 -6.09
N LEU A 23 -3.38 -2.01 -4.82
CA LEU A 23 -4.61 -1.61 -4.16
C LEU A 23 -4.70 -0.10 -4.05
N ILE A 24 -3.64 0.53 -3.57
CA ILE A 24 -3.61 2.00 -3.48
C ILE A 24 -4.02 2.63 -4.80
N THR A 25 -3.56 2.03 -5.88
CA THR A 25 -3.88 2.50 -7.21
C THR A 25 -5.35 2.28 -7.51
N GLN A 26 -5.83 1.07 -7.27
CA GLN A 26 -7.24 0.74 -7.41
C GLN A 26 -8.13 1.67 -6.59
N LYS A 27 -7.69 2.01 -5.37
CA LYS A 27 -8.43 2.93 -4.52
C LYS A 27 -8.41 4.31 -5.14
N GLU A 28 -7.20 4.81 -5.41
CA GLU A 28 -7.00 6.11 -6.07
C GLU A 28 -7.79 6.23 -7.37
N GLU A 29 -7.82 5.14 -8.12
CA GLU A 29 -8.60 5.07 -9.36
C GLU A 29 -10.07 5.26 -9.06
N LYS A 30 -10.57 4.47 -8.12
CA LYS A 30 -11.98 4.50 -7.77
C LYS A 30 -12.35 5.85 -7.17
N ILE A 31 -11.46 6.41 -6.37
CA ILE A 31 -11.66 7.73 -5.79
C ILE A 31 -11.94 8.76 -6.88
N ARG A 32 -11.20 8.67 -7.98
CA ARG A 32 -11.34 9.63 -9.07
C ARG A 32 -12.74 9.55 -9.66
N VAL A 33 -13.13 8.35 -10.03
CA VAL A 33 -14.39 8.16 -10.72
C VAL A 33 -15.58 8.30 -9.77
N LEU A 34 -15.40 7.87 -8.53
CA LEU A 34 -16.47 7.93 -7.53
C LEU A 34 -16.82 9.37 -7.20
N ARG A 35 -15.82 10.25 -7.24
CA ARG A 35 -16.04 11.69 -7.10
C ARG A 35 -17.03 12.17 -8.15
N GLN A 36 -16.80 11.78 -9.39
CA GLN A 36 -17.63 12.22 -10.50
C GLN A 36 -18.99 11.53 -10.46
N ARG A 37 -19.00 10.33 -9.91
CA ARG A 37 -20.24 9.58 -9.71
C ARG A 37 -21.20 10.35 -8.82
N LEU A 38 -20.72 10.78 -7.65
CA LEU A 38 -21.59 11.41 -6.65
C LEU A 38 -22.08 12.77 -7.10
N VAL A 39 -21.41 13.37 -8.07
CA VAL A 39 -21.81 14.67 -8.57
C VAL A 39 -22.78 14.56 -9.74
N GLU A 40 -22.36 13.86 -10.79
CA GLU A 40 -23.15 13.76 -12.02
C GLU A 40 -24.32 12.80 -11.89
N ARG A 41 -24.18 11.82 -11.00
CA ARG A 41 -25.23 10.83 -10.80
C ARG A 41 -25.76 10.93 -9.37
N GLY A 42 -25.03 11.62 -8.53
CA GLY A 42 -25.37 11.70 -7.12
C GLY A 42 -26.71 12.36 -6.87
N ASP A 43 -26.99 13.41 -7.63
CA ASP A 43 -28.24 14.14 -7.48
C ASP A 43 -29.40 13.38 -8.11
N ALA A 44 -29.08 12.28 -8.75
CA ALA A 44 -30.07 11.41 -9.35
C ALA A 44 -29.99 10.02 -8.74
N GLY B 1 25.85 -18.21 -3.46
CA GLY B 1 25.60 -19.51 -2.88
C GLY B 1 26.25 -19.67 -1.52
N PRO B 2 27.53 -20.02 -1.47
CA PRO B 2 28.28 -20.18 -0.21
C PRO B 2 28.59 -18.84 0.44
N LEU B 3 27.57 -18.21 1.01
CA LEU B 3 27.72 -16.91 1.63
C LEU B 3 27.51 -16.96 3.14
N GLY B 4 27.13 -18.13 3.63
CA GLY B 4 26.97 -18.31 5.06
C GLY B 4 25.52 -18.21 5.49
N SER B 5 25.32 -17.99 6.78
CA SER B 5 23.99 -17.90 7.33
C SER B 5 23.45 -16.48 7.25
N SER B 6 22.51 -16.26 6.32
CA SER B 6 21.91 -14.95 6.07
C SER B 6 22.90 -14.00 5.40
N VAL B 7 22.47 -13.44 4.28
CA VAL B 7 23.31 -12.52 3.52
C VAL B 7 22.83 -11.08 3.71
N SER B 8 23.78 -10.16 3.73
CA SER B 8 23.52 -8.77 4.02
C SER B 8 22.73 -8.09 2.90
N GLU B 9 22.97 -8.52 1.65
CA GLU B 9 22.25 -7.97 0.50
C GLU B 9 20.76 -8.25 0.61
N LEU B 10 20.43 -9.37 1.25
CA LEU B 10 19.04 -9.75 1.45
C LEU B 10 18.43 -8.84 2.52
N GLU B 11 19.05 -8.81 3.70
CA GLU B 11 18.49 -8.09 4.82
C GLU B 11 18.44 -6.58 4.58
N GLN B 12 19.43 -6.03 3.88
CA GLN B 12 19.45 -4.59 3.61
C GLN B 12 18.23 -4.18 2.79
N ARG B 13 17.82 -5.05 1.87
CA ARG B 13 16.65 -4.80 1.05
C ARG B 13 15.38 -5.24 1.77
N LEU B 14 15.54 -6.19 2.67
CA LEU B 14 14.43 -6.68 3.48
C LEU B 14 13.95 -5.60 4.45
N ARG B 15 14.89 -5.02 5.18
CA ARG B 15 14.56 -3.91 6.07
C ARG B 15 14.01 -2.74 5.25
N ASP B 16 14.52 -2.63 4.04
CA ASP B 16 14.07 -1.61 3.10
C ASP B 16 12.60 -1.84 2.73
N VAL B 17 12.29 -3.03 2.23
CA VAL B 17 10.94 -3.32 1.75
C VAL B 17 9.92 -3.28 2.88
N LYS B 18 10.35 -3.61 4.10
CA LYS B 18 9.43 -3.58 5.24
C LYS B 18 9.02 -2.16 5.57
N ASN B 19 9.99 -1.27 5.63
CA ASN B 19 9.69 0.16 5.78
C ASN B 19 8.80 0.63 4.63
N THR B 20 9.12 0.16 3.43
CA THR B 20 8.35 0.45 2.23
C THR B 20 6.89 -0.01 2.36
N ASN B 21 6.70 -1.27 2.77
CA ASN B 21 5.36 -1.83 2.90
C ASN B 21 4.55 -1.10 3.97
N SER B 22 5.24 -0.68 5.02
CA SER B 22 4.58 0.07 6.08
C SER B 22 3.99 1.37 5.54
N ARG B 23 4.73 2.00 4.63
CA ARG B 23 4.30 3.27 4.04
C ARG B 23 3.11 3.08 3.11
N PHE B 24 3.08 1.96 2.40
CA PHE B 24 1.95 1.68 1.52
C PHE B 24 0.73 1.23 2.32
N ARG B 25 0.96 0.57 3.44
CA ARG B 25 -0.14 0.20 4.35
C ARG B 25 -0.76 1.43 4.98
N LYS B 26 0.08 2.44 5.23
CA LYS B 26 -0.42 3.71 5.74
C LYS B 26 -1.31 4.37 4.70
N ALA B 27 -0.79 4.49 3.49
CA ALA B 27 -1.51 5.10 2.38
C ALA B 27 -2.81 4.35 2.09
N LEU B 28 -2.78 3.03 2.29
CA LEU B 28 -3.95 2.20 2.06
C LEU B 28 -5.14 2.71 2.87
N MET B 29 -4.94 2.88 4.17
CA MET B 29 -6.02 3.30 5.06
C MET B 29 -6.42 4.74 4.78
N GLU B 30 -5.48 5.51 4.24
CA GLU B 30 -5.73 6.89 3.89
C GLU B 30 -6.72 6.97 2.74
N LYS B 31 -6.47 6.15 1.72
CA LYS B 31 -7.33 6.08 0.54
C LYS B 31 -8.71 5.58 0.93
N GLU B 32 -8.77 4.69 1.91
CA GLU B 32 -10.04 4.17 2.41
C GLU B 32 -10.85 5.29 3.05
N ASN B 33 -10.17 6.23 3.69
CA ASN B 33 -10.85 7.36 4.33
C ASN B 33 -11.53 8.23 3.29
N GLU B 34 -10.87 8.40 2.16
CA GLU B 34 -11.43 9.18 1.06
C GLU B 34 -12.52 8.40 0.35
N LEU B 35 -12.31 7.09 0.23
CA LEU B 35 -13.29 6.21 -0.39
C LEU B 35 -14.62 6.27 0.34
N GLN B 36 -14.59 6.05 1.66
CA GLN B 36 -15.79 6.10 2.47
C GLN B 36 -16.39 7.50 2.46
N ALA B 37 -15.52 8.50 2.52
CA ALA B 37 -15.96 9.89 2.48
C ALA B 37 -16.79 10.16 1.23
N LEU B 38 -16.31 9.68 0.09
CA LEU B 38 -17.04 9.82 -1.17
C LEU B 38 -18.37 9.10 -1.10
N ILE B 39 -18.35 7.88 -0.56
CA ILE B 39 -19.57 7.09 -0.39
C ILE B 39 -20.56 7.80 0.53
N ARG B 40 -20.04 8.46 1.55
CA ARG B 40 -20.85 9.29 2.43
C ARG B 40 -21.40 10.49 1.67
N LYS B 41 -20.74 10.85 0.58
CA LYS B 41 -21.18 11.92 -0.29
C LYS B 41 -22.12 11.40 -1.38
N LEU B 42 -22.01 10.10 -1.68
CA LEU B 42 -22.94 9.42 -2.56
C LEU B 42 -24.34 9.48 -1.99
N GLY B 43 -24.46 9.14 -0.72
CA GLY B 43 -25.74 9.14 -0.04
C GLY B 43 -25.79 8.06 1.02
N PRO B 44 -25.45 8.38 2.28
CA PRO B 44 -25.40 7.40 3.36
C PRO B 44 -26.77 6.85 3.74
N GLU B 45 -26.80 6.11 4.82
CA GLU B 45 -28.01 5.48 5.32
C GLU B 45 -28.90 6.50 6.01
N MET A 1 14.56 -23.94 13.70
CA MET A 1 13.10 -24.04 13.41
C MET A 1 12.63 -22.85 12.59
N ASP A 2 13.18 -21.68 12.88
CA ASP A 2 12.76 -20.45 12.19
C ASP A 2 13.99 -19.73 11.63
N SER A 3 14.56 -20.26 10.56
CA SER A 3 15.73 -19.68 9.94
C SER A 3 15.44 -19.26 8.50
N LYS A 4 14.73 -20.11 7.77
CA LYS A 4 14.33 -19.78 6.42
C LYS A 4 12.95 -19.12 6.43
N GLU A 5 12.32 -19.14 7.59
CA GLU A 5 10.97 -18.63 7.75
C GLU A 5 10.87 -17.14 7.48
N ASP A 6 11.92 -16.39 7.81
CA ASP A 6 11.94 -14.96 7.52
C ASP A 6 12.04 -14.71 6.02
N GLU A 7 12.66 -15.64 5.32
CA GLU A 7 12.75 -15.54 3.87
C GLU A 7 11.37 -15.79 3.28
N GLU A 8 10.64 -16.70 3.89
CA GLU A 8 9.24 -16.95 3.53
C GLU A 8 8.42 -15.69 3.76
N ARG A 9 8.73 -15.00 4.85
CA ARG A 9 8.02 -13.78 5.21
C ARG A 9 8.39 -12.68 4.24
N TYR A 10 9.64 -12.71 3.80
CA TYR A 10 10.13 -11.75 2.83
C TYR A 10 9.33 -11.86 1.54
N GLN A 11 9.17 -13.08 1.04
CA GLN A 11 8.45 -13.32 -0.22
C GLN A 11 7.04 -12.76 -0.13
N LYS A 12 6.38 -13.08 0.97
CA LYS A 12 5.03 -12.62 1.23
C LYS A 12 4.97 -11.09 1.24
N LEU A 13 5.94 -10.48 1.90
CA LEU A 13 5.96 -9.03 2.07
C LEU A 13 6.31 -8.29 0.78
N VAL A 14 7.24 -8.81 -0.02
CA VAL A 14 7.53 -8.18 -1.30
C VAL A 14 6.30 -8.28 -2.18
N THR A 15 5.55 -9.36 -2.00
CA THR A 15 4.32 -9.57 -2.73
C THR A 15 3.27 -8.55 -2.30
N GLU A 16 3.19 -8.29 -1.01
CA GLU A 16 2.29 -7.27 -0.51
C GLU A 16 2.76 -5.89 -0.97
N ASN A 17 4.06 -5.75 -1.15
CA ASN A 17 4.62 -4.54 -1.75
C ASN A 17 4.06 -4.34 -3.15
N GLU A 18 3.87 -5.44 -3.86
CA GLU A 18 3.28 -5.41 -5.20
C GLU A 18 1.82 -4.97 -5.07
N GLN A 19 1.13 -5.61 -4.13
CA GLN A 19 -0.28 -5.39 -3.90
C GLN A 19 -0.59 -3.97 -3.43
N LEU A 20 0.03 -3.54 -2.34
CA LEU A 20 -0.28 -2.25 -1.73
C LEU A 20 -0.22 -1.12 -2.75
N GLN A 21 0.87 -1.06 -3.49
CA GLN A 21 1.04 -0.04 -4.52
C GLN A 21 -0.06 -0.14 -5.57
N ARG A 22 -0.43 -1.37 -5.92
CA ARG A 22 -1.49 -1.61 -6.89
C ARG A 22 -2.82 -1.12 -6.33
N LEU A 23 -3.08 -1.47 -5.08
CA LEU A 23 -4.33 -1.15 -4.44
C LEU A 23 -4.47 0.33 -4.20
N ILE A 24 -3.37 1.00 -3.88
CA ILE A 24 -3.38 2.47 -3.81
C ILE A 24 -3.88 3.03 -5.14
N THR A 25 -3.40 2.46 -6.22
CA THR A 25 -3.78 2.88 -7.55
C THR A 25 -5.24 2.56 -7.84
N GLN A 26 -5.63 1.32 -7.57
CA GLN A 26 -7.01 0.88 -7.71
C GLN A 26 -7.95 1.78 -6.90
N LYS A 27 -7.61 2.01 -5.62
CA LYS A 27 -8.33 2.96 -4.80
C LYS A 27 -8.40 4.33 -5.46
N GLU A 28 -7.25 4.87 -5.79
CA GLU A 28 -7.16 6.17 -6.45
C GLU A 28 -8.01 6.23 -7.73
N GLU A 29 -8.07 5.12 -8.44
CA GLU A 29 -8.91 5.01 -9.63
C GLU A 29 -10.39 5.02 -9.24
N LYS A 30 -10.73 4.13 -8.32
CA LYS A 30 -12.10 3.98 -7.86
C LYS A 30 -12.61 5.26 -7.23
N ILE A 31 -11.75 5.91 -6.46
CA ILE A 31 -12.07 7.19 -5.83
C ILE A 31 -12.51 8.22 -6.87
N ARG A 32 -11.83 8.22 -8.01
CA ARG A 32 -12.13 9.19 -9.06
C ARG A 32 -13.54 8.99 -9.58
N VAL A 33 -13.84 7.76 -9.96
CA VAL A 33 -15.12 7.45 -10.56
C VAL A 33 -16.24 7.47 -9.52
N LEU A 34 -15.93 7.00 -8.30
CA LEU A 34 -16.91 6.95 -7.22
C LEU A 34 -17.40 8.35 -6.87
N ARG A 35 -16.50 9.33 -6.92
CA ARG A 35 -16.85 10.73 -6.74
C ARG A 35 -17.96 11.13 -7.68
N GLN A 36 -17.79 10.83 -8.96
CA GLN A 36 -18.73 11.24 -9.99
C GLN A 36 -20.04 10.46 -9.84
N ARG A 37 -19.94 9.21 -9.41
CA ARG A 37 -21.11 8.39 -9.21
C ARG A 37 -22.00 8.96 -8.10
N LEU A 38 -21.41 9.30 -6.97
CA LEU A 38 -22.19 9.78 -5.84
C LEU A 38 -22.79 11.17 -6.10
N VAL A 39 -22.07 12.01 -6.83
CA VAL A 39 -22.53 13.37 -7.07
C VAL A 39 -23.73 13.40 -8.00
N GLU A 40 -23.62 12.71 -9.12
CA GLU A 40 -24.67 12.69 -10.13
C GLU A 40 -25.88 11.90 -9.64
N ARG A 41 -25.63 10.87 -8.84
CA ARG A 41 -26.71 10.11 -8.24
C ARG A 41 -27.36 10.90 -7.12
N GLY A 42 -26.53 11.59 -6.35
CA GLY A 42 -27.03 12.39 -5.25
C GLY A 42 -27.81 13.59 -5.71
N ASP A 43 -27.57 14.01 -6.95
CA ASP A 43 -28.30 15.13 -7.53
C ASP A 43 -29.68 14.67 -7.99
N ALA A 44 -29.78 13.37 -8.24
CA ALA A 44 -31.02 12.77 -8.69
C ALA A 44 -31.84 12.28 -7.50
N GLY B 1 6.34 -20.52 17.18
CA GLY B 1 6.72 -20.62 15.78
C GLY B 1 7.74 -19.57 15.38
N PRO B 2 7.32 -18.31 15.23
CA PRO B 2 8.21 -17.22 14.78
C PRO B 2 9.28 -16.87 15.82
N LEU B 3 10.47 -17.39 15.60
CA LEU B 3 11.62 -17.05 16.44
C LEU B 3 12.81 -16.80 15.54
N GLY B 4 12.96 -15.55 15.13
CA GLY B 4 13.90 -15.17 14.09
C GLY B 4 15.32 -15.65 14.35
N SER B 5 15.74 -16.60 13.53
CA SER B 5 17.12 -17.09 13.56
C SER B 5 17.68 -17.05 12.14
N SER B 6 17.27 -16.03 11.40
CA SER B 6 17.62 -15.90 10.00
C SER B 6 18.91 -15.11 9.84
N VAL B 7 19.59 -15.32 8.71
CA VAL B 7 20.86 -14.68 8.44
C VAL B 7 20.69 -13.17 8.25
N SER B 8 21.69 -12.40 8.67
CA SER B 8 21.63 -10.95 8.66
C SER B 8 21.15 -10.39 7.32
N GLU B 9 21.89 -10.70 6.26
CA GLU B 9 21.61 -10.19 4.91
C GLU B 9 20.13 -10.30 4.54
N LEU B 10 19.57 -11.49 4.76
CA LEU B 10 18.16 -11.74 4.47
C LEU B 10 17.28 -10.75 5.23
N GLU B 11 17.52 -10.63 6.53
CA GLU B 11 16.71 -9.78 7.37
C GLU B 11 16.87 -8.30 7.00
N GLN B 12 18.03 -7.93 6.46
CA GLN B 12 18.29 -6.53 6.11
C GLN B 12 17.30 -6.06 5.06
N ARG B 13 17.17 -6.85 4.00
CA ARG B 13 16.26 -6.51 2.93
C ARG B 13 14.81 -6.73 3.36
N LEU B 14 14.64 -7.58 4.35
CA LEU B 14 13.33 -7.83 4.93
C LEU B 14 12.89 -6.63 5.76
N ARG B 15 13.80 -6.08 6.55
CA ARG B 15 13.53 -4.86 7.30
C ARG B 15 13.19 -3.73 6.33
N ASP B 16 13.92 -3.70 5.22
CA ASP B 16 13.72 -2.67 4.21
C ASP B 16 12.35 -2.76 3.58
N VAL B 17 11.95 -3.96 3.17
CA VAL B 17 10.67 -4.14 2.49
C VAL B 17 9.51 -3.95 3.47
N LYS B 18 9.71 -4.26 4.74
CA LYS B 18 8.66 -4.06 5.74
C LYS B 18 8.40 -2.59 5.96
N ASN B 19 9.47 -1.81 6.05
CA ASN B 19 9.35 -0.36 6.10
C ASN B 19 8.66 0.15 4.84
N THR B 20 9.06 -0.40 3.71
CA THR B 20 8.43 -0.12 2.42
C THR B 20 6.92 -0.39 2.48
N ASN B 21 6.55 -1.59 2.93
CA ASN B 21 5.15 -1.99 3.03
C ASN B 21 4.40 -1.10 4.01
N SER B 22 5.06 -0.75 5.12
CA SER B 22 4.48 0.13 6.11
C SER B 22 4.06 1.44 5.48
N ARG B 23 4.94 2.00 4.67
CA ARG B 23 4.71 3.25 4.01
C ARG B 23 3.49 3.21 3.10
N PHE B 24 3.40 2.15 2.31
CA PHE B 24 2.30 2.02 1.35
C PHE B 24 0.98 1.74 2.04
N ARG B 25 1.00 0.93 3.10
CA ARG B 25 -0.24 0.62 3.82
C ARG B 25 -0.72 1.84 4.61
N LYS B 26 0.23 2.71 4.99
CA LYS B 26 -0.13 3.99 5.57
C LYS B 26 -0.89 4.83 4.55
N ALA B 27 -0.38 4.86 3.33
CA ALA B 27 -1.01 5.62 2.26
C ALA B 27 -2.34 4.97 1.87
N LEU B 28 -2.39 3.66 1.99
CA LEU B 28 -3.56 2.90 1.59
C LEU B 28 -4.69 3.09 2.60
N MET B 29 -4.34 3.23 3.88
CA MET B 29 -5.34 3.47 4.92
C MET B 29 -5.90 4.88 4.75
N GLU B 30 -5.10 5.74 4.13
CA GLU B 30 -5.52 7.09 3.81
C GLU B 30 -6.50 7.05 2.65
N LYS B 31 -6.19 6.23 1.66
CA LYS B 31 -7.11 5.97 0.55
C LYS B 31 -8.44 5.44 1.06
N GLU B 32 -8.38 4.58 2.07
CA GLU B 32 -9.58 4.02 2.68
C GLU B 32 -10.43 5.12 3.29
N ASN B 33 -9.78 6.17 3.78
CA ASN B 33 -10.49 7.30 4.38
C ASN B 33 -11.30 8.05 3.35
N GLU B 34 -10.70 8.27 2.18
CA GLU B 34 -11.40 8.94 1.09
C GLU B 34 -12.49 8.02 0.55
N LEU B 35 -12.16 6.74 0.46
CA LEU B 35 -13.09 5.72 -0.03
C LEU B 35 -14.37 5.71 0.81
N GLN B 36 -14.22 5.57 2.12
CA GLN B 36 -15.36 5.52 3.03
C GLN B 36 -16.12 6.84 3.02
N ALA B 37 -15.38 7.94 2.98
CA ALA B 37 -15.98 9.26 2.93
C ALA B 37 -16.92 9.39 1.75
N LEU B 38 -16.45 8.95 0.58
CA LEU B 38 -17.27 8.94 -0.62
C LEU B 38 -18.50 8.08 -0.42
N ILE B 39 -18.31 6.89 0.15
CA ILE B 39 -19.40 5.96 0.42
C ILE B 39 -20.41 6.56 1.40
N ARG B 40 -19.92 7.30 2.39
CA ARG B 40 -20.79 8.02 3.31
C ARG B 40 -21.62 9.06 2.54
N LYS B 41 -21.06 9.53 1.43
CA LYS B 41 -21.71 10.52 0.59
C LYS B 41 -22.62 9.83 -0.43
N LEU B 42 -22.36 8.55 -0.70
CA LEU B 42 -23.23 7.74 -1.54
C LEU B 42 -24.63 7.68 -0.93
N GLY B 43 -24.68 7.41 0.37
CA GLY B 43 -25.94 7.39 1.07
C GLY B 43 -26.07 6.27 2.08
N PRO B 44 -26.29 5.03 1.61
CA PRO B 44 -26.56 3.89 2.50
C PRO B 44 -25.35 3.42 3.29
N GLU B 45 -25.51 2.28 3.92
CA GLU B 45 -24.49 1.68 4.75
C GLU B 45 -23.47 0.95 3.88
N MET A 1 19.27 -14.01 10.98
CA MET A 1 19.39 -15.45 11.27
C MET A 1 19.75 -16.21 10.01
N ASP A 2 21.02 -16.59 9.91
CA ASP A 2 21.57 -17.20 8.70
C ASP A 2 21.38 -16.25 7.52
N SER A 3 20.45 -16.58 6.63
CA SER A 3 20.11 -15.73 5.50
C SER A 3 18.81 -16.20 4.88
N LYS A 4 18.65 -17.51 4.82
CA LYS A 4 17.48 -18.13 4.19
C LYS A 4 16.19 -17.67 4.86
N GLU A 5 16.19 -17.65 6.19
CA GLU A 5 15.01 -17.24 6.94
C GLU A 5 14.67 -15.78 6.67
N ASP A 6 15.67 -14.93 6.70
CA ASP A 6 15.47 -13.50 6.46
C ASP A 6 15.08 -13.25 5.02
N GLU A 7 15.64 -14.03 4.12
CA GLU A 7 15.38 -13.87 2.70
C GLU A 7 13.94 -14.24 2.36
N GLU A 8 13.44 -15.33 2.93
CA GLU A 8 12.07 -15.74 2.64
C GLU A 8 11.07 -14.84 3.36
N ARG A 9 11.55 -14.07 4.35
CA ARG A 9 10.76 -12.99 4.92
C ARG A 9 10.68 -11.86 3.90
N TYR A 10 11.84 -11.56 3.33
CA TYR A 10 11.97 -10.50 2.34
C TYR A 10 11.06 -10.75 1.15
N GLN A 11 11.13 -11.96 0.60
CA GLN A 11 10.34 -12.32 -0.59
C GLN A 11 8.86 -12.08 -0.33
N LYS A 12 8.43 -12.49 0.85
CA LYS A 12 7.05 -12.31 1.27
C LYS A 12 6.66 -10.84 1.26
N LEU A 13 7.47 -10.01 1.93
CA LEU A 13 7.17 -8.60 2.08
C LEU A 13 7.15 -7.86 0.75
N VAL A 14 8.09 -8.16 -0.15
CA VAL A 14 8.08 -7.51 -1.45
C VAL A 14 6.82 -7.90 -2.22
N THR A 15 6.41 -9.15 -2.08
CA THR A 15 5.28 -9.67 -2.84
C THR A 15 3.98 -9.01 -2.40
N GLU A 16 3.77 -8.88 -1.11
CA GLU A 16 2.60 -8.20 -0.60
C GLU A 16 2.69 -6.71 -0.92
N ASN A 17 3.91 -6.23 -1.06
CA ASN A 17 4.15 -4.84 -1.43
C ASN A 17 3.69 -4.57 -2.86
N GLU A 18 3.82 -5.58 -3.72
CA GLU A 18 3.30 -5.50 -5.08
C GLU A 18 1.80 -5.24 -5.01
N GLN A 19 1.16 -6.05 -4.18
CA GLN A 19 -0.29 -6.02 -3.99
C GLN A 19 -0.76 -4.69 -3.45
N LEU A 20 -0.07 -4.19 -2.42
CA LEU A 20 -0.43 -2.92 -1.80
C LEU A 20 -0.54 -1.81 -2.84
N GLN A 21 0.48 -1.68 -3.68
CA GLN A 21 0.50 -0.66 -4.73
C GLN A 21 -0.64 -0.87 -5.72
N ARG A 22 -0.95 -2.12 -6.00
CA ARG A 22 -2.03 -2.47 -6.89
C ARG A 22 -3.35 -1.99 -6.31
N LEU A 23 -3.55 -2.23 -5.01
CA LEU A 23 -4.77 -1.81 -4.35
C LEU A 23 -4.87 -0.30 -4.27
N ILE A 24 -3.79 0.36 -3.82
CA ILE A 24 -3.77 1.83 -3.77
C ILE A 24 -4.21 2.41 -5.11
N THR A 25 -3.79 1.77 -6.18
CA THR A 25 -4.14 2.21 -7.52
C THR A 25 -5.64 2.04 -7.75
N GLN A 26 -6.15 0.87 -7.42
CA GLN A 26 -7.58 0.58 -7.53
C GLN A 26 -8.40 1.54 -6.66
N LYS A 27 -7.93 1.82 -5.45
CA LYS A 27 -8.60 2.76 -4.56
C LYS A 27 -8.59 4.14 -5.22
N GLU A 28 -7.39 4.58 -5.59
CA GLU A 28 -7.18 5.87 -6.24
C GLU A 28 -8.03 6.03 -7.50
N GLU A 29 -8.07 4.98 -8.32
CA GLU A 29 -8.90 4.97 -9.52
C GLU A 29 -10.35 5.26 -9.17
N LYS A 30 -10.85 4.55 -8.17
CA LYS A 30 -12.22 4.71 -7.73
C LYS A 30 -12.42 6.10 -7.11
N ILE A 31 -11.47 6.52 -6.28
CA ILE A 31 -11.53 7.83 -5.65
C ILE A 31 -11.70 8.94 -6.69
N ARG A 32 -11.02 8.78 -7.82
CA ARG A 32 -11.05 9.79 -8.88
C ARG A 32 -12.47 9.95 -9.40
N VAL A 33 -13.08 8.86 -9.80
CA VAL A 33 -14.40 8.89 -10.38
C VAL A 33 -15.46 9.14 -9.31
N LEU A 34 -15.18 8.67 -8.11
CA LEU A 34 -16.06 8.83 -6.97
C LEU A 34 -16.26 10.31 -6.66
N ARG A 35 -15.15 11.04 -6.62
CA ARG A 35 -15.19 12.50 -6.47
C ARG A 35 -16.02 13.13 -7.58
N GLN A 36 -15.75 12.71 -8.82
CA GLN A 36 -16.38 13.30 -10.00
C GLN A 36 -17.90 13.24 -9.93
N ARG A 37 -18.43 12.21 -9.28
CA ARG A 37 -19.86 12.08 -9.11
C ARG A 37 -20.43 13.22 -8.27
N LEU A 38 -19.91 13.36 -7.05
CA LEU A 38 -20.47 14.31 -6.09
C LEU A 38 -20.17 15.75 -6.48
N VAL A 39 -19.18 15.96 -7.34
CA VAL A 39 -18.79 17.31 -7.70
C VAL A 39 -19.66 17.88 -8.83
N GLU A 40 -19.68 17.21 -9.96
CA GLU A 40 -20.39 17.73 -11.12
C GLU A 40 -21.89 17.49 -11.03
N ARG A 41 -22.29 16.47 -10.30
CA ARG A 41 -23.71 16.19 -10.09
C ARG A 41 -24.16 16.74 -8.75
N GLY A 42 -23.19 17.12 -7.94
CA GLY A 42 -23.49 17.72 -6.65
C GLY A 42 -23.50 19.23 -6.74
N ASP A 43 -22.31 19.81 -6.86
CA ASP A 43 -22.13 21.25 -6.95
C ASP A 43 -22.64 21.92 -5.69
N ALA A 44 -22.36 21.29 -4.56
CA ALA A 44 -22.78 21.77 -3.26
C ALA A 44 -22.02 21.04 -2.16
N GLY B 1 23.87 -7.18 16.45
CA GLY B 1 25.07 -7.75 17.00
C GLY B 1 26.01 -8.27 15.93
N PRO B 2 26.43 -9.54 16.03
CA PRO B 2 27.35 -10.14 15.06
C PRO B 2 26.64 -10.74 13.85
N LEU B 3 27.16 -10.42 12.67
CA LEU B 3 26.65 -11.00 11.42
C LEU B 3 27.73 -11.84 10.76
N GLY B 4 27.68 -13.14 10.99
CA GLY B 4 28.68 -14.03 10.45
C GLY B 4 28.32 -14.55 9.07
N SER B 5 27.72 -15.72 9.02
CA SER B 5 27.32 -16.33 7.76
C SER B 5 26.00 -15.73 7.27
N SER B 6 25.98 -14.42 7.15
CA SER B 6 24.80 -13.70 6.73
C SER B 6 25.18 -12.59 5.76
N VAL B 7 24.46 -12.50 4.65
CA VAL B 7 24.71 -11.45 3.69
C VAL B 7 24.03 -10.17 4.16
N SER B 8 24.77 -9.08 4.08
CA SER B 8 24.35 -7.81 4.65
C SER B 8 23.26 -7.15 3.82
N GLU B 9 23.45 -7.16 2.52
CA GLU B 9 22.52 -6.53 1.57
C GLU B 9 21.09 -7.03 1.77
N LEU B 10 20.95 -8.29 2.17
CA LEU B 10 19.62 -8.88 2.36
C LEU B 10 18.85 -8.14 3.44
N GLU B 11 19.40 -8.08 4.64
CA GLU B 11 18.67 -7.54 5.77
C GLU B 11 18.52 -6.02 5.67
N GLN B 12 19.45 -5.37 4.99
CA GLN B 12 19.34 -3.93 4.75
C GLN B 12 18.17 -3.64 3.85
N ARG B 13 18.03 -4.46 2.82
CA ARG B 13 16.91 -4.34 1.90
C ARG B 13 15.62 -4.80 2.58
N LEU B 14 15.76 -5.70 3.55
CA LEU B 14 14.63 -6.20 4.31
C LEU B 14 14.06 -5.10 5.20
N ARG B 15 14.91 -4.48 6.00
CA ARG B 15 14.50 -3.31 6.79
C ARG B 15 13.94 -2.23 5.87
N ASP B 16 14.56 -2.13 4.70
CA ASP B 16 14.15 -1.16 3.69
C ASP B 16 12.73 -1.43 3.22
N VAL B 17 12.49 -2.64 2.70
CA VAL B 17 11.18 -2.96 2.16
C VAL B 17 10.11 -3.01 3.25
N LYS B 18 10.51 -3.30 4.48
CA LYS B 18 9.58 -3.28 5.60
C LYS B 18 9.04 -1.87 5.81
N ASN B 19 9.95 -0.91 5.87
CA ASN B 19 9.56 0.50 5.95
C ASN B 19 8.78 0.92 4.71
N THR B 20 9.14 0.33 3.58
CA THR B 20 8.42 0.51 2.33
C THR B 20 6.97 0.04 2.45
N ASN B 21 6.79 -1.16 3.00
CA ASN B 21 5.48 -1.78 3.09
C ASN B 21 4.57 -1.03 4.04
N SER B 22 5.11 -0.54 5.15
CA SER B 22 4.32 0.21 6.10
C SER B 22 3.79 1.49 5.45
N ARG B 23 4.61 2.10 4.60
CA ARG B 23 4.20 3.29 3.85
C ARG B 23 2.96 3.00 3.02
N PHE B 24 3.00 1.93 2.24
CA PHE B 24 1.88 1.59 1.36
C PHE B 24 0.66 1.13 2.15
N ARG B 25 0.89 0.39 3.23
CA ARG B 25 -0.21 -0.05 4.09
C ARG B 25 -0.86 1.15 4.77
N LYS B 26 -0.03 2.12 5.15
CA LYS B 26 -0.53 3.38 5.67
C LYS B 26 -1.36 4.09 4.61
N ALA B 27 -0.79 4.20 3.40
CA ALA B 27 -1.46 4.87 2.29
C ALA B 27 -2.81 4.23 1.98
N LEU B 28 -2.87 2.91 2.10
CA LEU B 28 -4.08 2.18 1.80
C LEU B 28 -5.21 2.57 2.74
N MET B 29 -4.92 2.61 4.04
CA MET B 29 -5.94 2.96 5.03
C MET B 29 -6.35 4.41 4.85
N GLU B 30 -5.44 5.20 4.29
CA GLU B 30 -5.70 6.61 4.02
C GLU B 30 -6.60 6.76 2.79
N LYS B 31 -6.27 6.03 1.73
CA LYS B 31 -7.09 6.00 0.53
C LYS B 31 -8.51 5.53 0.86
N GLU B 32 -8.60 4.59 1.80
CA GLU B 32 -9.88 4.09 2.26
C GLU B 32 -10.68 5.20 2.95
N ASN B 33 -9.98 6.14 3.59
CA ASN B 33 -10.65 7.25 4.25
C ASN B 33 -11.40 8.11 3.24
N GLU B 34 -10.69 8.56 2.20
CA GLU B 34 -11.30 9.35 1.14
C GLU B 34 -12.41 8.56 0.46
N LEU B 35 -12.17 7.27 0.27
CA LEU B 35 -13.14 6.38 -0.35
C LEU B 35 -14.48 6.46 0.39
N GLN B 36 -14.41 6.29 1.71
CA GLN B 36 -15.62 6.37 2.54
C GLN B 36 -16.14 7.79 2.61
N ALA B 37 -15.23 8.74 2.76
CA ALA B 37 -15.58 10.16 2.86
C ALA B 37 -16.44 10.60 1.68
N LEU B 38 -15.99 10.26 0.48
CA LEU B 38 -16.71 10.60 -0.74
C LEU B 38 -18.09 9.96 -0.77
N ILE B 39 -18.16 8.69 -0.40
CA ILE B 39 -19.43 7.99 -0.26
C ILE B 39 -20.32 8.65 0.78
N ARG B 40 -19.72 9.12 1.87
CA ARG B 40 -20.44 9.84 2.91
C ARG B 40 -20.98 11.16 2.38
N LYS B 41 -20.27 11.73 1.42
CA LYS B 41 -20.68 12.98 0.78
C LYS B 41 -21.72 12.70 -0.30
N LEU B 42 -21.58 11.57 -0.97
CA LEU B 42 -22.51 11.12 -1.98
C LEU B 42 -23.85 10.70 -1.39
N GLY B 43 -23.77 9.99 -0.27
CA GLY B 43 -24.95 9.43 0.36
C GLY B 43 -24.67 8.05 0.88
N PRO B 44 -24.20 7.93 2.12
CA PRO B 44 -23.81 6.65 2.70
C PRO B 44 -24.97 5.80 3.17
N GLU B 45 -24.65 4.85 4.00
CA GLU B 45 -25.63 3.93 4.56
C GLU B 45 -25.87 4.24 6.02
N MET A 1 22.82 -18.87 11.10
CA MET A 1 22.84 -18.55 9.66
C MET A 1 22.41 -17.11 9.42
N ASP A 2 22.90 -16.52 8.33
CA ASP A 2 22.60 -15.12 8.02
C ASP A 2 22.25 -14.94 6.55
N SER A 3 21.13 -15.53 6.13
CA SER A 3 20.61 -15.31 4.78
C SER A 3 19.24 -15.96 4.60
N LYS A 4 19.18 -17.27 4.83
CA LYS A 4 17.98 -18.06 4.53
C LYS A 4 16.72 -17.50 5.17
N GLU A 5 16.83 -17.03 6.41
CA GLU A 5 15.66 -16.56 7.16
C GLU A 5 15.30 -15.15 6.74
N ASP A 6 16.31 -14.40 6.34
CA ASP A 6 16.12 -13.02 5.96
C ASP A 6 15.49 -12.93 4.58
N GLU A 7 16.01 -13.71 3.65
CA GLU A 7 15.57 -13.65 2.26
C GLU A 7 14.15 -14.21 2.10
N GLU A 8 13.78 -15.20 2.90
CA GLU A 8 12.44 -15.77 2.82
C GLU A 8 11.41 -14.73 3.26
N ARG A 9 11.82 -13.87 4.18
CA ARG A 9 10.95 -12.80 4.65
C ARG A 9 10.88 -11.71 3.59
N TYR A 10 12.00 -11.51 2.91
CA TYR A 10 12.09 -10.55 1.83
C TYR A 10 11.13 -10.92 0.71
N GLN A 11 11.09 -12.20 0.34
CA GLN A 11 10.21 -12.69 -0.72
C GLN A 11 8.76 -12.31 -0.42
N LYS A 12 8.35 -12.63 0.80
CA LYS A 12 7.01 -12.34 1.26
C LYS A 12 6.70 -10.84 1.19
N LEU A 13 7.63 -10.05 1.70
CA LEU A 13 7.40 -8.61 1.84
C LEU A 13 7.33 -7.90 0.50
N VAL A 14 8.13 -8.31 -0.48
CA VAL A 14 8.00 -7.72 -1.81
C VAL A 14 6.69 -8.16 -2.44
N THR A 15 6.29 -9.38 -2.11
CA THR A 15 5.04 -9.95 -2.60
C THR A 15 3.86 -9.14 -2.06
N GLU A 16 3.91 -8.84 -0.77
CA GLU A 16 2.90 -8.00 -0.15
C GLU A 16 2.96 -6.59 -0.76
N ASN A 17 4.17 -6.13 -1.02
CA ASN A 17 4.39 -4.82 -1.64
C ASN A 17 3.64 -4.71 -2.97
N GLU A 18 3.64 -5.79 -3.74
CA GLU A 18 2.93 -5.82 -5.01
C GLU A 18 1.45 -5.53 -4.76
N GLN A 19 0.93 -6.19 -3.74
CA GLN A 19 -0.47 -6.09 -3.35
C GLN A 19 -0.85 -4.67 -2.94
N LEU A 20 -0.19 -4.13 -1.91
CA LEU A 20 -0.43 -2.78 -1.45
C LEU A 20 -0.47 -1.77 -2.59
N GLN A 21 0.58 -1.74 -3.40
CA GLN A 21 0.67 -0.80 -4.51
C GLN A 21 -0.44 -1.05 -5.54
N ARG A 22 -0.78 -2.34 -5.73
CA ARG A 22 -1.87 -2.70 -6.63
C ARG A 22 -3.15 -2.03 -6.18
N LEU A 23 -3.42 -2.17 -4.88
CA LEU A 23 -4.64 -1.66 -4.32
C LEU A 23 -4.66 -0.15 -4.32
N ILE A 24 -3.58 0.49 -3.86
CA ILE A 24 -3.49 1.93 -3.90
C ILE A 24 -3.82 2.45 -5.29
N THR A 25 -3.33 1.73 -6.30
CA THR A 25 -3.60 2.06 -7.68
C THR A 25 -5.11 2.04 -7.96
N GLN A 26 -5.73 0.93 -7.59
CA GLN A 26 -7.17 0.75 -7.73
C GLN A 26 -7.96 1.76 -6.89
N LYS A 27 -7.49 2.00 -5.66
CA LYS A 27 -8.18 2.90 -4.73
C LYS A 27 -8.20 4.31 -5.28
N GLU A 28 -7.01 4.84 -5.60
CA GLU A 28 -6.88 6.20 -6.10
C GLU A 28 -7.69 6.40 -7.37
N GLU A 29 -7.71 5.38 -8.21
CA GLU A 29 -8.47 5.40 -9.44
C GLU A 29 -9.97 5.50 -9.15
N LYS A 30 -10.43 4.63 -8.27
CA LYS A 30 -11.83 4.61 -7.87
C LYS A 30 -12.21 5.91 -7.20
N ILE A 31 -11.37 6.38 -6.29
CA ILE A 31 -11.59 7.66 -5.61
C ILE A 31 -11.73 8.79 -6.62
N ARG A 32 -10.95 8.71 -7.69
CA ARG A 32 -10.95 9.74 -8.73
C ARG A 32 -12.31 9.85 -9.38
N VAL A 33 -12.79 8.75 -9.94
CA VAL A 33 -14.05 8.71 -10.63
C VAL A 33 -15.23 8.80 -9.67
N LEU A 34 -15.01 8.38 -8.43
CA LEU A 34 -16.04 8.43 -7.41
C LEU A 34 -16.47 9.86 -7.17
N ARG A 35 -15.50 10.75 -6.99
CA ARG A 35 -15.77 12.19 -6.85
C ARG A 35 -16.65 12.69 -7.98
N GLN A 36 -16.34 12.23 -9.19
CA GLN A 36 -17.02 12.71 -10.40
C GLN A 36 -18.49 12.29 -10.40
N ARG A 37 -18.81 11.22 -9.69
CA ARG A 37 -20.17 10.72 -9.65
C ARG A 37 -21.08 11.60 -8.79
N LEU A 38 -20.56 12.14 -7.69
CA LEU A 38 -21.38 12.98 -6.83
C LEU A 38 -21.43 14.43 -7.33
N VAL A 39 -20.34 14.89 -7.93
CA VAL A 39 -20.29 16.28 -8.41
C VAL A 39 -21.29 16.53 -9.54
N GLU A 40 -21.30 15.65 -10.52
CA GLU A 40 -22.14 15.81 -11.70
C GLU A 40 -23.60 15.46 -11.43
N ARG A 41 -23.91 15.05 -10.20
CA ARG A 41 -25.30 14.86 -9.81
C ARG A 41 -25.71 16.00 -8.90
N GLY A 42 -24.72 16.58 -8.25
CA GLY A 42 -24.93 17.76 -7.45
C GLY A 42 -24.69 19.02 -8.27
N ASP A 43 -23.50 19.58 -8.12
CA ASP A 43 -23.09 20.75 -8.89
C ASP A 43 -21.66 21.12 -8.53
N ALA A 44 -20.71 20.38 -9.10
CA ALA A 44 -19.29 20.56 -8.83
C ALA A 44 -18.99 20.33 -7.35
N GLY B 1 27.44 -12.16 -12.33
CA GLY B 1 28.64 -12.83 -11.91
C GLY B 1 28.73 -12.92 -10.40
N PRO B 2 29.76 -13.58 -9.84
CA PRO B 2 29.96 -13.68 -8.40
C PRO B 2 30.45 -12.38 -7.79
N LEU B 3 29.51 -11.52 -7.40
CA LEU B 3 29.85 -10.22 -6.82
C LEU B 3 30.13 -10.33 -5.33
N GLY B 4 29.88 -11.51 -4.78
CA GLY B 4 30.05 -11.69 -3.35
C GLY B 4 28.82 -11.27 -2.60
N SER B 5 27.66 -11.64 -3.12
CA SER B 5 26.39 -11.25 -2.54
C SER B 5 26.12 -12.00 -1.25
N SER B 6 25.98 -11.24 -0.16
CA SER B 6 25.67 -11.79 1.13
C SER B 6 24.37 -11.19 1.65
N VAL B 7 24.12 -11.31 2.94
CA VAL B 7 22.88 -10.79 3.50
C VAL B 7 22.94 -9.27 3.67
N SER B 8 24.07 -8.71 3.30
CA SER B 8 24.29 -7.28 3.42
C SER B 8 23.47 -6.52 2.39
N GLU B 9 23.67 -6.85 1.13
CA GLU B 9 22.91 -6.24 0.04
C GLU B 9 21.46 -6.75 0.06
N LEU B 10 21.25 -7.89 0.70
CA LEU B 10 19.92 -8.45 0.84
C LEU B 10 19.13 -7.65 1.87
N GLU B 11 19.73 -7.44 3.04
CA GLU B 11 19.03 -6.79 4.15
C GLU B 11 18.72 -5.33 3.83
N GLN B 12 19.56 -4.68 3.02
CA GLN B 12 19.31 -3.30 2.65
C GLN B 12 18.06 -3.20 1.77
N ARG B 13 17.85 -4.21 0.93
CA ARG B 13 16.65 -4.28 0.11
C ARG B 13 15.46 -4.65 0.99
N LEU B 14 15.75 -5.48 1.98
CA LEU B 14 14.74 -5.96 2.92
C LEU B 14 14.22 -4.81 3.79
N ARG B 15 15.14 -4.02 4.34
CA ARG B 15 14.76 -2.87 5.13
C ARG B 15 13.97 -1.89 4.28
N ASP B 16 14.44 -1.75 3.06
CA ASP B 16 13.82 -0.86 2.08
C ASP B 16 12.38 -1.27 1.81
N VAL B 17 12.15 -2.54 1.54
CA VAL B 17 10.81 -3.01 1.20
C VAL B 17 9.91 -3.00 2.44
N LYS B 18 10.49 -3.21 3.63
CA LYS B 18 9.71 -3.15 4.86
C LYS B 18 9.21 -1.75 5.12
N ASN B 19 10.10 -0.78 4.99
CA ASN B 19 9.72 0.63 5.08
C ASN B 19 8.70 0.97 4.00
N THR B 20 8.89 0.37 2.83
CA THR B 20 7.97 0.50 1.71
C THR B 20 6.56 0.00 2.09
N ASN B 21 6.50 -1.24 2.57
CA ASN B 21 5.22 -1.86 2.91
C ASN B 21 4.51 -1.09 4.02
N SER B 22 5.25 -0.76 5.07
CA SER B 22 4.67 -0.04 6.21
C SER B 22 4.08 1.30 5.77
N ARG B 23 4.67 1.92 4.77
CA ARG B 23 4.24 3.20 4.29
C ARG B 23 2.93 3.04 3.52
N PHE B 24 2.86 2.02 2.68
CA PHE B 24 1.68 1.79 1.85
C PHE B 24 0.51 1.26 2.67
N ARG B 25 0.79 0.41 3.67
CA ARG B 25 -0.25 -0.03 4.61
C ARG B 25 -1.04 1.16 5.14
N LYS B 26 -0.34 2.25 5.46
CA LYS B 26 -1.00 3.45 5.95
C LYS B 26 -1.66 4.21 4.82
N ALA B 27 -1.00 4.26 3.67
CA ALA B 27 -1.56 4.94 2.51
C ALA B 27 -2.89 4.34 2.10
N LEU B 28 -3.02 3.03 2.25
CA LEU B 28 -4.24 2.33 1.94
C LEU B 28 -5.37 2.71 2.90
N MET B 29 -5.05 2.87 4.17
CA MET B 29 -6.07 3.22 5.15
C MET B 29 -6.55 4.64 4.87
N GLU B 30 -5.65 5.46 4.34
CA GLU B 30 -5.96 6.83 3.96
C GLU B 30 -6.90 6.84 2.77
N LYS B 31 -6.63 5.98 1.81
CA LYS B 31 -7.49 5.82 0.64
C LYS B 31 -8.88 5.37 1.05
N GLU B 32 -8.93 4.44 2.00
CA GLU B 32 -10.19 3.95 2.55
C GLU B 32 -10.98 5.08 3.18
N ASN B 33 -10.28 6.04 3.78
CA ASN B 33 -10.92 7.19 4.40
C ASN B 33 -11.57 8.07 3.35
N GLU B 34 -10.80 8.39 2.31
CA GLU B 34 -11.29 9.20 1.20
C GLU B 34 -12.44 8.50 0.48
N LEU B 35 -12.31 7.19 0.35
CA LEU B 35 -13.32 6.37 -0.30
C LEU B 35 -14.69 6.58 0.34
N GLN B 36 -14.80 6.26 1.62
CA GLN B 36 -16.06 6.37 2.34
C GLN B 36 -16.49 7.81 2.49
N ALA B 37 -15.51 8.69 2.61
CA ALA B 37 -15.78 10.13 2.68
C ALA B 37 -16.63 10.58 1.51
N LEU B 38 -16.20 10.23 0.30
CA LEU B 38 -16.95 10.53 -0.91
C LEU B 38 -18.31 9.84 -0.92
N ILE B 39 -18.36 8.61 -0.45
CA ILE B 39 -19.62 7.87 -0.39
C ILE B 39 -20.62 8.50 0.59
N ARG B 40 -20.13 8.99 1.71
CA ARG B 40 -20.98 9.69 2.66
C ARG B 40 -21.27 11.10 2.16
N LYS B 41 -20.49 11.50 1.18
CA LYS B 41 -20.61 12.80 0.53
C LYS B 41 -21.53 12.69 -0.69
N LEU B 42 -21.64 11.46 -1.20
CA LEU B 42 -22.52 11.11 -2.30
C LEU B 42 -23.93 11.63 -2.04
N GLY B 43 -24.44 11.28 -0.88
CA GLY B 43 -25.76 11.69 -0.49
C GLY B 43 -25.73 12.88 0.46
N PRO B 44 -25.59 12.63 1.76
CA PRO B 44 -25.51 13.70 2.77
C PRO B 44 -24.16 14.42 2.78
N GLU B 45 -23.87 15.06 3.89
CA GLU B 45 -22.62 15.79 4.06
C GLU B 45 -21.53 14.86 4.60
N MET A 1 29.78 -12.67 -3.13
CA MET A 1 29.51 -11.38 -2.46
C MET A 1 28.30 -11.49 -1.55
N ASP A 2 28.16 -10.54 -0.65
CA ASP A 2 27.04 -10.55 0.29
C ASP A 2 25.91 -9.64 -0.18
N SER A 3 25.25 -10.04 -1.26
CA SER A 3 24.14 -9.27 -1.81
C SER A 3 22.86 -10.12 -1.82
N LYS A 4 23.03 -11.41 -2.07
CA LYS A 4 21.91 -12.33 -2.22
C LYS A 4 21.11 -12.45 -0.92
N GLU A 5 21.81 -12.44 0.22
CA GLU A 5 21.17 -12.60 1.51
C GLU A 5 20.14 -11.49 1.76
N ASP A 6 20.53 -10.27 1.47
CA ASP A 6 19.63 -9.13 1.64
C ASP A 6 18.54 -9.15 0.59
N GLU A 7 18.89 -9.62 -0.61
CA GLU A 7 17.93 -9.72 -1.69
C GLU A 7 16.83 -10.71 -1.33
N GLU A 8 17.19 -11.78 -0.65
CA GLU A 8 16.21 -12.75 -0.16
C GLU A 8 15.15 -12.08 0.70
N ARG A 9 15.57 -11.11 1.50
CA ARG A 9 14.63 -10.37 2.33
C ARG A 9 13.88 -9.35 1.49
N TYR A 10 14.57 -8.82 0.49
CA TYR A 10 13.98 -7.86 -0.44
C TYR A 10 12.80 -8.47 -1.19
N GLN A 11 13.03 -9.66 -1.75
CA GLN A 11 12.01 -10.33 -2.57
C GLN A 11 10.72 -10.49 -1.78
N LYS A 12 10.87 -10.91 -0.54
CA LYS A 12 9.73 -11.14 0.33
C LYS A 12 8.91 -9.87 0.50
N LEU A 13 9.58 -8.77 0.82
CA LEU A 13 8.91 -7.51 1.11
C LEU A 13 8.27 -6.91 -0.14
N VAL A 14 8.94 -7.01 -1.28
CA VAL A 14 8.38 -6.48 -2.52
C VAL A 14 7.15 -7.28 -2.93
N THR A 15 7.15 -8.56 -2.58
CA THR A 15 6.06 -9.46 -2.93
C THR A 15 4.76 -9.02 -2.25
N GLU A 16 4.84 -8.61 -0.99
CA GLU A 16 3.66 -8.10 -0.30
C GLU A 16 3.35 -6.71 -0.81
N ASN A 17 4.39 -5.98 -1.20
CA ASN A 17 4.24 -4.67 -1.82
C ASN A 17 3.37 -4.75 -3.07
N GLU A 18 3.51 -5.84 -3.83
CA GLU A 18 2.71 -6.04 -5.03
C GLU A 18 1.24 -6.07 -4.64
N GLN A 19 0.96 -6.86 -3.62
CA GLN A 19 -0.39 -7.04 -3.08
C GLN A 19 -0.97 -5.73 -2.60
N LEU A 20 -0.20 -5.00 -1.80
CA LEU A 20 -0.63 -3.71 -1.27
C LEU A 20 -0.95 -2.75 -2.41
N GLN A 21 -0.02 -2.61 -3.35
CA GLN A 21 -0.20 -1.73 -4.51
C GLN A 21 -1.46 -2.09 -5.29
N ARG A 22 -1.81 -3.37 -5.33
CA ARG A 22 -2.98 -3.81 -6.04
C ARG A 22 -4.23 -3.10 -5.54
N LEU A 23 -4.41 -3.08 -4.23
CA LEU A 23 -5.58 -2.41 -3.67
C LEU A 23 -5.41 -0.91 -3.68
N ILE A 24 -4.26 -0.42 -3.21
CA ILE A 24 -3.99 1.03 -3.21
C ILE A 24 -4.31 1.64 -4.56
N THR A 25 -3.96 0.94 -5.63
CA THR A 25 -4.19 1.44 -6.97
C THR A 25 -5.68 1.46 -7.29
N GLN A 26 -6.36 0.35 -7.01
CA GLN A 26 -7.80 0.26 -7.18
C GLN A 26 -8.54 1.32 -6.36
N LYS A 27 -8.05 1.60 -5.15
CA LYS A 27 -8.64 2.65 -4.33
C LYS A 27 -8.35 4.00 -4.95
N GLU A 28 -7.07 4.27 -5.18
CA GLU A 28 -6.60 5.51 -5.78
C GLU A 28 -7.27 5.78 -7.12
N GLU A 29 -7.59 4.73 -7.85
CA GLU A 29 -8.28 4.86 -9.12
C GLU A 29 -9.64 5.51 -8.92
N LYS A 30 -10.44 4.95 -8.03
CA LYS A 30 -11.75 5.49 -7.73
C LYS A 30 -11.62 6.86 -7.09
N ILE A 31 -10.63 7.01 -6.21
CA ILE A 31 -10.31 8.28 -5.59
C ILE A 31 -10.01 9.35 -6.65
N ARG A 32 -9.31 8.93 -7.70
CA ARG A 32 -8.92 9.84 -8.78
C ARG A 32 -10.15 10.43 -9.44
N VAL A 33 -11.04 9.55 -9.87
CA VAL A 33 -12.20 9.97 -10.62
C VAL A 33 -13.17 10.74 -9.74
N LEU A 34 -13.27 10.34 -8.48
CA LEU A 34 -14.12 11.03 -7.52
C LEU A 34 -13.66 12.47 -7.33
N ARG A 35 -12.34 12.67 -7.22
CA ARG A 35 -11.77 14.00 -7.19
C ARG A 35 -12.15 14.78 -8.45
N GLN A 36 -11.93 14.15 -9.61
CA GLN A 36 -12.24 14.76 -10.90
C GLN A 36 -13.68 15.26 -10.99
N ARG A 37 -14.59 14.48 -10.44
CA ARG A 37 -16.01 14.83 -10.45
C ARG A 37 -16.28 16.06 -9.57
N LEU A 38 -15.69 16.08 -8.37
CA LEU A 38 -15.96 17.16 -7.42
C LEU A 38 -15.28 18.45 -7.84
N VAL A 39 -14.10 18.35 -8.43
CA VAL A 39 -13.32 19.53 -8.78
C VAL A 39 -13.96 20.34 -9.90
N GLU A 40 -14.32 19.67 -10.97
CA GLU A 40 -14.85 20.35 -12.15
C GLU A 40 -16.30 20.80 -11.94
N ARG A 41 -16.97 20.23 -10.94
CA ARG A 41 -18.30 20.71 -10.58
C ARG A 41 -18.17 21.88 -9.61
N GLY A 42 -17.00 21.96 -9.00
CA GLY A 42 -16.68 23.10 -8.16
C GLY A 42 -17.03 22.91 -6.71
N ASP A 43 -16.85 21.70 -6.20
CA ASP A 43 -17.05 21.43 -4.78
C ASP A 43 -15.92 22.07 -3.99
N ALA A 44 -14.72 21.84 -4.48
CA ALA A 44 -13.52 22.40 -3.90
C ALA A 44 -12.59 22.89 -5.01
N GLY B 1 28.59 -8.06 -13.80
CA GLY B 1 27.94 -8.00 -12.51
C GLY B 1 28.54 -6.92 -11.64
N PRO B 2 27.71 -6.21 -10.85
CA PRO B 2 28.19 -5.19 -9.93
C PRO B 2 28.95 -5.81 -8.76
N LEU B 3 30.08 -5.22 -8.40
CA LEU B 3 30.88 -5.74 -7.31
C LEU B 3 30.24 -5.36 -5.98
N GLY B 4 29.41 -6.25 -5.46
CA GLY B 4 28.75 -6.01 -4.20
C GLY B 4 29.66 -6.21 -3.00
N SER B 5 30.74 -5.43 -2.96
CA SER B 5 31.61 -5.42 -1.79
C SER B 5 30.88 -4.70 -0.67
N SER B 6 30.20 -3.62 -1.05
CA SER B 6 29.24 -2.97 -0.19
C SER B 6 27.95 -2.78 -0.97
N VAL B 7 26.84 -3.25 -0.41
CA VAL B 7 25.58 -3.23 -1.12
C VAL B 7 24.91 -1.88 -1.06
N SER B 8 24.93 -1.21 -2.19
CA SER B 8 24.34 0.10 -2.32
C SER B 8 22.90 0.02 -2.82
N GLU B 9 22.75 -0.52 -4.04
CA GLU B 9 21.47 -0.52 -4.74
C GLU B 9 20.43 -1.40 -4.06
N LEU B 10 20.79 -2.65 -3.80
CA LEU B 10 19.85 -3.60 -3.22
C LEU B 10 19.31 -3.09 -1.89
N GLU B 11 20.21 -2.65 -1.01
CA GLU B 11 19.80 -2.25 0.33
C GLU B 11 19.02 -0.94 0.34
N GLN B 12 19.32 -0.03 -0.58
CA GLN B 12 18.59 1.24 -0.63
C GLN B 12 17.16 0.99 -1.09
N ARG B 13 16.99 0.02 -1.98
CA ARG B 13 15.66 -0.38 -2.42
C ARG B 13 14.98 -1.18 -1.33
N LEU B 14 15.79 -1.92 -0.59
CA LEU B 14 15.30 -2.74 0.51
C LEU B 14 14.74 -1.87 1.61
N ARG B 15 15.51 -0.91 2.09
CA ARG B 15 15.03 0.02 3.11
C ARG B 15 13.89 0.86 2.55
N ASP B 16 13.92 1.09 1.25
CA ASP B 16 12.85 1.81 0.56
C ASP B 16 11.55 1.02 0.61
N VAL B 17 11.60 -0.24 0.18
CA VAL B 17 10.41 -1.07 0.13
C VAL B 17 9.90 -1.41 1.54
N LYS B 18 10.81 -1.45 2.50
CA LYS B 18 10.43 -1.67 3.90
C LYS B 18 9.54 -0.55 4.39
N ASN B 19 10.02 0.69 4.25
CA ASN B 19 9.23 1.86 4.60
C ASN B 19 7.97 1.90 3.73
N THR B 20 8.12 1.50 2.48
CA THR B 20 7.01 1.39 1.54
C THR B 20 5.87 0.54 2.11
N ASN B 21 6.18 -0.70 2.47
CA ASN B 21 5.17 -1.66 2.92
C ASN B 21 4.42 -1.14 4.14
N SER B 22 5.12 -0.44 5.03
CA SER B 22 4.49 0.14 6.20
C SER B 22 3.49 1.20 5.77
N ARG B 23 3.96 2.16 4.97
CA ARG B 23 3.14 3.29 4.55
C ARG B 23 2.03 2.84 3.61
N PHE B 24 2.30 1.79 2.83
CA PHE B 24 1.34 1.28 1.86
C PHE B 24 0.17 0.58 2.55
N ARG B 25 0.44 -0.23 3.55
CA ARG B 25 -0.58 -0.93 4.25
C ARG B 25 -1.40 0.06 5.09
N LYS B 26 -0.70 1.03 5.66
CA LYS B 26 -1.34 2.12 6.37
C LYS B 26 -2.12 2.99 5.39
N ALA B 27 -1.66 3.05 4.15
CA ALA B 27 -2.32 3.82 3.11
C ALA B 27 -3.67 3.21 2.79
N LEU B 28 -3.76 1.89 2.84
CA LEU B 28 -4.98 1.19 2.52
C LEU B 28 -6.13 1.57 3.46
N MET B 29 -5.82 1.81 4.72
CA MET B 29 -6.84 2.27 5.66
C MET B 29 -7.24 3.70 5.34
N GLU B 30 -6.30 4.46 4.78
CA GLU B 30 -6.50 5.86 4.47
C GLU B 30 -7.28 6.02 3.18
N LYS B 31 -6.89 5.27 2.16
CA LYS B 31 -7.50 5.35 0.84
C LYS B 31 -9.00 5.10 0.91
N GLU B 32 -9.42 4.18 1.76
CA GLU B 32 -10.83 3.90 1.94
C GLU B 32 -11.52 5.09 2.58
N ASN B 33 -10.79 5.75 3.45
CA ASN B 33 -11.30 6.93 4.14
C ASN B 33 -11.36 8.12 3.19
N GLU B 34 -10.32 8.27 2.37
CA GLU B 34 -10.29 9.32 1.36
C GLU B 34 -11.39 9.10 0.33
N LEU B 35 -11.61 7.83 0.01
CA LEU B 35 -12.68 7.41 -0.90
C LEU B 35 -14.01 7.99 -0.45
N GLN B 36 -14.38 7.70 0.78
CA GLN B 36 -15.63 8.16 1.36
C GLN B 36 -15.61 9.65 1.61
N ALA B 37 -14.44 10.15 2.02
CA ALA B 37 -14.25 11.59 2.25
C ALA B 37 -14.63 12.39 1.00
N LEU B 38 -14.18 11.91 -0.15
CA LEU B 38 -14.55 12.52 -1.41
C LEU B 38 -16.05 12.52 -1.59
N ILE B 39 -16.66 11.35 -1.47
CA ILE B 39 -18.11 11.21 -1.58
C ILE B 39 -18.85 12.13 -0.60
N ARG B 40 -18.31 12.33 0.59
CA ARG B 40 -18.93 13.21 1.59
C ARG B 40 -18.91 14.67 1.13
N LYS B 41 -17.96 14.99 0.28
CA LYS B 41 -17.90 16.31 -0.35
C LYS B 41 -18.68 16.30 -1.66
N LEU B 42 -18.22 15.41 -2.52
CA LEU B 42 -18.74 15.20 -3.86
C LEU B 42 -20.25 15.01 -3.89
N GLY B 43 -20.72 13.92 -3.27
CA GLY B 43 -22.13 13.58 -3.32
C GLY B 43 -22.61 13.36 -4.73
N PRO B 44 -22.16 12.28 -5.40
CA PRO B 44 -22.52 12.01 -6.79
C PRO B 44 -23.99 11.69 -6.97
N GLU B 45 -24.31 10.41 -6.90
CA GLU B 45 -25.67 9.94 -7.06
C GLU B 45 -26.28 9.63 -5.70
N MET A 1 27.90 -15.18 4.41
CA MET A 1 27.01 -16.28 3.97
C MET A 1 25.86 -16.46 4.94
N ASP A 2 25.01 -17.45 4.67
CA ASP A 2 23.87 -17.80 5.52
C ASP A 2 22.91 -16.63 5.62
N SER A 3 22.56 -16.07 4.47
CA SER A 3 21.66 -14.93 4.41
C SER A 3 20.59 -15.11 3.33
N LYS A 4 20.61 -16.25 2.64
CA LYS A 4 19.65 -16.51 1.58
C LYS A 4 18.24 -16.61 2.18
N GLU A 5 18.17 -17.11 3.41
CA GLU A 5 16.91 -17.23 4.12
C GLU A 5 16.26 -15.86 4.28
N ASP A 6 17.08 -14.90 4.67
CA ASP A 6 16.66 -13.52 4.80
C ASP A 6 16.24 -12.96 3.44
N GLU A 7 16.96 -13.35 2.40
CA GLU A 7 16.63 -12.92 1.05
C GLU A 7 15.29 -13.49 0.61
N GLU A 8 15.03 -14.73 0.97
CA GLU A 8 13.73 -15.36 0.71
C GLU A 8 12.61 -14.54 1.32
N ARG A 9 12.89 -13.97 2.49
CA ARG A 9 11.92 -13.13 3.19
C ARG A 9 11.79 -11.81 2.48
N TYR A 10 12.91 -11.32 1.96
CA TYR A 10 12.96 -10.08 1.22
C TYR A 10 12.03 -10.14 0.02
N GLN A 11 12.19 -11.16 -0.80
CA GLN A 11 11.42 -11.30 -2.03
C GLN A 11 9.93 -11.36 -1.73
N LYS A 12 9.59 -12.03 -0.64
CA LYS A 12 8.19 -12.13 -0.22
C LYS A 12 7.61 -10.76 0.12
N LEU A 13 8.37 -9.96 0.85
CA LEU A 13 7.92 -8.65 1.27
C LEU A 13 7.80 -7.69 0.09
N VAL A 14 8.71 -7.78 -0.89
CA VAL A 14 8.60 -6.94 -2.07
C VAL A 14 7.37 -7.37 -2.88
N THR A 15 7.05 -8.65 -2.77
CA THR A 15 5.91 -9.23 -3.47
C THR A 15 4.59 -8.68 -2.92
N GLU A 16 4.50 -8.61 -1.59
CA GLU A 16 3.33 -8.03 -0.95
C GLU A 16 3.26 -6.54 -1.26
N ASN A 17 4.42 -5.93 -1.40
CA ASN A 17 4.53 -4.51 -1.75
C ASN A 17 3.89 -4.25 -3.12
N GLU A 18 4.01 -5.23 -4.03
CA GLU A 18 3.40 -5.11 -5.35
C GLU A 18 1.89 -5.05 -5.19
N GLN A 19 1.41 -5.93 -4.32
CA GLN A 19 -0.01 -6.06 -4.02
C GLN A 19 -0.57 -4.80 -3.36
N LEU A 20 0.15 -4.28 -2.39
CA LEU A 20 -0.28 -3.07 -1.70
C LEU A 20 -0.49 -1.94 -2.71
N GLN A 21 0.49 -1.75 -3.59
CA GLN A 21 0.41 -0.75 -4.64
C GLN A 21 -0.73 -1.06 -5.61
N ARG A 22 -1.02 -2.34 -5.79
CA ARG A 22 -2.14 -2.77 -6.62
C ARG A 22 -3.44 -2.15 -6.12
N LEU A 23 -3.68 -2.31 -4.83
CA LEU A 23 -4.91 -1.84 -4.24
C LEU A 23 -4.96 -0.34 -4.19
N ILE A 24 -3.88 0.30 -3.73
CA ILE A 24 -3.82 1.76 -3.74
C ILE A 24 -4.26 2.30 -5.09
N THR A 25 -3.83 1.64 -6.14
CA THR A 25 -4.15 2.03 -7.50
C THR A 25 -5.66 1.93 -7.77
N GLN A 26 -6.24 0.77 -7.50
CA GLN A 26 -7.64 0.56 -7.79
C GLN A 26 -8.53 1.38 -6.87
N LYS A 27 -8.12 1.53 -5.62
CA LYS A 27 -8.83 2.41 -4.69
C LYS A 27 -8.81 3.84 -5.24
N GLU A 28 -7.61 4.27 -5.65
CA GLU A 28 -7.42 5.55 -6.30
C GLU A 28 -8.29 5.70 -7.55
N GLU A 29 -8.50 4.59 -8.25
CA GLU A 29 -9.37 4.57 -9.42
C GLU A 29 -10.81 4.88 -9.02
N LYS A 30 -11.28 4.23 -7.96
CA LYS A 30 -12.61 4.48 -7.43
C LYS A 30 -12.71 5.93 -6.95
N ILE A 31 -11.68 6.36 -6.24
CA ILE A 31 -11.55 7.73 -5.76
C ILE A 31 -11.71 8.72 -6.90
N ARG A 32 -11.17 8.36 -8.06
CA ARG A 32 -11.27 9.20 -9.25
C ARG A 32 -12.72 9.40 -9.66
N VAL A 33 -13.44 8.29 -9.78
CA VAL A 33 -14.81 8.34 -10.25
C VAL A 33 -15.73 8.97 -9.21
N LEU A 34 -15.44 8.71 -7.94
CA LEU A 34 -16.22 9.27 -6.85
C LEU A 34 -16.18 10.79 -6.87
N ARG A 35 -14.99 11.36 -7.06
CA ARG A 35 -14.83 12.80 -7.16
C ARG A 35 -15.65 13.35 -8.33
N GLN A 36 -15.53 12.71 -9.47
CA GLN A 36 -16.15 13.19 -10.70
C GLN A 36 -17.67 13.21 -10.58
N ARG A 37 -18.22 12.26 -9.86
CA ARG A 37 -19.65 12.21 -9.61
C ARG A 37 -20.10 13.38 -8.73
N LEU A 38 -19.41 13.60 -7.62
CA LEU A 38 -19.83 14.61 -6.66
C LEU A 38 -19.67 16.02 -7.21
N VAL A 39 -18.61 16.25 -7.96
CA VAL A 39 -18.29 17.59 -8.46
C VAL A 39 -19.38 18.10 -9.40
N GLU A 40 -19.74 17.28 -10.36
CA GLU A 40 -20.72 17.65 -11.37
C GLU A 40 -22.12 17.75 -10.80
N ARG A 41 -22.34 17.09 -9.68
CA ARG A 41 -23.64 17.17 -9.00
C ARG A 41 -23.67 18.39 -8.08
N GLY A 42 -22.50 18.76 -7.61
CA GLY A 42 -22.38 19.87 -6.70
C GLY A 42 -22.58 19.45 -5.26
N ASP A 43 -21.54 18.89 -4.68
CA ASP A 43 -21.60 18.41 -3.29
C ASP A 43 -21.74 19.57 -2.34
N ALA A 44 -21.02 20.65 -2.62
CA ALA A 44 -21.07 21.88 -1.82
C ALA A 44 -21.10 21.59 -0.33
N GLY B 1 23.71 -2.70 16.68
CA GLY B 1 23.64 -4.10 16.32
C GLY B 1 24.82 -4.52 15.45
N PRO B 2 25.99 -4.78 16.06
CA PRO B 2 27.17 -5.22 15.32
C PRO B 2 27.10 -6.72 15.00
N LEU B 3 26.15 -7.09 14.17
CA LEU B 3 25.94 -8.48 13.81
C LEU B 3 26.31 -8.70 12.34
N GLY B 4 27.42 -9.37 12.12
CA GLY B 4 27.89 -9.64 10.77
C GLY B 4 27.63 -11.06 10.35
N SER B 5 28.62 -11.67 9.71
CA SER B 5 28.53 -13.05 9.20
C SER B 5 27.58 -13.13 8.00
N SER B 6 26.38 -12.63 8.18
CA SER B 6 25.44 -12.47 7.09
C SER B 6 25.74 -11.16 6.38
N VAL B 7 25.67 -11.15 5.05
CA VAL B 7 25.89 -9.93 4.29
C VAL B 7 24.86 -8.88 4.71
N SER B 8 25.37 -7.71 5.04
CA SER B 8 24.54 -6.63 5.58
C SER B 8 23.73 -6.01 4.45
N GLU B 9 24.33 -5.97 3.27
CA GLU B 9 23.73 -5.34 2.09
C GLU B 9 22.32 -5.87 1.82
N LEU B 10 22.12 -7.16 2.09
CA LEU B 10 20.81 -7.78 1.90
C LEU B 10 19.82 -7.24 2.93
N GLU B 11 20.19 -7.30 4.21
CA GLU B 11 19.28 -6.94 5.28
C GLU B 11 18.96 -5.45 5.30
N GLN B 12 19.90 -4.62 4.82
CA GLN B 12 19.65 -3.18 4.73
C GLN B 12 18.46 -2.92 3.83
N ARG B 13 18.45 -3.60 2.69
CA ARG B 13 17.35 -3.49 1.74
C ARG B 13 16.10 -4.17 2.29
N LEU B 14 16.30 -5.18 3.12
CA LEU B 14 15.21 -5.90 3.75
C LEU B 14 14.50 -5.03 4.77
N ARG B 15 15.26 -4.42 5.68
CA ARG B 15 14.69 -3.50 6.65
C ARG B 15 14.04 -2.33 5.92
N ASP B 16 14.60 -2.02 4.75
CA ASP B 16 14.07 -0.97 3.89
C ASP B 16 12.67 -1.33 3.38
N VAL B 17 12.54 -2.47 2.72
CA VAL B 17 11.26 -2.84 2.14
C VAL B 17 10.22 -3.14 3.23
N LYS B 18 10.69 -3.59 4.39
CA LYS B 18 9.80 -3.90 5.49
C LYS B 18 9.02 -2.67 5.94
N ASN B 19 9.74 -1.61 6.30
CA ASN B 19 9.10 -0.36 6.70
C ASN B 19 8.32 0.21 5.52
N THR B 20 8.93 0.12 4.37
CA THR B 20 8.28 0.46 3.10
C THR B 20 6.85 -0.09 3.00
N ASN B 21 6.70 -1.39 3.22
CA ASN B 21 5.40 -2.04 3.15
C ASN B 21 4.41 -1.44 4.14
N SER B 22 4.92 -1.07 5.31
CA SER B 22 4.09 -0.42 6.32
C SER B 22 3.60 0.93 5.80
N ARG B 23 4.49 1.66 5.13
CA ARG B 23 4.16 2.97 4.58
C ARG B 23 3.02 2.88 3.58
N PHE B 24 3.01 1.82 2.79
CA PHE B 24 1.95 1.61 1.81
C PHE B 24 0.63 1.29 2.50
N ARG B 25 0.66 0.40 3.49
CA ARG B 25 -0.55 0.03 4.23
C ARG B 25 -1.09 1.24 5.00
N LYS B 26 -0.21 2.19 5.31
CA LYS B 26 -0.65 3.46 5.88
C LYS B 26 -1.43 4.25 4.84
N ALA B 27 -0.96 4.22 3.60
CA ALA B 27 -1.64 4.87 2.50
C ALA B 27 -2.93 4.15 2.16
N LEU B 28 -2.95 2.84 2.44
CA LEU B 28 -4.14 2.02 2.26
C LEU B 28 -5.33 2.61 3.00
N MET B 29 -5.13 2.90 4.29
CA MET B 29 -6.21 3.45 5.12
C MET B 29 -6.60 4.82 4.62
N GLU B 30 -5.63 5.56 4.10
CA GLU B 30 -5.87 6.91 3.63
C GLU B 30 -6.81 6.89 2.43
N LYS B 31 -6.53 6.00 1.49
CA LYS B 31 -7.38 5.82 0.31
C LYS B 31 -8.78 5.38 0.71
N GLU B 32 -8.88 4.72 1.86
CA GLU B 32 -10.14 4.28 2.36
C GLU B 32 -10.85 5.44 3.06
N ASN B 33 -10.06 6.38 3.58
CA ASN B 33 -10.59 7.61 4.17
C ASN B 33 -11.13 8.50 3.07
N GLU B 34 -10.34 8.63 2.00
CA GLU B 34 -10.71 9.41 0.84
C GLU B 34 -12.01 8.86 0.25
N LEU B 35 -12.09 7.54 0.22
CA LEU B 35 -13.27 6.83 -0.26
C LEU B 35 -14.51 7.31 0.46
N GLN B 36 -14.48 7.26 1.79
CA GLN B 36 -15.62 7.65 2.61
C GLN B 36 -15.88 9.14 2.50
N ALA B 37 -14.82 9.93 2.56
CA ALA B 37 -14.94 11.39 2.48
C ALA B 37 -15.69 11.79 1.23
N LEU B 38 -15.30 11.21 0.10
CA LEU B 38 -15.96 11.49 -1.17
C LEU B 38 -17.41 11.06 -1.14
N ILE B 39 -17.67 9.86 -0.63
CA ILE B 39 -19.03 9.34 -0.52
C ILE B 39 -19.90 10.22 0.39
N ARG B 40 -19.29 10.78 1.43
CA ARG B 40 -19.99 11.73 2.30
C ARG B 40 -20.28 13.01 1.53
N LYS B 41 -19.41 13.35 0.59
CA LYS B 41 -19.62 14.49 -0.29
C LYS B 41 -20.67 14.15 -1.35
N LEU B 42 -20.69 12.89 -1.78
CA LEU B 42 -21.73 12.39 -2.67
C LEU B 42 -23.10 12.60 -2.05
N GLY B 43 -23.25 12.18 -0.80
CA GLY B 43 -24.51 12.31 -0.12
C GLY B 43 -25.57 11.40 -0.70
N PRO B 44 -25.59 10.12 -0.30
CA PRO B 44 -26.53 9.14 -0.84
C PRO B 44 -27.94 9.30 -0.28
N GLU B 45 -28.76 8.29 -0.54
CA GLU B 45 -30.14 8.28 -0.11
C GLU B 45 -30.24 7.90 1.36
N MET A 1 23.45 -18.67 10.29
CA MET A 1 22.54 -19.43 11.18
C MET A 1 21.23 -18.66 11.36
N ASP A 2 20.11 -19.38 11.27
CA ASP A 2 18.78 -18.79 11.42
C ASP A 2 18.59 -17.65 10.43
N SER A 3 19.03 -17.86 9.20
CA SER A 3 18.99 -16.84 8.18
C SER A 3 17.82 -17.06 7.24
N LYS A 4 17.31 -18.28 7.21
CA LYS A 4 16.19 -18.62 6.34
C LYS A 4 14.94 -17.85 6.75
N GLU A 5 14.75 -17.70 8.05
CA GLU A 5 13.55 -17.07 8.58
C GLU A 5 13.40 -15.65 8.06
N ASP A 6 14.50 -14.92 8.10
CA ASP A 6 14.52 -13.55 7.60
C ASP A 6 14.18 -13.50 6.13
N GLU A 7 14.62 -14.49 5.36
CA GLU A 7 14.28 -14.56 3.95
C GLU A 7 12.81 -14.88 3.77
N GLU A 8 12.32 -15.76 4.64
CA GLU A 8 10.92 -16.11 4.66
C GLU A 8 10.07 -14.91 5.01
N ARG A 9 10.60 -14.04 5.87
CA ARG A 9 9.90 -12.83 6.23
C ARG A 9 9.98 -11.84 5.08
N TYR A 10 11.16 -11.82 4.45
CA TYR A 10 11.44 -10.92 3.34
C TYR A 10 10.34 -10.96 2.28
N GLN A 11 10.02 -12.15 1.81
CA GLN A 11 9.06 -12.30 0.73
C GLN A 11 7.67 -11.93 1.21
N LYS A 12 7.41 -12.12 2.49
CA LYS A 12 6.15 -11.69 3.08
C LYS A 12 5.85 -10.24 2.72
N LEU A 13 6.83 -9.35 2.95
CA LEU A 13 6.70 -7.97 2.57
C LEU A 13 6.50 -7.83 1.07
N VAL A 14 7.36 -8.46 0.28
CA VAL A 14 7.34 -8.26 -1.17
C VAL A 14 5.98 -8.64 -1.75
N THR A 15 5.38 -9.70 -1.21
CA THR A 15 4.09 -10.18 -1.68
C THR A 15 2.98 -9.18 -1.35
N GLU A 16 2.99 -8.66 -0.14
CA GLU A 16 2.03 -7.66 0.25
C GLU A 16 2.28 -6.37 -0.51
N ASN A 17 3.56 -6.11 -0.78
CA ASN A 17 3.98 -4.92 -1.51
C ASN A 17 3.42 -4.91 -2.93
N GLU A 18 3.37 -6.09 -3.56
CA GLU A 18 2.80 -6.19 -4.90
C GLU A 18 1.37 -5.70 -4.86
N GLN A 19 0.69 -6.14 -3.83
CA GLN A 19 -0.71 -5.81 -3.59
C GLN A 19 -0.87 -4.33 -3.26
N LEU A 20 -0.12 -3.85 -2.26
CA LEU A 20 -0.23 -2.47 -1.80
C LEU A 20 -0.15 -1.48 -2.96
N GLN A 21 0.95 -1.52 -3.71
CA GLN A 21 1.14 -0.65 -4.87
C GLN A 21 -0.01 -0.80 -5.86
N ARG A 22 -0.42 -2.05 -6.08
CA ARG A 22 -1.48 -2.38 -7.02
C ARG A 22 -2.80 -1.73 -6.60
N LEU A 23 -3.10 -1.84 -5.32
CA LEU A 23 -4.37 -1.38 -4.81
C LEU A 23 -4.40 0.12 -4.62
N ILE A 24 -3.30 0.71 -4.16
CA ILE A 24 -3.23 2.17 -4.03
C ILE A 24 -3.73 2.85 -5.29
N THR A 25 -3.31 2.35 -6.43
CA THR A 25 -3.70 2.90 -7.72
C THR A 25 -5.21 2.70 -7.95
N GLN A 26 -5.66 1.47 -7.79
CA GLN A 26 -7.06 1.11 -7.96
C GLN A 26 -7.97 1.93 -7.06
N LYS A 27 -7.57 2.11 -5.80
CA LYS A 27 -8.37 2.88 -4.85
C LYS A 27 -8.34 4.36 -5.26
N GLU A 28 -7.16 4.85 -5.60
CA GLU A 28 -6.97 6.22 -6.11
C GLU A 28 -7.85 6.48 -7.32
N GLU A 29 -7.95 5.50 -8.21
CA GLU A 29 -8.82 5.59 -9.37
C GLU A 29 -10.28 5.71 -8.95
N LYS A 30 -10.67 4.84 -8.03
CA LYS A 30 -12.03 4.82 -7.52
C LYS A 30 -12.37 6.14 -6.83
N ILE A 31 -11.42 6.65 -6.05
CA ILE A 31 -11.57 7.94 -5.39
C ILE A 31 -11.93 9.02 -6.41
N ARG A 32 -11.32 8.96 -7.59
CA ARG A 32 -11.60 9.92 -8.64
C ARG A 32 -13.06 9.86 -9.04
N VAL A 33 -13.51 8.67 -9.39
CA VAL A 33 -14.84 8.50 -9.94
C VAL A 33 -15.91 8.71 -8.88
N LEU A 34 -15.62 8.30 -7.64
CA LEU A 34 -16.56 8.47 -6.55
C LEU A 34 -16.85 9.95 -6.32
N ARG A 35 -15.81 10.77 -6.35
CA ARG A 35 -15.99 12.22 -6.26
C ARG A 35 -16.89 12.71 -7.37
N GLN A 36 -16.63 12.24 -8.59
CA GLN A 36 -17.39 12.67 -9.76
C GLN A 36 -18.87 12.35 -9.63
N ARG A 37 -19.17 11.15 -9.13
CA ARG A 37 -20.54 10.69 -8.99
C ARG A 37 -21.35 11.56 -8.03
N LEU A 38 -20.70 12.14 -7.03
CA LEU A 38 -21.40 12.95 -6.05
C LEU A 38 -21.47 14.42 -6.49
N VAL A 39 -20.42 14.88 -7.17
CA VAL A 39 -20.31 16.29 -7.54
C VAL A 39 -21.27 16.68 -8.66
N GLU A 40 -21.21 15.94 -9.76
CA GLU A 40 -22.00 16.26 -10.95
C GLU A 40 -23.48 15.98 -10.74
N ARG A 41 -23.81 15.28 -9.66
CA ARG A 41 -25.20 15.06 -9.30
C ARG A 41 -25.66 16.12 -8.31
N GLY A 42 -24.69 16.89 -7.82
CA GLY A 42 -24.97 17.96 -6.89
C GLY A 42 -25.47 17.43 -5.57
N ASP A 43 -24.93 16.29 -5.17
CA ASP A 43 -25.33 15.62 -3.96
C ASP A 43 -24.12 15.40 -3.06
N ALA A 44 -23.43 16.50 -2.78
CA ALA A 44 -22.20 16.44 -1.99
C ALA A 44 -22.51 16.56 -0.51
N GLY B 1 16.66 -10.52 21.49
CA GLY B 1 17.76 -11.08 20.74
C GLY B 1 18.10 -10.24 19.53
N PRO B 2 19.08 -10.68 18.71
CA PRO B 2 19.48 -9.96 17.50
C PRO B 2 18.38 -9.93 16.46
N LEU B 3 17.88 -8.73 16.16
CA LEU B 3 16.85 -8.58 15.16
C LEU B 3 17.45 -8.74 13.77
N GLY B 4 17.19 -9.88 13.15
CA GLY B 4 17.81 -10.22 11.89
C GLY B 4 19.03 -11.09 12.10
N SER B 5 19.08 -12.22 11.42
CA SER B 5 20.20 -13.13 11.54
C SER B 5 20.61 -13.66 10.17
N SER B 6 20.33 -12.88 9.15
CA SER B 6 20.59 -13.31 7.79
C SER B 6 21.84 -12.64 7.22
N VAL B 7 22.09 -12.87 5.93
CA VAL B 7 23.23 -12.27 5.26
C VAL B 7 22.96 -10.78 5.01
N SER B 8 24.04 -10.02 4.78
CA SER B 8 23.94 -8.57 4.61
C SER B 8 22.88 -8.18 3.57
N GLU B 9 23.06 -8.63 2.33
CA GLU B 9 22.18 -8.24 1.23
C GLU B 9 20.72 -8.59 1.50
N LEU B 10 20.48 -9.68 2.21
CA LEU B 10 19.12 -10.10 2.53
C LEU B 10 18.44 -9.03 3.38
N GLU B 11 19.06 -8.68 4.50
CA GLU B 11 18.43 -7.79 5.45
C GLU B 11 18.35 -6.36 4.93
N GLN B 12 19.29 -5.98 4.08
CA GLN B 12 19.25 -4.65 3.46
C GLN B 12 18.00 -4.52 2.61
N ARG B 13 17.74 -5.56 1.83
CA ARG B 13 16.55 -5.60 0.99
C ARG B 13 15.30 -5.76 1.84
N LEU B 14 15.46 -6.45 2.97
CA LEU B 14 14.36 -6.69 3.88
C LEU B 14 13.93 -5.40 4.58
N ARG B 15 14.87 -4.75 5.25
CA ARG B 15 14.57 -3.50 5.95
C ARG B 15 14.09 -2.43 4.98
N ASP B 16 14.55 -2.54 3.74
CA ASP B 16 14.17 -1.60 2.68
C ASP B 16 12.73 -1.82 2.24
N VAL B 17 12.29 -3.08 2.22
CA VAL B 17 10.93 -3.37 1.79
C VAL B 17 9.96 -3.29 2.97
N LYS B 18 10.46 -3.51 4.19
CA LYS B 18 9.66 -3.31 5.41
C LYS B 18 9.04 -1.91 5.44
N ASN B 19 9.91 -0.90 5.46
CA ASN B 19 9.46 0.50 5.49
C ASN B 19 8.55 0.80 4.31
N THR B 20 8.98 0.31 3.15
CA THR B 20 8.19 0.38 1.93
C THR B 20 6.75 -0.09 2.15
N ASN B 21 6.59 -1.27 2.72
CA ASN B 21 5.26 -1.82 2.97
C ASN B 21 4.51 -1.00 4.01
N SER B 22 5.24 -0.47 4.97
CA SER B 22 4.66 0.31 6.05
C SER B 22 4.10 1.62 5.51
N ARG B 23 4.88 2.31 4.69
CA ARG B 23 4.47 3.60 4.13
C ARG B 23 3.31 3.42 3.17
N PHE B 24 3.37 2.37 2.38
CA PHE B 24 2.33 2.04 1.42
C PHE B 24 1.01 1.68 2.09
N ARG B 25 1.06 0.84 3.12
CA ARG B 25 -0.16 0.42 3.80
C ARG B 25 -0.81 1.60 4.52
N LYS B 26 0.02 2.51 5.02
CA LYS B 26 -0.49 3.72 5.66
C LYS B 26 -1.16 4.60 4.64
N ALA B 27 -0.66 4.57 3.41
CA ALA B 27 -1.29 5.29 2.31
C ALA B 27 -2.56 4.60 1.88
N LEU B 28 -2.52 3.28 1.86
CA LEU B 28 -3.64 2.49 1.39
C LEU B 28 -4.83 2.59 2.34
N MET B 29 -4.56 2.60 3.63
CA MET B 29 -5.61 2.77 4.61
C MET B 29 -6.23 4.16 4.46
N GLU B 30 -5.42 5.13 4.06
CA GLU B 30 -5.90 6.49 3.80
C GLU B 30 -6.79 6.51 2.57
N LYS B 31 -6.39 5.77 1.55
CA LYS B 31 -7.18 5.68 0.32
C LYS B 31 -8.55 5.09 0.62
N GLU B 32 -8.60 4.16 1.57
CA GLU B 32 -9.84 3.55 1.97
C GLU B 32 -10.66 4.52 2.80
N ASN B 33 -9.96 5.42 3.49
CA ASN B 33 -10.61 6.46 4.28
C ASN B 33 -11.39 7.38 3.36
N GLU B 34 -10.69 7.96 2.39
CA GLU B 34 -11.32 8.83 1.40
C GLU B 34 -12.38 8.06 0.62
N LEU B 35 -12.08 6.79 0.33
CA LEU B 35 -13.00 5.92 -0.36
C LEU B 35 -14.37 5.93 0.32
N GLN B 36 -14.38 5.57 1.59
CA GLN B 36 -15.63 5.50 2.35
C GLN B 36 -16.19 6.91 2.58
N ALA B 37 -15.31 7.86 2.83
CA ALA B 37 -15.71 9.24 3.06
C ALA B 37 -16.53 9.77 1.88
N LEU B 38 -16.07 9.48 0.68
CA LEU B 38 -16.79 9.86 -0.53
C LEU B 38 -18.13 9.14 -0.61
N ILE B 39 -18.11 7.85 -0.32
CA ILE B 39 -19.34 7.04 -0.34
C ILE B 39 -20.35 7.54 0.70
N ARG B 40 -19.85 8.01 1.84
CA ARG B 40 -20.70 8.62 2.85
C ARG B 40 -21.34 9.90 2.31
N LYS B 41 -20.75 10.44 1.25
CA LYS B 41 -21.30 11.60 0.57
C LYS B 41 -22.23 11.15 -0.55
N LEU B 42 -21.92 10.00 -1.17
CA LEU B 42 -22.80 9.37 -2.14
C LEU B 42 -24.13 9.05 -1.49
N GLY B 43 -24.10 8.55 -0.26
CA GLY B 43 -25.32 8.28 0.46
C GLY B 43 -25.21 7.09 1.39
N PRO B 44 -25.38 5.87 0.86
CA PRO B 44 -25.45 4.65 1.68
C PRO B 44 -24.07 4.13 2.11
N GLU B 45 -24.07 2.87 2.50
CA GLU B 45 -22.86 2.20 2.92
C GLU B 45 -22.21 1.46 1.76
N MET A 1 27.46 -12.62 6.44
CA MET A 1 27.62 -13.65 5.40
C MET A 1 26.29 -14.35 5.13
N ASP A 2 25.36 -14.25 6.09
CA ASP A 2 24.05 -14.87 5.93
C ASP A 2 23.16 -13.97 5.09
N SER A 3 23.54 -13.80 3.83
CA SER A 3 22.84 -12.92 2.91
C SER A 3 21.45 -13.47 2.60
N LYS A 4 21.34 -14.80 2.53
CA LYS A 4 20.08 -15.45 2.21
C LYS A 4 19.05 -15.20 3.31
N GLU A 5 19.51 -15.13 4.55
CA GLU A 5 18.62 -14.92 5.69
C GLU A 5 17.83 -13.62 5.55
N ASP A 6 18.54 -12.52 5.37
CA ASP A 6 17.89 -11.22 5.22
C ASP A 6 17.16 -11.13 3.88
N GLU A 7 17.69 -11.82 2.89
CA GLU A 7 17.08 -11.81 1.56
C GLU A 7 15.70 -12.46 1.60
N GLU A 8 15.57 -13.55 2.35
CA GLU A 8 14.28 -14.21 2.50
C GLU A 8 13.28 -13.27 3.16
N ARG A 9 13.77 -12.38 4.02
CA ARG A 9 12.92 -11.38 4.64
C ARG A 9 12.45 -10.42 3.56
N TYR A 10 13.40 -10.03 2.72
CA TYR A 10 13.15 -9.11 1.61
C TYR A 10 12.05 -9.63 0.69
N GLN A 11 12.10 -10.93 0.40
CA GLN A 11 11.13 -11.56 -0.50
C GLN A 11 9.70 -11.31 -0.02
N LYS A 12 9.54 -11.35 1.29
CA LYS A 12 8.24 -11.14 1.91
C LYS A 12 7.65 -9.77 1.53
N LEU A 13 8.32 -8.70 1.95
CA LEU A 13 7.82 -7.36 1.73
C LEU A 13 7.56 -7.06 0.26
N VAL A 14 8.45 -7.48 -0.64
CA VAL A 14 8.23 -7.17 -2.06
C VAL A 14 6.95 -7.83 -2.53
N THR A 15 6.66 -9.00 -1.98
CA THR A 15 5.46 -9.75 -2.33
C THR A 15 4.21 -9.02 -1.87
N GLU A 16 4.22 -8.54 -0.64
CA GLU A 16 3.10 -7.78 -0.13
C GLU A 16 3.01 -6.45 -0.87
N ASN A 17 4.17 -5.91 -1.21
CA ASN A 17 4.27 -4.67 -1.98
C ASN A 17 3.55 -4.79 -3.33
N GLU A 18 3.61 -5.98 -3.93
CA GLU A 18 2.94 -6.21 -5.21
C GLU A 18 1.45 -5.99 -5.03
N GLN A 19 0.94 -6.57 -3.96
CA GLN A 19 -0.47 -6.54 -3.64
C GLN A 19 -0.92 -5.17 -3.13
N LEU A 20 -0.14 -4.59 -2.24
CA LEU A 20 -0.45 -3.27 -1.70
C LEU A 20 -0.59 -2.25 -2.82
N GLN A 21 0.42 -2.18 -3.70
CA GLN A 21 0.39 -1.25 -4.83
C GLN A 21 -0.81 -1.51 -5.73
N ARG A 22 -1.20 -2.78 -5.82
CA ARG A 22 -2.40 -3.16 -6.58
C ARG A 22 -3.60 -2.40 -6.06
N LEU A 23 -3.90 -2.59 -4.79
CA LEU A 23 -5.10 -2.05 -4.21
C LEU A 23 -5.04 -0.55 -4.05
N ILE A 24 -3.92 -0.02 -3.58
CA ILE A 24 -3.78 1.42 -3.45
C ILE A 24 -4.14 2.10 -4.77
N THR A 25 -3.70 1.50 -5.87
CA THR A 25 -3.97 2.03 -7.19
C THR A 25 -5.46 1.95 -7.51
N GLN A 26 -6.05 0.77 -7.28
CA GLN A 26 -7.47 0.57 -7.48
C GLN A 26 -8.29 1.54 -6.64
N LYS A 27 -7.87 1.78 -5.40
CA LYS A 27 -8.58 2.70 -4.53
C LYS A 27 -8.37 4.13 -5.01
N GLU A 28 -7.11 4.46 -5.33
CA GLU A 28 -6.77 5.76 -5.90
C GLU A 28 -7.57 6.05 -7.16
N GLU A 29 -7.72 5.04 -8.00
CA GLU A 29 -8.53 5.17 -9.21
C GLU A 29 -9.97 5.51 -8.85
N LYS A 30 -10.51 4.77 -7.89
CA LYS A 30 -11.87 5.03 -7.42
C LYS A 30 -11.97 6.45 -6.88
N ILE A 31 -11.02 6.84 -6.04
CA ILE A 31 -10.94 8.18 -5.49
C ILE A 31 -10.93 9.21 -6.62
N ARG A 32 -10.23 8.88 -7.69
CA ARG A 32 -10.10 9.77 -8.84
C ARG A 32 -11.46 10.00 -9.48
N VAL A 33 -12.17 8.92 -9.76
CA VAL A 33 -13.44 9.02 -10.46
C VAL A 33 -14.52 9.57 -9.54
N LEU A 34 -14.41 9.23 -8.26
CA LEU A 34 -15.34 9.74 -7.26
C LEU A 34 -15.30 11.26 -7.23
N ARG A 35 -14.09 11.83 -7.06
CA ARG A 35 -13.90 13.28 -7.14
C ARG A 35 -14.61 13.85 -8.36
N GLN A 36 -14.33 13.26 -9.52
CA GLN A 36 -14.86 13.74 -10.79
C GLN A 36 -16.39 13.85 -10.78
N ARG A 37 -17.03 12.93 -10.09
CA ARG A 37 -18.49 12.92 -10.01
C ARG A 37 -19.01 14.11 -9.23
N LEU A 38 -18.42 14.41 -8.08
CA LEU A 38 -18.93 15.46 -7.22
C LEU A 38 -18.43 16.84 -7.64
N VAL A 39 -17.21 16.93 -8.16
CA VAL A 39 -16.63 18.22 -8.54
C VAL A 39 -17.51 18.95 -9.56
N GLU A 40 -17.98 18.21 -10.54
CA GLU A 40 -18.79 18.77 -11.61
C GLU A 40 -20.22 19.09 -11.15
N ARG A 41 -20.49 18.87 -9.87
CA ARG A 41 -21.79 19.18 -9.29
C ARG A 41 -21.63 20.19 -8.15
N GLY A 42 -20.55 20.02 -7.39
CA GLY A 42 -20.30 20.82 -6.22
C GLY A 42 -19.90 22.24 -6.54
N ASP A 43 -19.51 22.49 -7.77
CA ASP A 43 -19.07 23.83 -8.18
C ASP A 43 -20.23 24.81 -8.21
N ALA A 44 -21.43 24.27 -8.25
CA ALA A 44 -22.63 25.08 -8.21
C ALA A 44 -23.44 24.80 -6.94
N GLY B 1 19.24 5.63 1.02
CA GLY B 1 20.03 4.65 1.74
C GLY B 1 21.28 5.26 2.34
N PRO B 2 21.12 6.10 3.38
CA PRO B 2 22.25 6.81 4.01
C PRO B 2 23.30 5.86 4.57
N LEU B 3 22.92 5.06 5.55
CA LEU B 3 23.85 4.15 6.21
C LEU B 3 23.49 2.69 5.91
N GLY B 4 24.50 1.88 5.62
CA GLY B 4 24.28 0.48 5.38
C GLY B 4 25.07 -0.38 6.35
N SER B 5 26.39 -0.39 6.19
CA SER B 5 27.29 -1.14 7.06
C SER B 5 26.89 -2.61 7.14
N SER B 6 26.69 -3.20 5.96
CA SER B 6 26.25 -4.59 5.85
C SER B 6 26.26 -4.98 4.37
N VAL B 7 25.37 -5.86 3.97
CA VAL B 7 25.16 -6.13 2.57
C VAL B 7 24.55 -4.87 1.93
N SER B 8 25.05 -4.51 0.77
CA SER B 8 24.79 -3.19 0.21
C SER B 8 23.48 -3.14 -0.59
N GLU B 9 23.40 -3.91 -1.66
CA GLU B 9 22.25 -3.83 -2.55
C GLU B 9 21.02 -4.48 -1.93
N LEU B 10 21.24 -5.57 -1.23
CA LEU B 10 20.15 -6.32 -0.62
C LEU B 10 19.47 -5.50 0.47
N GLU B 11 20.26 -4.96 1.40
CA GLU B 11 19.68 -4.31 2.56
C GLU B 11 19.18 -2.90 2.26
N GLN B 12 19.76 -2.23 1.27
CA GLN B 12 19.27 -0.91 0.89
C GLN B 12 17.87 -1.03 0.30
N ARG B 13 17.62 -2.16 -0.38
CA ARG B 13 16.31 -2.45 -0.93
C ARG B 13 15.38 -2.93 0.19
N LEU B 14 15.95 -3.69 1.11
CA LEU B 14 15.20 -4.27 2.22
C LEU B 14 14.67 -3.19 3.16
N ARG B 15 15.56 -2.34 3.66
CA ARG B 15 15.16 -1.28 4.56
C ARG B 15 14.17 -0.35 3.88
N ASP B 16 14.39 -0.12 2.60
CA ASP B 16 13.54 0.75 1.81
C ASP B 16 12.15 0.15 1.64
N VAL B 17 12.10 -1.10 1.19
CA VAL B 17 10.81 -1.75 0.91
C VAL B 17 10.03 -2.00 2.19
N LYS B 18 10.71 -2.19 3.32
CA LYS B 18 10.03 -2.37 4.59
C LYS B 18 9.33 -1.10 5.02
N ASN B 19 10.04 0.02 4.92
CA ASN B 19 9.42 1.33 5.15
C ASN B 19 8.26 1.52 4.19
N THR B 20 8.51 1.20 2.92
CA THR B 20 7.50 1.25 1.87
C THR B 20 6.25 0.45 2.26
N ASN B 21 6.44 -0.82 2.58
CA ASN B 21 5.33 -1.71 2.90
C ASN B 21 4.52 -1.21 4.08
N SER B 22 5.21 -0.73 5.11
CA SER B 22 4.55 -0.19 6.27
C SER B 22 3.67 1.01 5.86
N ARG B 23 4.26 1.92 5.11
CA ARG B 23 3.52 3.10 4.65
C ARG B 23 2.40 2.73 3.69
N PHE B 24 2.63 1.71 2.86
CA PHE B 24 1.65 1.29 1.87
C PHE B 24 0.41 0.69 2.52
N ARG B 25 0.60 -0.11 3.57
CA ARG B 25 -0.54 -0.72 4.25
C ARG B 25 -1.30 0.32 5.08
N LYS B 26 -0.59 1.36 5.51
CA LYS B 26 -1.24 2.51 6.12
C LYS B 26 -1.98 3.29 5.03
N ALA B 27 -1.33 3.45 3.88
CA ALA B 27 -1.92 4.16 2.74
C ALA B 27 -3.20 3.49 2.29
N LEU B 28 -3.23 2.16 2.39
CA LEU B 28 -4.40 1.37 2.02
C LEU B 28 -5.63 1.88 2.79
N MET B 29 -5.50 1.98 4.11
CA MET B 29 -6.61 2.43 4.94
C MET B 29 -6.88 3.92 4.70
N GLU B 30 -5.85 4.64 4.31
CA GLU B 30 -5.99 6.06 3.99
C GLU B 30 -6.83 6.25 2.74
N LYS B 31 -6.59 5.39 1.75
CA LYS B 31 -7.38 5.39 0.53
C LYS B 31 -8.85 5.15 0.86
N GLU B 32 -9.10 4.26 1.82
CA GLU B 32 -10.45 4.01 2.31
C GLU B 32 -11.04 5.27 2.94
N ASN B 33 -10.17 6.10 3.51
CA ASN B 33 -10.61 7.34 4.15
C ASN B 33 -11.13 8.32 3.10
N GLU B 34 -10.30 8.63 2.09
CA GLU B 34 -10.72 9.52 1.01
C GLU B 34 -11.92 8.92 0.28
N LEU B 35 -11.94 7.60 0.17
CA LEU B 35 -13.05 6.88 -0.44
C LEU B 35 -14.38 7.30 0.17
N GLN B 36 -14.51 7.10 1.48
CA GLN B 36 -15.73 7.43 2.19
C GLN B 36 -15.93 8.94 2.28
N ALA B 37 -14.85 9.66 2.46
CA ALA B 37 -14.88 11.12 2.54
C ALA B 37 -15.58 11.73 1.34
N LEU B 38 -15.14 11.34 0.14
CA LEU B 38 -15.74 11.80 -1.10
C LEU B 38 -17.19 11.39 -1.21
N ILE B 39 -17.49 10.15 -0.84
CA ILE B 39 -18.86 9.65 -0.87
C ILE B 39 -19.76 10.39 0.12
N ARG B 40 -19.23 10.73 1.29
CA ARG B 40 -19.96 11.54 2.25
C ARG B 40 -20.03 12.99 1.76
N LYS B 41 -19.18 13.31 0.81
CA LYS B 41 -19.13 14.63 0.21
C LYS B 41 -20.05 14.69 -1.01
N LEU B 42 -20.18 13.55 -1.68
CA LEU B 42 -21.17 13.35 -2.74
C LEU B 42 -22.55 13.81 -2.29
N GLY B 43 -22.98 13.28 -1.15
CA GLY B 43 -24.29 13.58 -0.63
C GLY B 43 -24.35 14.89 0.13
N PRO B 44 -24.40 14.84 1.48
CA PRO B 44 -24.57 16.01 2.31
C PRO B 44 -23.32 16.88 2.45
N GLU B 45 -23.36 17.77 3.43
CA GLU B 45 -22.26 18.65 3.73
C GLU B 45 -21.27 17.95 4.65
#